data_7R76
#
_entry.id   7R76
#
_cell.length_a   1.00
_cell.length_b   1.00
_cell.length_c   1.00
_cell.angle_alpha   90.00
_cell.angle_beta   90.00
_cell.angle_gamma   90.00
#
_symmetry.space_group_name_H-M   'P 1'
#
loop_
_entity.id
_entity.type
_entity.pdbx_description
1 polymer 'DNA repair protein Rad8'
2 non-polymer 'ZINC ION'
#
_entity_poly.entity_id   1
_entity_poly.type   'polypeptide(L)'
_entity_poly.pdbx_seq_one_letter_code
;MSYYHHHHHHDYDIPTTENLYFQGAMGSGDDWYEIDYIADSRVIRRKGRQILQYLIHWAGYAVHERTWEDEDGIGGEDCA
LVQEFYRKNPGKPRLSPSSVRKEVKLARMVEVVITTRRIDGKSRAASSTDQPSPHRLGITSPQANNIGGEDPNPSLTRRP
VRSTVSEIAKRPTSKKVHPNKKCKASSDDESDFVFEEGEWDEDEDDDNDVDFRSSEDDEDDEQERSAEEPESDEEIIKPA
KKTKSSLPKAKLRPKPANLGGFVTGVRPLNQGLDIKAAVRNMSDDLPPISDIEAMFDHLVSRIPDIVELVRQLNGRKLRV
ATMCSGTESPLLALNMIAKAIKAQHGLTLAFEHVFSCEIEPFKQAYIERNFTPPILFRDVTELGKKRAHTAYGSMVDVPG
DVDILIAGTSCVDYSNLNNVQQDIDANGESGRTFRGMLQWVKKHQPPIVILENVCNAPWDKVVEYFGQIDYDAQYTRLDT
KEFYIPHTRTRVYLFATPSSSESDDLPEKWAQTVKDLRRPWSSPFEAFLLHTDDPNIHRARLELASARAQTDGTSRKTTD
WNRCESRHQRARQDEALGLLRPLTSWQEAGVCKGLDWTWNDWLLAQTERVVDLLEISTLRMAKDGIDSGFKACIWNVSQN
VDRQTGSSKTALAPCLTPNMIPWVTIRGGPVTGREALALQGIPVRELLLTSENEDQLADLAGNAMTTTVVGSAMIAALKV
ACHKITEGANPEKEAALILEKEAVDDEQVANRIIGEDYLEHHDLDLAKVTKSNLSEILDLACRSSRHCQCEGQSGTAPNI
LECQECSYRACKSCGGRPEHVYAPCANQRVEPAEFEKRFKGLLPMRVRIAGLTDQCLNAVRKAAEKSNKGSVNDNDWQLW
STALLEGIHDAEFRFRYLKRQSTWTAVYEARRAMLSLVLRNQIPEWRLTIKAPASEPNNSQLRALLLHPVARLQIDIAGQ
DVLCGPWELCIPSMKTIDIEITGKGELLPSWQASLGLQGPFANTTRWSEVEISLQAEDENTLDRKLSGTYQLLPRCGQAM
SSLHKKRPDLSDDGLPQLYFFLDPTRCGESREDRYVFSTSTERLDYGTERPVIARLDSHWREGNEKQRKVKLDVSGAWVK
CPEAHLTAIGGDDIAVVANDAAANEIHRDRATFAIPSSASAISASLTTEGCSHAMALLSCRVPLDPTHSESMWRRGAWAE
IDLSHQGNTTFANLAWITERLPPLDGLKNWAHIADDVSEHVCERCAPRPPKIHWIKREGKANKKGNKTKSTIIAFEDKLE
AGQYEHALKHRPSPFVVQLRLDQDIGSFRIGLNIVSLAHRALSRLPPTTSEHKISLSWRLTPGHVTESPQPRRVFILPSN
KQDPENSQPEAFKLPLRKEQLRSLWWMLEQEKATGKTHTFVEEEISESLLPAVGWRAEGKAERPVMVRGGVIADQVGYGK
TVISIALVAQTLSLPAPEPATPGLIDLKATLIVVPGHLSKQWPNEIARFTGSMFKVIVIQGMKDLQEKTIAELGKADIIV
MASEIFESDVYWSRLEYLSAQPREWLHDTQGGRFFCDRLDAAMESLVSQTKILKEKGSEAAMRAMEDKKKSLVDNVGSKK
EVHTAVNFGKRMKGQAYRDKHDSDSKAKPITKEELERWEASEDEDDDENSKTYIPIPKFHSFTGSESIFSASVKKDYKLL
PNPVLHMFRFRRVIADEFTYLQKKSLAAVLRLSSSYRWILSGTPPVSDFAAIRSIATFMGIHLGVEDDGEGDVQYQKARA
KDQTQAEKFHAFREVHSRAWHNRRDELAQEFLNVFVRQNIAEIEDIPTVEHIHTFKLPASEGAVYLELEHHLQALEMQAR
KETKFKNVSQGDRNARLEEALSDSKTAEEALLKRCCHFTLDLSDKTQDAKSAQEACDHITSARARQLLACQEDLSRSVNQ
AIALHGWIKKKGGFSKNDDERQPFAEWIAFSSNISKHQGDIEAARILLKVIEKCGVKDGNIPPSPSDKQSPSIASGAKMD
DVKWQLREQTHLLRKLVKELVARVRSLRFFEVVRKIQKGKSDAQIVLESSECGHKPSTNPDIEMAILSCCGHVACHKCMR
KAAASQRCVKSGECQAAVRPTNIVKVSSLGVEGELSSGRYGAKLEHLVNLIHSIPKNERVLVFLQWEDLAGKVSEALSAG
RIPHVTLSGSAKSRANTLDRFQSTNADSARVLLLKMNDASAAGSNLTTANHAVFLGPLFTNSLFNYRAVETQAIGRVRRY
GQQKKVHIHRLLALDTIDMTIFNARRTELKEKTDWEEIPQEEYKGRGSSISMTNEKRTPTLTVKSNPFKRSSSWALASSF
RSKKRSMEARDAEGVSDDDENSELSDII
;
_entity_poly.pdbx_strand_id   A
#
loop_
_chem_comp.id
_chem_comp.type
_chem_comp.name
_chem_comp.formula
ZN non-polymer 'ZINC ION' 'Zn 2'
#
# COMPACT_ATOMS: atom_id res chain seq x y z
N LEU A 273 45.26 -10.46 3.89
CA LEU A 273 44.48 -11.47 4.59
C LEU A 273 43.84 -12.42 3.57
N ASP A 274 43.47 -13.61 4.01
CA ASP A 274 42.78 -14.54 3.14
C ASP A 274 41.40 -14.00 2.78
N ILE A 275 40.89 -14.45 1.64
CA ILE A 275 39.63 -13.90 1.13
C ILE A 275 38.44 -14.29 2.02
N LYS A 276 38.38 -15.53 2.51
CA LYS A 276 37.27 -15.91 3.36
C LYS A 276 37.29 -15.16 4.69
N ALA A 277 38.47 -15.08 5.31
CA ALA A 277 38.59 -14.33 6.56
C ALA A 277 38.23 -12.87 6.35
N ALA A 278 38.66 -12.29 5.23
CA ALA A 278 38.36 -10.89 4.95
C ALA A 278 36.87 -10.67 4.75
N VAL A 279 36.20 -11.56 4.02
CA VAL A 279 34.80 -11.31 3.68
C VAL A 279 33.82 -11.77 4.75
N ARG A 280 34.28 -12.47 5.79
CA ARG A 280 33.37 -12.77 6.88
C ARG A 280 32.87 -11.49 7.56
N ASN A 281 33.76 -10.54 7.81
CA ASN A 281 33.41 -9.23 8.36
C ASN A 281 34.36 -8.21 7.75
N MET A 282 33.84 -7.01 7.47
CA MET A 282 34.45 -6.14 6.47
C MET A 282 35.84 -5.66 6.87
N SER A 283 36.72 -5.65 5.89
CA SER A 283 38.08 -5.16 6.11
C SER A 283 38.03 -3.68 6.45
N ASP A 284 38.81 -3.30 7.44
CA ASP A 284 38.92 -1.92 7.87
C ASP A 284 40.01 -1.17 7.15
N ASP A 285 40.75 -1.82 6.25
CA ASP A 285 41.78 -1.15 5.48
C ASP A 285 41.36 -0.84 4.06
N LEU A 286 40.45 -1.61 3.50
CA LEU A 286 39.85 -1.24 2.22
C LEU A 286 39.08 0.06 2.37
N PRO A 287 39.30 1.04 1.51
CA PRO A 287 38.58 2.30 1.62
C PRO A 287 37.09 2.08 1.51
N PRO A 288 36.28 2.91 2.16
CA PRO A 288 34.84 2.80 1.99
C PRO A 288 34.47 3.13 0.56
N ILE A 289 33.74 2.23 -0.09
CA ILE A 289 33.45 2.39 -1.50
C ILE A 289 32.01 1.97 -1.75
N SER A 290 31.19 2.92 -2.18
CA SER A 290 29.79 2.69 -2.47
C SER A 290 29.37 3.20 -3.83
N ASP A 291 30.28 3.83 -4.56
CA ASP A 291 29.95 4.42 -5.85
C ASP A 291 30.34 3.43 -6.94
N ILE A 292 29.37 3.05 -7.78
CA ILE A 292 29.60 1.97 -8.74
C ILE A 292 30.65 2.38 -9.76
N GLU A 293 30.70 3.66 -10.11
CA GLU A 293 31.75 4.14 -10.99
C GLU A 293 33.12 3.96 -10.36
N ALA A 294 33.26 4.25 -9.07
CA ALA A 294 34.54 4.03 -8.41
C ALA A 294 34.87 2.55 -8.31
N MET A 295 33.84 1.70 -8.12
CA MET A 295 34.06 0.26 -8.17
C MET A 295 34.73 -0.14 -9.47
N PHE A 296 34.15 0.27 -10.59
CA PHE A 296 34.68 -0.20 -11.86
C PHE A 296 35.97 0.52 -12.24
N ASP A 297 36.14 1.75 -11.77
CA ASP A 297 37.41 2.43 -11.97
C ASP A 297 38.54 1.68 -11.28
N HIS A 298 38.31 1.22 -10.05
CA HIS A 298 39.32 0.44 -9.37
C HIS A 298 39.52 -0.90 -10.05
N LEU A 299 38.45 -1.51 -10.54
CA LEU A 299 38.57 -2.80 -11.20
C LEU A 299 39.42 -2.71 -12.46
N VAL A 300 39.24 -1.65 -13.25
CA VAL A 300 40.08 -1.45 -14.42
C VAL A 300 41.50 -1.09 -14.01
N SER A 301 41.66 -0.33 -12.93
CA SER A 301 43.00 -0.05 -12.41
C SER A 301 43.72 -1.31 -11.97
N ARG A 302 42.98 -2.37 -11.65
CA ARG A 302 43.60 -3.63 -11.29
C ARG A 302 44.44 -4.19 -12.44
N ILE A 303 43.80 -4.53 -13.55
CA ILE A 303 44.48 -5.18 -14.67
C ILE A 303 44.77 -4.12 -15.74
N PRO A 304 46.03 -3.87 -16.08
CA PRO A 304 46.35 -2.95 -17.17
C PRO A 304 46.60 -3.63 -18.52
N ASP A 305 46.32 -4.92 -18.64
CA ASP A 305 46.47 -5.66 -19.88
C ASP A 305 45.24 -5.58 -20.76
N ILE A 306 44.21 -4.84 -20.34
CA ILE A 306 42.96 -4.84 -21.08
C ILE A 306 43.03 -4.03 -22.37
N VAL A 307 44.08 -3.22 -22.55
CA VAL A 307 44.23 -2.46 -23.80
C VAL A 307 44.47 -3.39 -24.98
N GLU A 308 44.87 -4.63 -24.70
CA GLU A 308 45.03 -5.62 -25.76
C GLU A 308 43.72 -5.83 -26.50
N LEU A 309 42.59 -5.67 -25.82
CA LEU A 309 41.31 -5.76 -26.52
C LEU A 309 41.11 -4.56 -27.45
N VAL A 310 41.52 -3.37 -27.02
CA VAL A 310 41.46 -2.21 -27.90
C VAL A 310 42.26 -2.47 -29.15
N ARG A 311 43.46 -3.02 -28.98
CA ARG A 311 44.32 -3.29 -30.13
C ARG A 311 43.72 -4.37 -31.03
N GLN A 312 43.31 -5.49 -30.45
CA GLN A 312 42.80 -6.59 -31.24
C GLN A 312 41.45 -6.26 -31.85
N LEU A 313 40.82 -5.17 -31.44
CA LEU A 313 39.69 -4.65 -32.20
C LEU A 313 40.17 -3.75 -33.34
N ASN A 314 41.12 -2.87 -33.05
CA ASN A 314 41.63 -1.90 -34.01
C ASN A 314 40.50 -1.09 -34.64
N GLY A 315 39.84 -0.31 -33.79
CA GLY A 315 38.83 0.63 -34.24
C GLY A 315 37.47 0.04 -34.51
N ARG A 316 37.27 -1.25 -34.26
CA ARG A 316 35.97 -1.85 -34.50
C ARG A 316 35.00 -1.49 -33.38
N LYS A 317 33.84 -2.13 -33.40
CA LYS A 317 32.80 -1.92 -32.39
C LYS A 317 32.39 -3.28 -31.85
N LEU A 318 32.63 -3.49 -30.55
CA LEU A 318 32.36 -4.76 -29.89
C LEU A 318 30.87 -5.10 -29.97
N ARG A 319 30.56 -6.38 -29.94
CA ARG A 319 29.20 -6.86 -30.22
C ARG A 319 28.70 -7.74 -29.08
N VAL A 320 27.79 -7.20 -28.28
CA VAL A 320 27.29 -7.84 -27.09
C VAL A 320 25.91 -8.39 -27.37
N ALA A 321 25.56 -9.46 -26.67
CA ALA A 321 24.19 -9.98 -26.77
C ALA A 321 23.83 -10.67 -25.46
N THR A 322 22.91 -10.07 -24.71
CA THR A 322 22.45 -10.68 -23.48
C THR A 322 21.21 -11.50 -23.77
N MET A 323 20.97 -12.48 -22.91
CA MET A 323 19.74 -13.27 -22.98
C MET A 323 19.21 -13.47 -21.57
N CYS A 324 17.98 -13.02 -21.33
CA CYS A 324 17.30 -13.20 -20.05
C CYS A 324 18.14 -12.68 -18.89
N SER A 325 18.97 -11.67 -19.15
CA SER A 325 19.82 -11.10 -18.11
C SER A 325 19.02 -10.37 -17.04
N GLY A 326 17.75 -10.08 -17.32
CA GLY A 326 16.89 -9.43 -16.36
C GLY A 326 16.95 -7.91 -16.43
N THR A 327 18.04 -7.33 -15.92
CA THR A 327 18.17 -5.89 -15.80
C THR A 327 19.37 -5.33 -16.56
N GLU A 328 19.97 -6.11 -17.45
CA GLU A 328 21.11 -5.68 -18.27
C GLU A 328 22.25 -5.14 -17.42
N SER A 329 22.46 -5.79 -16.28
CA SER A 329 23.71 -5.61 -15.55
C SER A 329 24.93 -5.80 -16.45
N PRO A 330 24.96 -6.76 -17.40
CA PRO A 330 26.02 -6.75 -18.42
C PRO A 330 26.34 -5.40 -19.01
N LEU A 331 25.33 -4.77 -19.61
CA LEU A 331 25.55 -3.51 -20.33
C LEU A 331 25.87 -2.37 -19.39
N LEU A 332 25.26 -2.35 -18.20
CA LEU A 332 25.65 -1.36 -17.20
C LEU A 332 27.13 -1.47 -16.91
N ALA A 333 27.59 -2.69 -16.58
CA ALA A 333 28.99 -2.87 -16.26
C ALA A 333 29.88 -2.51 -17.43
N LEU A 334 29.44 -2.81 -18.64
CA LEU A 334 30.31 -2.63 -19.79
C LEU A 334 30.44 -1.16 -20.17
N ASN A 335 29.35 -0.39 -20.06
CA ASN A 335 29.45 1.06 -20.15
C ASN A 335 30.45 1.59 -19.13
N MET A 336 30.37 1.12 -17.90
CA MET A 336 31.27 1.65 -16.90
C MET A 336 32.72 1.23 -17.17
N ILE A 337 32.92 0.04 -17.74
CA ILE A 337 34.26 -0.36 -18.18
C ILE A 337 34.80 0.58 -19.26
N ALA A 338 33.97 0.89 -20.27
CA ALA A 338 34.45 1.76 -21.33
C ALA A 338 34.81 3.14 -20.80
N LYS A 339 33.96 3.69 -19.93
CA LYS A 339 34.24 4.99 -19.35
C LYS A 339 35.52 4.95 -18.52
N ALA A 340 35.72 3.88 -17.75
CA ALA A 340 36.92 3.75 -16.95
C ALA A 340 38.17 3.67 -17.83
N ILE A 341 38.11 2.87 -18.89
CA ILE A 341 39.28 2.69 -19.76
C ILE A 341 39.66 4.01 -20.38
N LYS A 342 38.68 4.78 -20.84
CA LYS A 342 38.99 6.11 -21.33
C LYS A 342 39.59 6.98 -20.25
N ALA A 343 39.05 6.92 -19.03
CA ALA A 343 39.54 7.78 -17.96
C ALA A 343 41.01 7.50 -17.64
N GLN A 344 41.40 6.23 -17.57
CA GLN A 344 42.83 6.01 -17.34
C GLN A 344 43.67 6.21 -18.60
N HIS A 345 43.46 5.40 -19.62
CA HIS A 345 44.45 5.31 -20.69
C HIS A 345 44.18 6.23 -21.88
N GLY A 346 43.08 6.97 -21.90
CA GLY A 346 42.78 7.79 -23.05
C GLY A 346 42.58 6.96 -24.30
N LEU A 347 41.86 5.85 -24.17
CA LEU A 347 41.53 4.99 -25.30
C LEU A 347 40.04 4.70 -25.26
N THR A 348 39.38 4.88 -26.40
CA THR A 348 37.95 4.69 -26.49
C THR A 348 37.65 3.36 -27.17
N LEU A 349 36.82 2.54 -26.54
CA LEU A 349 36.31 1.34 -27.16
C LEU A 349 34.80 1.39 -27.09
N ALA A 350 34.16 1.13 -28.22
CA ALA A 350 32.72 1.19 -28.30
C ALA A 350 32.16 -0.21 -28.43
N PHE A 351 30.87 -0.33 -28.14
CA PHE A 351 30.20 -1.61 -28.25
C PHE A 351 28.73 -1.39 -28.56
N GLU A 352 28.18 -2.31 -29.32
CA GLU A 352 26.85 -2.18 -29.91
C GLU A 352 25.99 -3.32 -29.42
N HIS A 353 25.00 -3.01 -28.60
CA HIS A 353 24.14 -4.05 -28.06
C HIS A 353 23.33 -4.62 -29.21
N VAL A 354 23.78 -5.76 -29.74
CA VAL A 354 23.20 -6.28 -30.97
C VAL A 354 21.76 -6.71 -30.75
N PHE A 355 21.48 -7.45 -29.68
CA PHE A 355 20.11 -7.84 -29.37
C PHE A 355 20.03 -8.42 -27.97
N SER A 356 18.88 -8.24 -27.33
CA SER A 356 18.57 -8.83 -26.04
C SER A 356 17.26 -9.57 -26.13
N CYS A 357 17.09 -10.56 -25.27
CA CYS A 357 15.88 -11.34 -25.24
C CYS A 357 15.34 -11.39 -23.81
N GLU A 358 14.04 -11.24 -23.68
CA GLU A 358 13.37 -11.28 -22.39
C GLU A 358 11.89 -11.55 -22.64
N ILE A 359 11.27 -12.32 -21.75
CA ILE A 359 9.92 -12.82 -21.97
C ILE A 359 8.87 -11.99 -21.25
N GLU A 360 9.13 -11.61 -19.99
CA GLU A 360 8.12 -10.97 -19.18
C GLU A 360 7.86 -9.54 -19.64
N PRO A 361 6.60 -9.13 -19.76
CA PRO A 361 6.31 -7.80 -20.31
C PRO A 361 6.87 -6.65 -19.50
N PHE A 362 6.72 -6.67 -18.18
CA PHE A 362 7.23 -5.56 -17.40
C PHE A 362 8.74 -5.52 -17.42
N LYS A 363 9.39 -6.69 -17.50
CA LYS A 363 10.84 -6.72 -17.61
C LYS A 363 11.31 -6.10 -18.92
N GLN A 364 10.66 -6.45 -20.03
CA GLN A 364 11.11 -5.87 -21.28
C GLN A 364 10.76 -4.40 -21.39
N ALA A 365 9.67 -3.96 -20.77
CA ALA A 365 9.40 -2.53 -20.71
C ALA A 365 10.46 -1.80 -19.91
N TYR A 366 10.90 -2.39 -18.79
CA TYR A 366 11.98 -1.80 -18.01
C TYR A 366 13.23 -1.66 -18.86
N ILE A 367 13.56 -2.69 -19.63
CA ILE A 367 14.77 -2.66 -20.45
C ILE A 367 14.64 -1.62 -21.54
N GLU A 368 13.49 -1.57 -22.22
CA GLU A 368 13.30 -0.62 -23.30
C GLU A 368 13.34 0.81 -22.80
N ARG A 369 12.79 1.06 -21.61
CA ARG A 369 12.84 2.42 -21.06
C ARG A 369 14.26 2.81 -20.69
N ASN A 370 14.99 1.92 -20.01
CA ASN A 370 16.23 2.34 -19.39
C ASN A 370 17.46 2.19 -20.27
N PHE A 371 17.41 1.36 -21.30
CA PHE A 371 18.60 1.15 -22.12
C PHE A 371 18.38 1.48 -23.58
N THR A 372 17.23 1.13 -24.13
CA THR A 372 16.92 1.16 -25.55
C THR A 372 17.90 0.28 -26.32
N PRO A 373 17.79 -1.04 -26.20
CA PRO A 373 18.45 -1.91 -27.16
C PRO A 373 17.84 -1.75 -28.53
N PRO A 374 18.66 -1.77 -29.59
CA PRO A 374 18.09 -1.68 -30.94
C PRO A 374 17.34 -2.93 -31.35
N ILE A 375 17.60 -4.07 -30.73
CA ILE A 375 16.81 -5.27 -30.96
C ILE A 375 16.48 -5.89 -29.60
N LEU A 376 15.23 -6.31 -29.43
CA LEU A 376 14.78 -6.85 -28.14
C LEU A 376 13.71 -7.88 -28.43
N PHE A 377 14.02 -9.16 -28.19
CA PHE A 377 13.18 -10.25 -28.66
C PHE A 377 12.29 -10.80 -27.54
N ARG A 378 11.37 -11.67 -27.94
CA ARG A 378 10.42 -12.26 -27.02
C ARG A 378 10.99 -13.49 -26.32
N ASP A 379 11.27 -14.55 -27.07
CA ASP A 379 11.64 -15.84 -26.49
C ASP A 379 12.85 -16.43 -27.20
N VAL A 380 13.64 -17.19 -26.45
CA VAL A 380 14.91 -17.70 -26.97
C VAL A 380 14.70 -18.93 -27.86
N THR A 381 13.60 -19.67 -27.67
CA THR A 381 13.38 -20.85 -28.49
C THR A 381 13.18 -20.48 -29.95
N GLU A 382 12.53 -19.34 -30.21
CA GLU A 382 12.29 -18.93 -31.58
C GLU A 382 13.60 -18.59 -32.30
N LEU A 383 14.56 -18.01 -31.59
CA LEU A 383 15.75 -17.48 -32.25
C LEU A 383 16.82 -18.53 -32.54
N GLY A 384 16.38 -19.66 -33.10
CA GLY A 384 17.25 -20.57 -33.80
C GLY A 384 16.98 -20.58 -35.28
N LYS A 385 16.18 -19.64 -35.77
CA LYS A 385 15.68 -19.60 -37.13
C LYS A 385 16.21 -18.36 -37.82
N LYS A 386 15.66 -18.09 -39.02
CA LYS A 386 16.14 -16.95 -39.78
C LYS A 386 15.42 -15.66 -39.42
N ARG A 387 14.40 -15.73 -38.57
CA ARG A 387 13.69 -14.53 -38.13
C ARG A 387 12.91 -14.85 -36.85
N ALA A 388 12.63 -13.81 -36.07
CA ALA A 388 11.91 -13.97 -34.82
C ALA A 388 11.11 -12.72 -34.52
N HIS A 389 10.21 -12.83 -33.55
CA HIS A 389 9.44 -11.68 -33.10
C HIS A 389 10.23 -10.88 -32.08
N THR A 390 10.34 -9.59 -32.29
CA THR A 390 10.81 -8.69 -31.26
C THR A 390 9.69 -8.46 -30.25
N ALA A 391 9.97 -7.69 -29.21
CA ALA A 391 8.97 -7.42 -28.18
C ALA A 391 7.76 -6.73 -28.78
N TYR A 392 7.98 -5.88 -29.78
CA TYR A 392 6.89 -5.10 -30.35
C TYR A 392 6.02 -5.98 -31.23
N GLY A 393 6.62 -6.88 -31.97
CA GLY A 393 5.93 -7.69 -32.96
C GLY A 393 6.47 -7.46 -34.34
N SER A 394 7.74 -7.04 -34.44
CA SER A 394 8.31 -6.66 -35.73
C SER A 394 8.66 -7.87 -36.59
N MET A 395 9.08 -8.98 -35.96
CA MET A 395 9.58 -10.17 -36.65
C MET A 395 10.74 -9.79 -37.57
N VAL A 396 11.84 -9.42 -36.93
CA VAL A 396 13.06 -9.12 -37.65
C VAL A 396 13.94 -10.35 -37.68
N ASP A 397 14.85 -10.40 -38.66
CA ASP A 397 15.77 -11.51 -38.75
C ASP A 397 16.73 -11.52 -37.57
N VAL A 398 17.14 -12.71 -37.17
CA VAL A 398 18.12 -12.86 -36.09
C VAL A 398 19.41 -12.17 -36.53
N PRO A 399 20.15 -11.57 -35.63
CA PRO A 399 21.27 -10.69 -36.05
C PRO A 399 22.36 -11.41 -36.83
N GLY A 400 22.94 -12.46 -36.26
CA GLY A 400 23.86 -13.32 -36.97
C GLY A 400 25.31 -13.22 -36.54
N ASP A 401 25.73 -12.11 -35.94
CA ASP A 401 27.09 -12.04 -35.43
C ASP A 401 27.07 -11.34 -34.09
N VAL A 402 27.73 -11.95 -33.11
CA VAL A 402 27.99 -11.32 -31.82
C VAL A 402 29.45 -11.60 -31.49
N ASP A 403 29.93 -10.93 -30.45
CA ASP A 403 31.27 -11.19 -29.97
C ASP A 403 31.25 -11.73 -28.55
N ILE A 404 30.33 -11.28 -27.71
CA ILE A 404 30.17 -11.82 -26.37
C ILE A 404 28.69 -12.02 -26.12
N LEU A 405 28.35 -13.12 -25.45
CA LEU A 405 26.96 -13.45 -25.20
C LEU A 405 26.80 -13.83 -23.75
N ILE A 406 25.67 -13.45 -23.17
CA ILE A 406 25.39 -13.68 -21.75
C ILE A 406 23.96 -14.18 -21.61
N ALA A 407 23.81 -15.40 -21.14
CA ALA A 407 22.50 -15.89 -20.77
C ALA A 407 22.26 -15.57 -19.30
N GLY A 408 21.13 -16.03 -18.79
CA GLY A 408 20.78 -15.61 -17.45
C GLY A 408 20.13 -16.65 -16.59
N THR A 409 19.50 -16.19 -15.52
CA THR A 409 18.90 -17.08 -14.53
C THR A 409 17.64 -17.76 -15.06
N SER A 410 16.95 -17.14 -16.01
CA SER A 410 15.62 -17.59 -16.41
C SER A 410 15.61 -18.59 -17.56
N CYS A 411 16.70 -18.71 -18.31
CA CYS A 411 16.70 -19.61 -19.47
C CYS A 411 17.32 -20.96 -19.18
N VAL A 412 18.25 -21.05 -18.24
CA VAL A 412 18.90 -22.30 -17.88
C VAL A 412 17.98 -23.00 -16.89
N ASP A 413 17.15 -23.89 -17.40
CA ASP A 413 16.16 -24.60 -16.59
C ASP A 413 15.96 -26.03 -17.06
N GLY A 428 12.48 -33.44 -22.32
CA GLY A 428 12.31 -32.63 -23.50
C GLY A 428 11.48 -31.39 -23.26
N GLU A 429 11.13 -31.17 -21.99
CA GLU A 429 10.35 -30.00 -21.58
C GLU A 429 11.10 -29.09 -20.63
N SER A 430 11.99 -29.64 -19.80
CA SER A 430 12.69 -28.83 -18.80
C SER A 430 13.61 -27.81 -19.47
N GLY A 431 14.36 -28.23 -20.48
CA GLY A 431 15.28 -27.34 -21.14
C GLY A 431 14.76 -26.76 -22.44
N ARG A 432 13.44 -26.45 -22.46
CA ARG A 432 12.82 -25.89 -23.65
C ARG A 432 13.54 -24.63 -24.12
N THR A 433 14.01 -23.83 -23.16
CA THR A 433 14.76 -22.62 -23.46
C THR A 433 16.24 -22.88 -23.63
N PHE A 434 16.79 -23.79 -22.81
CA PHE A 434 18.22 -24.02 -22.82
C PHE A 434 18.66 -24.60 -24.16
N ARG A 435 17.99 -25.65 -24.63
CA ARG A 435 18.33 -26.21 -25.93
C ARG A 435 18.04 -25.23 -27.06
N GLY A 436 16.99 -24.42 -26.92
CA GLY A 436 16.69 -23.42 -27.93
C GLY A 436 17.78 -22.38 -28.07
N MET A 437 18.38 -21.99 -26.95
CA MET A 437 19.56 -21.14 -26.97
C MET A 437 20.79 -21.88 -27.49
N LEU A 438 20.90 -23.18 -27.21
CA LEU A 438 22.02 -23.95 -27.75
C LEU A 438 21.96 -24.04 -29.27
N GLN A 439 20.77 -24.09 -29.87
CA GLN A 439 20.73 -24.02 -31.33
C GLN A 439 21.33 -22.72 -31.84
N TRP A 440 21.08 -21.61 -31.15
CA TRP A 440 21.70 -20.35 -31.57
C TRP A 440 23.20 -20.41 -31.43
N VAL A 441 23.68 -20.91 -30.29
CA VAL A 441 25.12 -20.94 -30.06
C VAL A 441 25.85 -21.84 -31.04
N LYS A 442 25.29 -23.01 -31.34
CA LYS A 442 25.92 -23.92 -32.29
C LYS A 442 26.03 -23.29 -33.66
N LYS A 443 24.99 -22.59 -34.12
CA LYS A 443 25.03 -22.00 -35.44
C LYS A 443 25.99 -20.82 -35.50
N HIS A 444 25.95 -19.93 -34.53
CA HIS A 444 26.66 -18.67 -34.69
C HIS A 444 28.06 -18.66 -34.08
N GLN A 445 28.43 -19.66 -33.29
CA GLN A 445 29.78 -19.81 -32.76
C GLN A 445 30.37 -18.55 -32.11
N PRO A 446 29.73 -18.01 -31.08
CA PRO A 446 30.29 -16.83 -30.43
C PRO A 446 31.55 -17.19 -29.68
N PRO A 447 32.59 -16.36 -29.76
CA PRO A 447 33.85 -16.70 -29.08
C PRO A 447 33.74 -16.81 -27.57
N ILE A 448 32.89 -16.03 -26.92
CA ILE A 448 32.79 -16.04 -25.46
C ILE A 448 31.33 -16.20 -25.07
N VAL A 449 31.08 -17.08 -24.10
CA VAL A 449 29.73 -17.32 -23.59
C VAL A 449 29.81 -17.39 -22.07
N ILE A 450 28.87 -16.73 -21.39
CA ILE A 450 28.82 -16.71 -19.94
C ILE A 450 27.42 -17.09 -19.50
N LEU A 451 27.34 -17.87 -18.42
CA LEU A 451 26.08 -18.27 -17.82
C LEU A 451 26.02 -17.75 -16.39
N GLU A 452 24.82 -17.79 -15.81
CA GLU A 452 24.62 -17.27 -14.46
C GLU A 452 23.42 -17.97 -13.85
N ASN A 453 23.59 -18.59 -12.70
CA ASN A 453 22.51 -19.29 -12.01
C ASN A 453 22.91 -19.66 -10.60
N VAL A 454 22.03 -20.41 -9.95
CA VAL A 454 22.10 -20.78 -8.54
C VAL A 454 23.15 -21.86 -8.40
N CYS A 455 23.62 -22.09 -7.16
CA CYS A 455 24.58 -23.15 -6.92
C CYS A 455 24.01 -24.51 -7.24
N ASN A 456 22.72 -24.71 -6.99
CA ASN A 456 22.09 -26.02 -7.13
C ASN A 456 21.43 -26.11 -8.51
N ALA A 457 22.26 -26.43 -9.50
CA ALA A 457 21.81 -26.60 -10.87
C ALA A 457 22.60 -27.73 -11.50
N PRO A 458 22.06 -28.37 -12.55
CA PRO A 458 22.80 -29.48 -13.18
C PRO A 458 24.02 -29.03 -13.96
N TRP A 459 25.06 -28.60 -13.27
CA TRP A 459 26.21 -28.01 -13.95
C TRP A 459 26.96 -29.04 -14.77
N ASP A 460 27.09 -30.26 -14.25
CA ASP A 460 27.76 -31.31 -15.01
C ASP A 460 27.01 -31.60 -16.30
N LYS A 461 25.69 -31.65 -16.23
CA LYS A 461 24.90 -31.83 -17.45
C LYS A 461 25.03 -30.63 -18.38
N VAL A 462 25.22 -29.43 -17.84
CA VAL A 462 25.48 -28.27 -18.68
C VAL A 462 26.77 -28.47 -19.47
N VAL A 463 27.83 -28.90 -18.78
CA VAL A 463 29.10 -29.10 -19.47
C VAL A 463 29.03 -30.27 -20.43
N GLU A 464 28.18 -31.26 -20.15
CA GLU A 464 27.93 -32.34 -21.10
C GLU A 464 27.28 -31.82 -22.38
N TYR A 465 26.21 -31.04 -22.23
CA TYR A 465 25.56 -30.42 -23.37
C TYR A 465 26.50 -29.50 -24.14
N PHE A 466 27.46 -28.89 -23.45
CA PHE A 466 28.43 -28.06 -24.14
C PHE A 466 29.44 -28.90 -24.91
N GLY A 467 29.93 -29.98 -24.31
CA GLY A 467 30.84 -30.86 -25.00
C GLY A 467 30.19 -31.56 -26.18
N GLN A 468 28.85 -31.68 -26.16
CA GLN A 468 28.15 -32.20 -27.32
C GLN A 468 28.42 -31.36 -28.56
N ILE A 469 28.67 -30.06 -28.37
CA ILE A 469 28.87 -29.17 -29.50
C ILE A 469 30.20 -28.43 -29.39
N ASP A 470 31.18 -29.06 -28.77
CA ASP A 470 32.59 -28.69 -28.88
C ASP A 470 32.88 -27.33 -28.24
N TYR A 471 32.45 -27.17 -27.00
CA TYR A 471 32.66 -25.95 -26.24
C TYR A 471 33.35 -26.30 -24.93
N ASP A 472 34.51 -25.73 -24.70
CA ASP A 472 35.23 -25.93 -23.45
C ASP A 472 34.51 -25.17 -22.34
N ALA A 473 34.12 -25.88 -21.28
CA ALA A 473 33.32 -25.27 -20.23
C ALA A 473 33.88 -25.64 -18.86
N GLN A 474 33.91 -24.64 -17.97
CA GLN A 474 34.29 -24.84 -16.59
C GLN A 474 33.45 -23.92 -15.73
N TYR A 475 32.79 -24.47 -14.71
CA TYR A 475 31.93 -23.68 -13.85
C TYR A 475 32.59 -23.46 -12.51
N THR A 476 32.41 -22.25 -11.98
CA THR A 476 32.94 -21.90 -10.66
C THR A 476 31.89 -21.09 -9.92
N ARG A 477 31.91 -21.18 -8.59
CA ARG A 477 30.98 -20.43 -7.76
C ARG A 477 31.68 -19.23 -7.15
N LEU A 478 31.03 -18.07 -7.21
CA LEU A 478 31.60 -16.84 -6.72
C LEU A 478 30.57 -16.06 -5.90
N ASP A 479 31.08 -15.26 -4.99
CA ASP A 479 30.29 -14.67 -3.92
C ASP A 479 30.21 -13.17 -4.11
N THR A 480 28.98 -12.64 -4.10
CA THR A 480 28.77 -11.22 -4.31
C THR A 480 29.51 -10.39 -3.28
N LYS A 481 29.57 -10.85 -2.04
CA LYS A 481 30.29 -10.11 -1.02
C LYS A 481 31.79 -10.06 -1.27
N GLU A 482 32.31 -10.91 -2.15
CA GLU A 482 33.72 -10.88 -2.45
C GLU A 482 34.09 -9.83 -3.48
N PHE A 483 33.11 -9.23 -4.16
CA PHE A 483 33.37 -8.16 -5.11
C PHE A 483 32.59 -6.92 -4.64
N TYR A 484 33.18 -6.19 -3.69
CA TYR A 484 32.88 -4.80 -3.36
C TYR A 484 31.55 -4.49 -2.67
N ILE A 485 30.62 -5.44 -2.59
CA ILE A 485 29.24 -5.16 -2.20
C ILE A 485 28.92 -5.99 -0.97
N PRO A 486 28.34 -5.42 0.09
CA PRO A 486 28.06 -6.20 1.30
C PRO A 486 26.86 -7.13 1.19
N HIS A 487 26.33 -7.39 0.01
CA HIS A 487 25.31 -8.42 -0.13
C HIS A 487 25.97 -9.79 -0.10
N THR A 488 25.22 -10.80 0.31
CA THR A 488 25.74 -12.17 0.43
C THR A 488 25.00 -13.09 -0.54
N ARG A 489 25.61 -13.36 -1.69
CA ARG A 489 25.03 -14.25 -2.68
C ARG A 489 26.12 -15.03 -3.37
N THR A 490 25.87 -16.33 -3.56
CA THR A 490 26.83 -17.21 -4.19
C THR A 490 26.19 -17.80 -5.43
N ARG A 491 26.80 -17.59 -6.59
CA ARG A 491 26.23 -18.03 -7.86
C ARG A 491 27.32 -18.65 -8.73
N VAL A 492 26.92 -19.50 -9.69
CA VAL A 492 27.83 -20.36 -10.43
C VAL A 492 27.85 -19.96 -11.90
N TYR A 493 29.05 -19.82 -12.45
CA TYR A 493 29.34 -19.16 -13.72
C TYR A 493 30.08 -20.18 -14.58
N LEU A 494 30.04 -20.03 -15.90
CA LEU A 494 30.90 -20.88 -16.71
C LEU A 494 31.21 -20.24 -18.06
N PHE A 495 32.48 -19.92 -18.27
CA PHE A 495 32.96 -19.43 -19.55
C PHE A 495 32.92 -20.55 -20.58
N ALA A 496 32.68 -20.20 -21.82
CA ALA A 496 32.70 -21.17 -22.90
C ALA A 496 33.43 -20.59 -24.10
N THR A 497 33.90 -21.49 -24.96
CA THR A 497 34.65 -21.13 -26.14
C THR A 497 34.69 -22.38 -27.03
N PRO A 498 34.75 -22.23 -28.35
CA PRO A 498 34.78 -23.43 -29.20
C PRO A 498 36.04 -24.25 -28.97
N SER A 499 35.90 -25.56 -29.12
CA SER A 499 36.99 -26.48 -28.83
C SER A 499 38.06 -26.34 -29.89
N SER A 500 39.24 -26.90 -29.61
CA SER A 500 40.39 -26.88 -30.53
C SER A 500 40.73 -25.46 -30.96
N SER A 501 40.99 -24.61 -29.98
CA SER A 501 41.53 -23.27 -30.22
C SER A 501 43.03 -23.36 -29.99
N GLU A 502 43.43 -24.31 -29.14
CA GLU A 502 44.82 -24.62 -28.82
C GLU A 502 44.84 -25.90 -28.00
N SER A 503 46.03 -26.37 -27.65
CA SER A 503 46.11 -27.43 -26.66
C SER A 503 45.71 -26.91 -25.28
N ASP A 504 45.76 -25.60 -25.08
CA ASP A 504 45.32 -25.01 -23.82
C ASP A 504 43.81 -25.18 -23.65
N ASP A 505 43.36 -25.19 -22.40
CA ASP A 505 41.95 -25.12 -22.07
C ASP A 505 41.68 -23.72 -21.54
N LEU A 506 40.96 -22.92 -22.32
CA LEU A 506 40.73 -21.53 -21.97
C LEU A 506 39.94 -21.34 -20.68
N PRO A 507 38.85 -22.07 -20.41
CA PRO A 507 38.10 -21.80 -19.17
C PRO A 507 38.90 -21.96 -17.89
N GLU A 508 39.87 -22.86 -17.83
CA GLU A 508 40.65 -22.98 -16.60
C GLU A 508 41.43 -21.70 -16.30
N LYS A 509 42.13 -21.17 -17.32
CA LYS A 509 42.83 -19.91 -17.15
C LYS A 509 41.85 -18.79 -16.85
N TRP A 510 40.67 -18.85 -17.46
CA TRP A 510 39.63 -17.86 -17.19
C TRP A 510 39.26 -17.84 -15.72
N ALA A 511 38.98 -19.01 -15.15
CA ALA A 511 38.59 -19.08 -13.75
C ALA A 511 39.73 -18.64 -12.84
N GLN A 512 40.97 -19.03 -13.17
CA GLN A 512 42.10 -18.57 -12.39
C GLN A 512 42.20 -17.06 -12.38
N THR A 513 41.90 -16.42 -13.51
CA THR A 513 41.92 -14.97 -13.56
C THR A 513 40.74 -14.34 -12.83
N VAL A 514 39.55 -14.95 -12.94
CA VAL A 514 38.37 -14.37 -12.31
C VAL A 514 38.49 -14.42 -10.79
N LYS A 515 38.85 -15.58 -10.25
CA LYS A 515 38.98 -15.68 -8.80
C LYS A 515 40.13 -14.85 -8.26
N ASP A 516 40.99 -14.35 -9.13
CA ASP A 516 41.93 -13.29 -8.76
C ASP A 516 41.26 -11.93 -8.64
N LEU A 517 40.13 -11.73 -9.31
CA LEU A 517 39.47 -10.43 -9.33
C LEU A 517 38.51 -10.29 -8.15
N ARG A 518 39.04 -10.47 -6.95
CA ARG A 518 38.26 -10.45 -5.71
C ARG A 518 38.71 -9.28 -4.85
N ARG A 519 37.74 -8.55 -4.32
CA ARG A 519 38.04 -7.47 -3.40
C ARG A 519 36.85 -7.32 -2.48
N PRO A 520 37.02 -7.57 -1.18
CA PRO A 520 35.87 -7.71 -0.28
C PRO A 520 35.13 -6.40 -0.09
N TRP A 521 33.94 -6.53 0.49
CA TRP A 521 33.13 -5.37 0.84
C TRP A 521 33.81 -4.55 1.92
N SER A 522 33.61 -3.24 1.88
CA SER A 522 34.15 -2.36 2.90
C SER A 522 33.20 -1.25 3.31
N SER A 523 31.99 -1.21 2.78
CA SER A 523 31.04 -0.16 3.07
C SER A 523 29.74 -0.78 3.56
N PRO A 524 29.19 -0.33 4.68
CA PRO A 524 28.00 -0.96 5.22
C PRO A 524 26.83 -0.81 4.28
N PHE A 525 25.89 -1.74 4.35
CA PHE A 525 24.75 -1.68 3.45
C PHE A 525 23.92 -0.43 3.68
N GLU A 526 24.10 0.24 4.81
CA GLU A 526 23.47 1.53 5.09
C GLU A 526 23.92 2.61 4.12
N ALA A 527 25.01 2.39 3.40
CA ALA A 527 25.45 3.33 2.38
C ALA A 527 24.78 3.09 1.04
N PHE A 528 24.11 1.95 0.86
CA PHE A 528 23.37 1.68 -0.35
C PHE A 528 21.88 1.93 -0.17
N LEU A 529 21.47 2.37 1.00
CA LEU A 529 20.07 2.59 1.31
C LEU A 529 19.70 4.05 1.16
N LEU A 530 18.52 4.30 0.61
CA LEU A 530 17.99 5.65 0.57
C LEU A 530 17.57 6.10 1.96
N HIS A 531 17.52 7.42 2.16
CA HIS A 531 17.11 7.92 3.44
C HIS A 531 15.62 7.63 3.65
N THR A 532 15.20 7.64 4.92
CA THR A 532 13.85 7.19 5.24
C THR A 532 12.81 8.18 4.75
N ASP A 533 13.02 9.48 4.98
CA ASP A 533 12.10 10.52 4.52
C ASP A 533 12.51 10.93 3.10
N ASP A 534 12.26 10.02 2.17
CA ASP A 534 12.67 10.23 0.81
C ASP A 534 11.44 10.04 -0.07
N PRO A 535 11.24 10.89 -1.07
CA PRO A 535 9.96 10.90 -1.78
C PRO A 535 9.61 9.59 -2.45
N ASN A 536 10.59 8.72 -2.62
CA ASN A 536 10.32 7.40 -3.18
C ASN A 536 10.05 6.36 -2.11
N ILE A 537 10.47 6.62 -0.87
CA ILE A 537 10.18 5.74 0.25
C ILE A 537 8.92 6.17 0.98
N HIS A 538 8.78 7.47 1.27
CA HIS A 538 7.54 7.91 1.91
C HIS A 538 6.35 7.63 1.02
N ARG A 539 6.52 7.69 -0.29
CA ARG A 539 5.45 7.20 -1.15
C ARG A 539 5.15 5.74 -0.90
N ALA A 540 6.20 4.94 -0.64
CA ALA A 540 6.01 3.51 -0.41
C ALA A 540 5.26 3.25 0.89
N ARG A 541 5.47 4.09 1.89
CA ARG A 541 4.70 4.03 3.12
C ARG A 541 3.24 4.42 2.89
N LEU A 542 3.03 5.42 2.03
CA LEU A 542 1.68 5.92 1.81
C LEU A 542 0.81 4.94 1.04
N GLU A 543 1.35 4.20 0.06
CA GLU A 543 0.39 3.27 -0.57
C GLU A 543 0.02 2.18 0.41
N LEU A 544 0.90 1.87 1.34
CA LEU A 544 0.62 0.85 2.34
C LEU A 544 -0.54 1.30 3.23
N ALA A 545 -0.45 2.52 3.76
CA ALA A 545 -1.53 3.06 4.56
C ALA A 545 -2.82 3.18 3.75
N SER A 546 -2.72 3.66 2.51
CA SER A 546 -3.91 3.83 1.69
C SER A 546 -4.55 2.50 1.31
N ALA A 547 -3.75 1.48 1.02
CA ALA A 547 -4.28 0.16 0.72
C ALA A 547 -4.99 -0.41 1.92
N ARG A 548 -4.42 -0.24 3.11
CA ARG A 548 -5.12 -0.66 4.32
C ARG A 548 -6.42 0.10 4.49
N ALA A 549 -6.48 1.35 4.04
CA ALA A 549 -7.70 2.12 4.18
C ALA A 549 -8.84 1.63 3.30
N GLN A 550 -8.58 0.73 2.35
CA GLN A 550 -9.66 0.19 1.52
C GLN A 550 -10.27 -1.07 2.12
N THR A 551 -9.44 -1.97 2.62
CA THR A 551 -9.92 -3.19 3.24
C THR A 551 -10.60 -2.89 4.58
N ARG A 556 -8.81 -11.57 7.18
CA ARG A 556 -9.91 -12.50 7.01
C ARG A 556 -9.38 -13.88 6.64
N LYS A 557 -8.20 -13.91 6.04
CA LYS A 557 -7.55 -15.14 5.63
C LYS A 557 -6.70 -15.66 6.79
N THR A 558 -7.18 -16.73 7.43
CA THR A 558 -6.56 -17.24 8.65
C THR A 558 -6.04 -18.64 8.41
N THR A 559 -4.71 -18.78 8.43
CA THR A 559 -4.07 -20.09 8.51
C THR A 559 -3.62 -20.32 9.93
N ASP A 560 -3.47 -21.58 10.30
CA ASP A 560 -2.97 -21.93 11.62
C ASP A 560 -1.51 -22.32 11.51
N TRP A 561 -0.69 -21.61 12.27
CA TRP A 561 0.73 -21.85 12.40
C TRP A 561 1.03 -22.72 13.61
N ASN A 562 0.10 -23.62 13.93
CA ASN A 562 0.22 -24.52 15.08
C ASN A 562 1.39 -25.48 14.93
N ARG A 563 1.80 -25.80 13.69
CA ARG A 563 2.94 -26.68 13.51
C ARG A 563 4.22 -26.03 13.99
N CYS A 564 4.44 -24.76 13.63
CA CYS A 564 5.64 -24.05 14.03
C CYS A 564 5.50 -23.35 15.37
N GLU A 565 4.27 -23.27 15.90
CA GLU A 565 4.03 -22.58 17.15
C GLU A 565 4.76 -23.25 18.29
N SER A 566 4.66 -24.58 18.35
CA SER A 566 5.37 -25.34 19.37
C SER A 566 6.87 -25.12 19.25
N ARG A 567 7.38 -25.01 18.03
CA ARG A 567 8.81 -24.75 17.85
C ARG A 567 9.20 -23.38 18.36
N HIS A 568 8.34 -22.38 18.14
CA HIS A 568 8.62 -21.04 18.66
C HIS A 568 8.69 -21.07 20.18
N GLN A 569 7.69 -21.69 20.83
CA GLN A 569 7.73 -21.73 22.28
C GLN A 569 8.86 -22.61 22.79
N ARG A 570 9.25 -23.63 22.02
CA ARG A 570 10.40 -24.44 22.39
C ARG A 570 11.68 -23.63 22.36
N ALA A 571 11.83 -22.79 21.33
CA ALA A 571 12.98 -21.88 21.26
C ALA A 571 12.98 -20.93 22.45
N ARG A 572 11.84 -20.32 22.73
CA ARG A 572 11.74 -19.42 23.87
C ARG A 572 12.10 -20.14 25.16
N GLN A 573 11.71 -21.40 25.29
CA GLN A 573 12.05 -22.20 26.46
C GLN A 573 13.52 -22.56 26.50
N ASP A 574 14.15 -22.75 25.34
CA ASP A 574 15.54 -23.21 25.26
C ASP A 574 16.53 -22.09 25.52
N GLU A 575 16.50 -21.02 24.72
CA GLU A 575 17.43 -19.93 25.00
C GLU A 575 17.08 -19.15 26.26
N ALA A 576 16.07 -19.59 27.01
CA ALA A 576 15.60 -18.92 28.22
C ALA A 576 14.99 -17.55 27.92
N LEU A 577 14.56 -17.34 26.69
CA LEU A 577 13.84 -16.11 26.37
C LEU A 577 12.46 -16.16 27.03
N GLY A 578 11.93 -14.99 27.31
CA GLY A 578 10.61 -14.92 27.91
C GLY A 578 9.52 -15.14 26.89
N LEU A 579 8.30 -15.28 27.39
CA LEU A 579 7.13 -15.34 26.52
C LEU A 579 6.46 -13.98 26.40
N LEU A 580 7.27 -12.98 26.11
CA LEU A 580 6.79 -11.62 25.89
C LEU A 580 6.89 -11.25 24.42
N ARG A 581 6.43 -10.03 24.11
CA ARG A 581 6.23 -9.59 22.73
C ARG A 581 6.58 -8.11 22.65
N PRO A 582 7.84 -7.76 22.86
CA PRO A 582 8.17 -6.37 23.18
C PRO A 582 8.27 -5.45 21.98
N LEU A 583 8.57 -5.97 20.79
CA LEU A 583 8.52 -5.08 19.63
C LEU A 583 7.08 -4.71 19.35
N THR A 584 6.26 -5.66 18.94
CA THR A 584 4.87 -5.37 18.68
C THR A 584 4.00 -6.37 19.44
N SER A 585 3.23 -5.86 20.40
CA SER A 585 2.35 -6.73 21.16
C SER A 585 1.24 -7.19 20.24
N TRP A 586 1.37 -8.38 19.70
CA TRP A 586 0.46 -8.87 18.69
C TRP A 586 -0.52 -9.82 19.32
N GLN A 587 -1.79 -9.69 18.98
CA GLN A 587 -2.81 -10.62 19.45
C GLN A 587 -3.21 -11.62 18.38
N GLU A 588 -3.67 -11.13 17.24
CA GLU A 588 -4.15 -11.99 16.17
C GLU A 588 -3.54 -11.56 14.84
N ALA A 589 -4.07 -12.05 13.73
CA ALA A 589 -3.62 -11.62 12.42
C ALA A 589 -4.10 -10.18 12.21
N GLY A 590 -3.27 -9.22 12.56
CA GLY A 590 -3.58 -7.83 12.38
C GLY A 590 -4.16 -7.11 13.58
N VAL A 591 -3.60 -7.28 14.77
CA VAL A 591 -4.08 -6.58 15.95
C VAL A 591 -2.84 -6.00 16.64
N CYS A 592 -1.70 -6.05 15.95
CA CYS A 592 -0.44 -5.62 16.54
C CYS A 592 -0.37 -4.10 16.66
N LYS A 593 0.71 -3.62 17.28
CA LYS A 593 0.90 -2.18 17.46
C LYS A 593 2.40 -1.91 17.65
N GLY A 594 3.05 -1.40 16.61
CA GLY A 594 4.47 -1.15 16.64
C GLY A 594 4.84 0.02 17.54
N LEU A 595 6.12 0.39 17.48
CA LEU A 595 6.69 1.38 18.40
C LEU A 595 6.57 2.79 17.89
N ASP A 596 5.47 3.07 17.18
CA ASP A 596 5.06 4.38 16.60
C ASP A 596 5.90 4.75 15.36
N TRP A 597 7.18 4.36 15.31
CA TRP A 597 8.00 4.70 14.16
C TRP A 597 8.22 3.50 13.25
N THR A 598 7.40 2.47 13.38
CA THR A 598 7.72 1.20 12.76
C THR A 598 6.77 0.77 11.65
N TRP A 599 6.35 1.68 10.78
CA TRP A 599 5.64 1.32 9.56
C TRP A 599 4.48 0.37 9.86
N ASN A 600 3.70 0.70 10.88
CA ASN A 600 2.76 -0.23 11.48
C ASN A 600 1.76 -0.81 10.50
N ASP A 601 1.46 -0.10 9.42
CA ASP A 601 0.52 -0.61 8.44
C ASP A 601 1.10 -1.77 7.63
N TRP A 602 2.39 -2.02 7.75
CA TRP A 602 3.00 -3.22 7.20
C TRP A 602 2.91 -4.38 8.18
N LEU A 603 3.22 -4.12 9.44
CA LEU A 603 3.09 -5.12 10.48
C LEU A 603 1.67 -5.64 10.56
N LEU A 604 0.68 -4.80 10.29
CA LEU A 604 -0.69 -5.28 10.31
C LEU A 604 -0.97 -6.28 9.20
N ALA A 605 -0.22 -6.24 8.10
CA ALA A 605 -0.53 -7.05 6.94
C ALA A 605 0.21 -8.38 6.91
N GLN A 606 1.09 -8.64 7.87
CA GLN A 606 1.85 -9.87 7.88
C GLN A 606 1.04 -11.00 8.50
N THR A 607 1.71 -12.11 8.76
CA THR A 607 1.08 -13.23 9.43
C THR A 607 1.65 -13.38 10.83
N GLU A 608 0.98 -14.23 11.61
CA GLU A 608 1.33 -14.44 13.00
C GLU A 608 2.72 -15.01 13.17
N ARG A 609 3.10 -15.94 12.29
CA ARG A 609 4.43 -16.53 12.37
C ARG A 609 5.52 -15.47 12.20
N VAL A 610 5.36 -14.61 11.19
CA VAL A 610 6.36 -13.59 10.91
C VAL A 610 6.45 -12.60 12.06
N VAL A 611 5.29 -12.14 12.54
CA VAL A 611 5.29 -11.16 13.61
C VAL A 611 5.92 -11.75 14.86
N ASP A 612 5.66 -13.01 15.16
CA ASP A 612 6.27 -13.61 16.34
C ASP A 612 7.76 -13.83 16.13
N LEU A 613 8.17 -14.12 14.90
CA LEU A 613 9.58 -14.37 14.66
C LEU A 613 10.38 -13.09 14.79
N LEU A 614 9.75 -11.95 14.49
CA LEU A 614 10.38 -10.67 14.79
C LEU A 614 10.64 -10.53 16.29
N GLU A 615 9.68 -10.97 17.11
CA GLU A 615 9.87 -10.90 18.56
C GLU A 615 11.02 -11.81 19.00
N ILE A 616 11.03 -13.04 18.51
CA ILE A 616 12.08 -13.97 18.90
C ILE A 616 13.44 -13.42 18.47
N SER A 617 13.50 -12.78 17.31
CA SER A 617 14.75 -12.19 16.83
C SER A 617 15.20 -11.05 17.72
N THR A 618 14.27 -10.15 18.09
CA THR A 618 14.67 -9.05 18.96
C THR A 618 15.06 -9.53 20.34
N LEU A 619 14.49 -10.63 20.82
CA LEU A 619 14.93 -11.18 22.10
C LEU A 619 16.26 -11.90 22.01
N ARG A 620 16.54 -12.63 20.93
CA ARG A 620 17.87 -13.20 20.77
C ARG A 620 18.92 -12.11 20.64
N MET A 621 18.55 -11.01 20.00
CA MET A 621 19.51 -9.92 19.78
C MET A 621 19.69 -9.15 21.09
N ALA A 622 18.63 -9.05 21.87
CA ALA A 622 18.76 -8.75 23.28
C ALA A 622 19.44 -9.93 23.97
N LYS A 623 19.75 -9.74 25.26
CA LYS A 623 20.52 -10.65 26.10
C LYS A 623 21.97 -10.76 25.62
N ASP A 624 22.29 -10.09 24.52
CA ASP A 624 23.65 -10.01 24.01
C ASP A 624 24.21 -8.60 24.10
N GLY A 625 23.56 -7.72 24.85
CA GLY A 625 23.98 -6.36 24.97
C GLY A 625 23.64 -5.49 23.78
N ILE A 626 22.93 -6.02 22.80
CA ILE A 626 22.58 -5.28 21.59
C ILE A 626 21.11 -4.95 21.64
N ASP A 627 20.77 -3.68 21.46
CA ASP A 627 19.39 -3.25 21.33
C ASP A 627 19.07 -3.19 19.85
N SER A 628 18.20 -4.07 19.39
CA SER A 628 17.68 -3.94 18.05
C SER A 628 16.88 -2.66 17.94
N GLY A 629 16.70 -2.18 16.72
CA GLY A 629 16.03 -0.93 16.48
C GLY A 629 16.92 0.27 16.63
N PHE A 630 18.11 0.10 17.16
CA PHE A 630 19.10 1.16 17.19
C PHE A 630 20.43 0.70 16.65
N LYS A 631 20.57 -0.58 16.31
CA LYS A 631 21.67 -1.09 15.51
C LYS A 631 21.18 -1.33 14.11
N ALA A 632 21.89 -0.81 13.13
CA ALA A 632 21.51 -0.94 11.75
C ALA A 632 21.78 -2.37 11.30
N CYS A 633 20.72 -3.13 11.07
CA CYS A 633 20.87 -4.50 10.59
C CYS A 633 19.60 -4.88 9.86
N ILE A 634 19.60 -6.10 9.33
CA ILE A 634 18.57 -6.53 8.41
C ILE A 634 18.28 -8.00 8.62
N TRP A 635 17.01 -8.36 8.68
CA TRP A 635 16.62 -9.74 8.88
C TRP A 635 15.81 -10.23 7.70
N ASN A 636 15.94 -11.51 7.38
CA ASN A 636 15.15 -12.15 6.34
C ASN A 636 14.31 -13.21 7.03
N VAL A 637 13.09 -12.82 7.42
CA VAL A 637 12.33 -13.56 8.42
C VAL A 637 11.36 -14.53 7.76
N SER A 638 11.57 -14.83 6.48
CA SER A 638 10.75 -15.83 5.84
C SER A 638 11.22 -17.24 6.18
N GLN A 639 12.51 -17.41 6.45
CA GLN A 639 13.04 -18.70 6.85
C GLN A 639 12.46 -19.11 8.20
N ASN A 640 12.23 -20.41 8.35
CA ASN A 640 11.70 -20.92 9.60
C ASN A 640 12.72 -20.75 10.72
N VAL A 641 12.25 -20.93 11.95
CA VAL A 641 13.12 -20.80 13.10
C VAL A 641 14.18 -21.89 13.07
N ASP A 642 15.35 -21.57 13.63
CA ASP A 642 16.55 -22.41 13.74
C ASP A 642 17.18 -22.74 12.39
N ARG A 643 16.71 -22.16 11.28
CA ARG A 643 17.38 -22.37 10.01
C ARG A 643 18.70 -21.62 9.96
N GLN A 644 18.73 -20.39 10.45
CA GLN A 644 19.92 -19.55 10.43
C GLN A 644 20.41 -19.31 11.84
N THR A 645 21.73 -19.12 11.96
CA THR A 645 22.30 -18.73 13.24
C THR A 645 21.82 -17.35 13.66
N GLY A 646 21.77 -16.42 12.72
CA GLY A 646 21.29 -15.09 13.01
C GLY A 646 22.33 -14.29 13.77
N SER A 647 21.96 -13.04 14.09
CA SER A 647 22.84 -12.10 14.78
C SER A 647 24.16 -11.93 14.06
N SER A 648 24.13 -11.95 12.72
CA SER A 648 25.36 -11.91 11.95
C SER A 648 25.95 -10.51 12.00
N LYS A 649 27.02 -10.32 11.23
CA LYS A 649 27.66 -9.02 11.12
C LYS A 649 26.64 -8.00 10.66
N THR A 650 26.51 -6.91 11.41
CA THR A 650 25.39 -6.00 11.21
C THR A 650 25.44 -5.35 9.83
N ALA A 651 26.62 -4.93 9.39
CA ALA A 651 26.74 -4.21 8.14
C ALA A 651 26.35 -5.06 6.94
N LEU A 652 26.48 -6.37 7.05
CA LEU A 652 26.19 -7.26 5.96
C LEU A 652 24.70 -7.46 5.80
N ALA A 653 24.30 -7.98 4.64
CA ALA A 653 22.91 -8.25 4.39
C ALA A 653 22.72 -9.67 3.88
N PRO A 654 21.68 -10.38 4.29
CA PRO A 654 21.47 -11.73 3.79
C PRO A 654 21.07 -11.73 2.33
N CYS A 655 21.00 -12.93 1.77
CA CYS A 655 20.61 -13.09 0.38
C CYS A 655 19.15 -12.71 0.21
N LEU A 656 18.88 -11.80 -0.72
CA LEU A 656 17.54 -11.25 -0.92
C LEU A 656 16.89 -12.02 -2.06
N THR A 657 16.49 -13.24 -1.75
CA THR A 657 15.84 -14.12 -2.71
C THR A 657 14.51 -13.52 -3.16
N PRO A 658 14.00 -13.91 -4.34
CA PRO A 658 12.74 -13.33 -4.79
C PRO A 658 11.59 -13.52 -3.82
N ASN A 659 11.52 -14.65 -3.13
CA ASN A 659 10.46 -14.92 -2.17
C ASN A 659 10.91 -14.50 -0.78
N MET A 660 11.17 -13.21 -0.63
CA MET A 660 11.75 -12.66 0.58
C MET A 660 10.74 -11.76 1.28
N ILE A 661 10.85 -11.72 2.60
CA ILE A 661 10.20 -10.70 3.41
C ILE A 661 11.25 -10.08 4.33
N PRO A 662 12.04 -9.16 3.82
CA PRO A 662 13.14 -8.58 4.58
C PRO A 662 12.63 -7.53 5.55
N TRP A 663 13.50 -7.11 6.45
CA TRP A 663 13.09 -6.20 7.50
C TRP A 663 14.33 -5.40 7.90
N VAL A 664 14.34 -4.12 7.54
CA VAL A 664 15.37 -3.24 8.03
C VAL A 664 15.10 -2.94 9.49
N THR A 665 16.11 -3.12 10.32
CA THR A 665 15.94 -2.94 11.75
C THR A 665 15.66 -1.49 12.09
N ILE A 666 16.58 -0.60 11.73
CA ILE A 666 16.56 0.76 12.25
C ILE A 666 15.49 1.63 11.60
N ARG A 667 15.01 1.28 10.43
CA ARG A 667 13.89 1.99 9.84
C ARG A 667 12.56 1.52 10.39
N GLY A 668 12.45 0.25 10.70
CA GLY A 668 11.19 -0.33 11.13
C GLY A 668 10.32 -0.83 10.01
N GLY A 669 10.87 -1.01 8.82
CA GLY A 669 10.05 -1.35 7.69
C GLY A 669 10.78 -2.21 6.68
N PRO A 670 10.06 -2.65 5.67
CA PRO A 670 10.65 -3.54 4.67
C PRO A 670 11.68 -2.82 3.82
N VAL A 671 12.57 -3.63 3.23
CA VAL A 671 13.48 -3.11 2.20
C VAL A 671 12.64 -2.70 1.00
N THR A 672 12.69 -1.42 0.66
CA THR A 672 11.97 -0.97 -0.51
C THR A 672 12.64 -1.54 -1.75
N GLY A 673 11.83 -1.84 -2.76
CA GLY A 673 12.36 -2.49 -3.94
C GLY A 673 13.45 -1.68 -4.61
N ARG A 674 13.26 -0.37 -4.69
CA ARG A 674 14.30 0.50 -5.24
C ARG A 674 15.62 0.34 -4.49
N GLU A 675 15.55 0.02 -3.20
CA GLU A 675 16.75 -0.19 -2.40
C GLU A 675 17.27 -1.61 -2.52
N ALA A 676 16.45 -2.57 -2.91
CA ALA A 676 16.94 -3.89 -3.24
C ALA A 676 17.65 -3.90 -4.58
N LEU A 677 17.30 -2.99 -5.48
CA LEU A 677 18.01 -2.86 -6.74
C LEU A 677 19.38 -2.22 -6.60
N ALA A 678 19.62 -1.45 -5.55
CA ALA A 678 20.93 -0.83 -5.39
C ALA A 678 21.90 -1.73 -4.66
N LEU A 679 21.43 -2.85 -4.10
CA LEU A 679 22.33 -3.85 -3.55
C LEU A 679 22.84 -4.80 -4.62
N GLN A 680 22.29 -4.73 -5.82
CA GLN A 680 22.82 -5.39 -6.99
C GLN A 680 23.74 -4.52 -7.78
N GLY A 681 24.35 -3.51 -7.16
CA GLY A 681 25.24 -2.62 -7.86
C GLY A 681 24.60 -1.72 -8.87
N ILE A 682 23.32 -1.90 -9.18
CA ILE A 682 22.65 -1.01 -10.15
C ILE A 682 22.55 0.38 -9.54
N PRO A 683 22.88 1.44 -10.27
CA PRO A 683 22.74 2.78 -9.71
C PRO A 683 21.32 3.30 -9.91
N VAL A 684 20.69 3.80 -8.84
CA VAL A 684 19.24 3.99 -8.83
C VAL A 684 18.83 5.44 -9.04
N ARG A 685 19.77 6.37 -9.24
CA ARG A 685 19.37 7.76 -9.37
C ARG A 685 18.54 7.97 -10.62
N GLU A 686 19.05 7.51 -11.77
CA GLU A 686 18.45 7.79 -13.07
C GLU A 686 17.52 6.69 -13.54
N LEU A 687 16.84 6.00 -12.62
CA LEU A 687 15.99 4.90 -13.01
C LEU A 687 14.60 5.39 -13.40
N LEU A 688 14.00 4.68 -14.35
CA LEU A 688 12.63 4.95 -14.77
C LEU A 688 11.78 3.76 -14.37
N LEU A 689 10.89 3.95 -13.41
CA LEU A 689 9.96 2.92 -12.98
C LEU A 689 8.53 3.43 -13.13
N THR A 690 7.69 2.64 -13.76
CA THR A 690 6.31 3.03 -14.08
C THR A 690 5.38 1.94 -13.57
N SER A 691 4.85 2.12 -12.37
CA SER A 691 3.78 1.28 -11.83
C SER A 691 4.22 -0.18 -11.69
N GLU A 692 5.23 -0.41 -10.87
CA GLU A 692 5.66 -1.75 -10.51
C GLU A 692 5.25 -2.04 -9.08
N ASN A 693 4.92 -3.29 -8.82
CA ASN A 693 4.61 -3.72 -7.46
C ASN A 693 5.90 -3.75 -6.63
N GLU A 694 5.79 -4.27 -5.42
CA GLU A 694 6.99 -4.63 -4.69
C GLU A 694 7.37 -6.08 -4.92
N ASP A 695 6.40 -6.95 -5.18
CA ASP A 695 6.73 -8.32 -5.55
C ASP A 695 7.29 -8.40 -6.97
N GLN A 696 6.65 -7.70 -7.91
CA GLN A 696 7.16 -7.66 -9.28
C GLN A 696 8.54 -7.04 -9.33
N LEU A 697 8.87 -6.16 -8.40
CA LEU A 697 10.16 -5.51 -8.49
C LEU A 697 11.19 -6.32 -7.70
N ALA A 698 10.77 -7.01 -6.65
CA ALA A 698 11.63 -7.96 -5.97
C ALA A 698 12.03 -9.10 -6.89
N ASP A 699 11.14 -9.51 -7.80
CA ASP A 699 11.52 -10.47 -8.84
C ASP A 699 12.74 -9.97 -9.60
N LEU A 700 12.68 -8.75 -10.11
CA LEU A 700 13.81 -8.18 -10.84
C LEU A 700 15.05 -8.11 -9.98
N ALA A 701 14.90 -7.63 -8.74
CA ALA A 701 16.07 -7.38 -7.90
C ALA A 701 16.72 -8.67 -7.41
N GLY A 702 15.98 -9.76 -7.35
CA GLY A 702 16.53 -11.02 -6.90
C GLY A 702 17.08 -11.85 -8.04
N ASN A 703 16.36 -11.92 -9.16
CA ASN A 703 16.85 -12.65 -10.33
C ASN A 703 17.73 -11.75 -11.19
N ALA A 704 18.71 -11.13 -10.54
CA ALA A 704 19.57 -10.16 -11.20
C ALA A 704 21.00 -10.66 -11.19
N MET A 705 21.89 -9.84 -11.73
CA MET A 705 23.32 -10.12 -11.77
C MET A 705 24.03 -8.97 -11.08
N THR A 706 24.84 -9.26 -10.08
CA THR A 706 25.57 -8.20 -9.43
C THR A 706 26.56 -7.60 -10.42
N THR A 707 26.43 -6.29 -10.65
CA THR A 707 27.15 -5.66 -11.73
C THR A 707 28.66 -5.79 -11.57
N THR A 708 29.17 -5.67 -10.35
CA THR A 708 30.60 -5.86 -10.16
C THR A 708 31.04 -7.27 -10.53
N VAL A 709 30.25 -8.27 -10.19
CA VAL A 709 30.59 -9.65 -10.46
C VAL A 709 30.60 -9.93 -11.96
N VAL A 710 29.53 -9.52 -12.65
CA VAL A 710 29.48 -9.74 -14.09
C VAL A 710 30.52 -8.91 -14.82
N GLY A 711 30.81 -7.71 -14.33
CA GLY A 711 31.89 -6.94 -14.93
C GLY A 711 33.23 -7.61 -14.80
N SER A 712 33.52 -8.18 -13.63
CA SER A 712 34.75 -8.95 -13.46
C SER A 712 34.80 -10.17 -14.37
N ALA A 713 33.70 -10.91 -14.47
CA ALA A 713 33.66 -12.06 -15.37
C ALA A 713 33.86 -11.66 -16.83
N MET A 714 33.19 -10.61 -17.30
CA MET A 714 33.43 -10.14 -18.65
C MET A 714 34.86 -9.68 -18.86
N ILE A 715 35.43 -8.91 -17.94
CA ILE A 715 36.75 -8.36 -18.23
C ILE A 715 37.78 -9.48 -18.26
N ALA A 716 37.68 -10.47 -17.37
CA ALA A 716 38.59 -11.61 -17.47
C ALA A 716 38.35 -12.41 -18.75
N ALA A 717 37.09 -12.62 -19.14
CA ALA A 717 36.82 -13.39 -20.34
C ALA A 717 37.41 -12.72 -21.57
N LEU A 718 37.17 -11.41 -21.72
CA LEU A 718 37.70 -10.69 -22.86
C LEU A 718 39.22 -10.68 -22.84
N LYS A 719 39.83 -10.50 -21.67
CA LYS A 719 41.29 -10.44 -21.64
C LYS A 719 41.90 -11.78 -22.04
N VAL A 720 41.42 -12.87 -21.44
CA VAL A 720 41.99 -14.19 -21.74
C VAL A 720 41.76 -14.56 -23.19
N ALA A 721 40.54 -14.38 -23.68
CA ALA A 721 40.21 -14.74 -25.06
C ALA A 721 40.29 -13.53 -25.98
N CYS A 722 41.27 -12.66 -25.75
CA CYS A 722 41.38 -11.43 -26.52
C CYS A 722 41.62 -11.70 -27.99
N HIS A 723 42.56 -12.60 -28.29
CA HIS A 723 42.70 -13.09 -29.66
C HIS A 723 41.48 -13.91 -30.04
N LYS A 724 41.45 -14.44 -31.26
CA LYS A 724 40.33 -15.25 -31.73
C LYS A 724 39.06 -14.40 -31.76
N ILE A 725 39.13 -13.25 -32.44
CA ILE A 725 38.14 -12.22 -32.20
C ILE A 725 37.59 -11.67 -33.51
N THR A 726 38.21 -12.02 -34.64
CA THR A 726 37.85 -11.55 -35.98
C THR A 726 37.88 -10.02 -36.05
N GLU A 727 39.09 -9.49 -35.93
CA GLU A 727 39.29 -8.05 -36.02
C GLU A 727 38.93 -7.52 -37.39
N GLY A 728 38.54 -6.25 -37.43
CA GLY A 728 38.26 -5.57 -38.69
C GLY A 728 39.43 -4.75 -39.18
N ALA A 729 40.01 -3.95 -38.27
CA ALA A 729 41.26 -3.24 -38.49
C ALA A 729 41.20 -2.32 -39.71
N ASN A 730 40.19 -1.45 -39.75
CA ASN A 730 40.09 -0.38 -40.74
C ASN A 730 39.74 0.90 -40.00
N PRO A 731 40.73 1.57 -39.41
CA PRO A 731 40.41 2.64 -38.46
C PRO A 731 39.92 3.93 -39.09
N GLU A 732 40.54 4.38 -40.19
CA GLU A 732 40.29 5.72 -40.69
C GLU A 732 38.92 5.84 -41.36
N LYS A 733 38.48 4.79 -42.06
CA LYS A 733 37.16 4.82 -42.67
C LYS A 733 36.06 4.88 -41.62
N GLU A 734 36.30 4.29 -40.46
CA GLU A 734 35.36 4.39 -39.35
C GLU A 734 35.43 5.76 -38.69
N ALA A 735 36.63 6.30 -38.52
CA ALA A 735 36.79 7.61 -37.89
C ALA A 735 36.14 8.71 -38.71
N ALA A 736 36.16 8.58 -40.04
CA ALA A 736 35.46 9.55 -40.88
C ALA A 736 33.98 9.57 -40.57
N LEU A 737 33.36 8.40 -40.44
CA LEU A 737 31.94 8.34 -40.12
C LEU A 737 31.66 8.85 -38.72
N ILE A 738 32.59 8.60 -37.79
CA ILE A 738 32.45 9.11 -36.43
C ILE A 738 32.35 10.63 -36.45
N LEU A 739 33.30 11.28 -37.13
CA LEU A 739 33.25 12.72 -37.24
C LEU A 739 32.06 13.21 -38.04
N GLU A 740 31.58 12.44 -39.02
CA GLU A 740 30.37 12.80 -39.74
C GLU A 740 29.16 12.86 -38.81
N LYS A 741 28.97 11.84 -37.98
CA LYS A 741 27.84 11.84 -37.05
C LYS A 741 27.94 12.96 -36.04
N GLU A 742 29.12 13.18 -35.46
CA GLU A 742 29.24 14.31 -34.54
C GLU A 742 29.01 15.66 -35.21
N ALA A 743 29.54 15.86 -36.42
CA ALA A 743 29.36 17.15 -37.07
C ALA A 743 27.93 17.40 -37.48
N VAL A 744 27.18 16.35 -37.87
CA VAL A 744 25.79 16.58 -38.22
C VAL A 744 24.94 16.83 -36.97
N ASP A 745 25.23 16.14 -35.86
CA ASP A 745 24.42 16.37 -34.67
C ASP A 745 24.76 17.67 -33.97
N ASP A 746 26.01 18.14 -34.06
CA ASP A 746 26.35 19.44 -33.49
C ASP A 746 25.57 20.58 -34.14
N GLU A 747 25.13 20.38 -35.39
CA GLU A 747 24.26 21.34 -36.04
C GLU A 747 22.79 21.09 -35.70
N GLN A 748 22.41 19.81 -35.68
CA GLN A 748 21.02 19.47 -35.41
C GLN A 748 20.57 20.00 -34.05
N VAL A 749 21.42 19.89 -33.03
CA VAL A 749 21.02 20.42 -31.72
C VAL A 749 20.95 21.93 -31.76
N ALA A 750 21.82 22.57 -32.52
CA ALA A 750 21.88 24.03 -32.48
C ALA A 750 20.73 24.67 -33.22
N ASN A 751 20.10 23.95 -34.15
CA ASN A 751 18.96 24.51 -34.87
C ASN A 751 17.61 24.05 -34.33
N ARG A 752 17.56 23.39 -33.17
CA ARG A 752 16.28 22.87 -32.70
C ARG A 752 15.45 23.92 -31.97
N ILE A 753 16.01 25.08 -31.68
CA ILE A 753 15.33 26.10 -30.90
C ILE A 753 14.99 27.27 -31.81
N ILE A 754 13.71 27.65 -31.82
CA ILE A 754 13.23 28.83 -32.52
C ILE A 754 12.62 29.78 -31.49
N GLY A 755 12.53 31.04 -31.86
CA GLY A 755 12.10 32.04 -30.91
C GLY A 755 13.27 32.86 -30.40
N GLU A 756 13.35 33.04 -29.08
CA GLU A 756 14.43 33.72 -28.38
C GLU A 756 14.45 35.22 -28.68
N ASP A 757 13.58 35.69 -29.56
CA ASP A 757 13.35 37.12 -29.71
C ASP A 757 12.38 37.65 -28.68
N TYR A 758 11.73 36.76 -27.94
CA TYR A 758 10.84 37.18 -26.85
C TYR A 758 11.65 37.83 -25.74
N LEU A 759 10.99 38.72 -25.01
CA LEU A 759 11.69 39.71 -24.21
C LEU A 759 12.53 39.05 -23.12
N GLU A 760 13.77 39.49 -23.01
CA GLU A 760 14.55 39.11 -21.85
C GLU A 760 14.06 39.91 -20.65
N HIS A 761 14.29 39.37 -19.46
CA HIS A 761 13.74 39.96 -18.26
C HIS A 761 14.89 40.52 -17.41
N HIS A 762 14.55 41.19 -16.32
CA HIS A 762 15.53 41.93 -15.53
C HIS A 762 16.57 40.98 -14.94
N ASP A 763 17.75 41.55 -14.71
CA ASP A 763 18.86 40.79 -14.18
C ASP A 763 18.61 40.39 -12.74
N LEU A 764 18.82 39.12 -12.42
CA LEU A 764 18.71 38.65 -11.05
C LEU A 764 20.10 38.62 -10.44
N ASP A 765 20.22 39.09 -9.22
CA ASP A 765 21.45 38.97 -8.47
C ASP A 765 21.29 37.85 -7.45
N LEU A 766 22.32 37.02 -7.32
CA LEU A 766 22.24 35.92 -6.38
C LEU A 766 22.17 36.39 -4.94
N ALA A 767 22.58 37.63 -4.68
CA ALA A 767 22.48 38.21 -3.33
C ALA A 767 21.08 38.77 -3.15
N LYS A 768 20.15 37.85 -2.87
CA LYS A 768 18.76 38.16 -2.56
C LYS A 768 18.48 38.02 -1.08
N VAL A 769 19.41 38.52 -0.25
CA VAL A 769 19.45 38.31 1.19
C VAL A 769 18.34 39.16 1.84
N THR A 770 17.52 39.81 0.99
CA THR A 770 16.39 40.64 1.38
C THR A 770 15.61 40.08 2.56
N LYS A 771 15.41 40.93 3.57
CA LYS A 771 14.90 40.51 4.85
C LYS A 771 13.38 40.33 4.85
N LEU A 774 12.09 38.64 11.74
CA LEU A 774 13.32 38.16 12.34
C LEU A 774 13.14 36.76 12.94
N SER A 775 12.70 36.69 14.19
CA SER A 775 12.44 35.41 14.82
C SER A 775 11.07 34.88 14.46
N GLU A 776 10.24 35.71 13.82
CA GLU A 776 9.01 35.21 13.23
C GLU A 776 9.30 34.11 12.21
N ILE A 777 10.38 34.23 11.46
CA ILE A 777 10.82 33.16 10.57
C ILE A 777 11.22 31.94 11.37
N LEU A 778 11.98 32.14 12.45
CA LEU A 778 12.51 31.02 13.21
C LEU A 778 11.39 30.26 13.92
N ASP A 779 10.26 30.93 14.18
CA ASP A 779 9.12 30.25 14.77
C ASP A 779 8.14 29.74 13.73
N LEU A 780 8.11 30.35 12.55
CA LEU A 780 7.46 29.70 11.42
C LEU A 780 8.11 28.36 11.15
N ALA A 781 9.42 28.28 11.36
CA ALA A 781 10.13 27.02 11.22
C ALA A 781 9.58 25.98 12.20
N CYS A 782 9.41 26.36 13.46
CA CYS A 782 8.89 25.41 14.45
C CYS A 782 7.46 25.00 14.13
N ARG A 783 6.62 25.95 13.75
CA ARG A 783 5.24 25.61 13.43
C ARG A 783 5.12 24.78 12.16
N SER A 784 6.13 24.82 11.29
CA SER A 784 6.08 24.07 10.05
C SER A 784 6.86 22.76 10.06
N SER A 785 7.77 22.56 11.00
CA SER A 785 8.62 21.38 10.96
C SER A 785 7.82 20.12 11.28
N ARG A 786 8.51 18.98 11.30
CA ARG A 786 7.83 17.70 11.32
C ARG A 786 7.39 17.34 12.73
N HIS A 787 6.17 16.79 12.84
CA HIS A 787 5.59 16.46 14.12
C HIS A 787 5.19 15.00 14.26
N CYS A 788 4.98 14.27 13.15
CA CYS A 788 4.81 12.78 13.26
C CYS A 788 5.81 12.19 12.26
N GLN A 789 6.65 11.24 12.69
CA GLN A 789 7.59 10.57 11.80
C GLN A 789 6.90 10.18 10.49
N CYS A 790 5.60 9.89 10.58
CA CYS A 790 4.81 9.49 9.40
C CYS A 790 4.45 10.71 8.54
N GLU A 791 4.98 11.89 8.85
CA GLU A 791 4.65 13.06 8.05
C GLU A 791 5.57 13.17 6.84
N GLY A 792 6.88 13.04 7.05
CA GLY A 792 7.78 12.88 5.94
C GLY A 792 8.44 14.15 5.49
N GLN A 793 8.00 14.69 4.36
CA GLN A 793 8.59 15.93 3.87
C GLN A 793 7.58 16.96 3.39
N SER A 794 6.30 16.63 3.24
CA SER A 794 5.25 17.64 3.27
C SER A 794 3.97 16.90 3.65
N GLY A 795 3.60 16.98 4.91
CA GLY A 795 2.45 16.27 5.41
C GLY A 795 1.89 16.96 6.62
N THR A 796 0.58 16.82 6.81
CA THR A 796 -0.13 17.34 7.97
C THR A 796 -0.74 16.19 8.73
N ALA A 797 -0.40 16.07 10.01
CA ALA A 797 -0.93 15.02 10.83
C ALA A 797 -1.88 15.58 11.87
N PRO A 798 -3.14 15.18 11.86
CA PRO A 798 -4.07 15.66 12.89
C PRO A 798 -3.75 15.11 14.27
N ASN A 799 -4.07 15.92 15.27
CA ASN A 799 -3.98 15.53 16.68
C ASN A 799 -2.55 15.17 17.09
N ILE A 800 -1.68 16.16 17.01
CA ILE A 800 -0.31 15.99 17.46
C ILE A 800 -0.27 15.95 18.98
N LEU A 801 0.55 15.07 19.52
CA LEU A 801 0.75 14.93 20.95
C LEU A 801 2.21 15.22 21.27
N GLU A 802 2.43 16.01 22.30
CA GLU A 802 3.77 16.41 22.69
C GLU A 802 4.00 16.00 24.14
N CYS A 803 5.20 15.55 24.44
CA CYS A 803 5.45 14.96 25.74
C CYS A 803 6.09 15.95 26.70
N GLN A 804 6.22 15.54 27.95
CA GLN A 804 6.89 16.31 29.00
C GLN A 804 8.13 15.57 29.46
N GLU A 805 9.09 16.32 29.99
CA GLU A 805 10.44 15.85 30.31
C GLU A 805 11.20 15.45 29.05
N CYS A 806 10.55 15.54 27.91
CA CYS A 806 11.14 15.30 26.60
C CYS A 806 10.11 15.79 25.60
N SER A 807 10.56 16.41 24.52
CA SER A 807 9.61 16.94 23.54
C SER A 807 9.57 16.01 22.34
N TYR A 808 8.84 14.91 22.49
CA TYR A 808 8.69 13.94 21.41
C TYR A 808 7.27 14.03 20.91
N ARG A 809 7.09 14.51 19.68
CA ARG A 809 5.78 14.74 19.11
C ARG A 809 5.40 13.56 18.23
N ALA A 810 4.15 13.11 18.33
CA ALA A 810 3.68 12.03 17.49
C ALA A 810 2.18 12.16 17.31
N CYS A 811 1.66 11.61 16.22
CA CYS A 811 0.23 11.70 15.99
C CYS A 811 -0.51 10.75 16.92
N LYS A 812 -1.78 11.06 17.16
CA LYS A 812 -2.59 10.26 18.06
C LYS A 812 -2.86 8.88 17.50
N SER A 813 -2.81 8.71 16.19
CA SER A 813 -3.02 7.38 15.63
C SER A 813 -1.81 6.50 15.88
N CYS A 814 -0.65 6.91 15.41
CA CYS A 814 0.57 6.12 15.51
C CYS A 814 1.38 6.63 16.70
N GLY A 815 1.01 6.17 17.88
CA GLY A 815 1.70 6.57 19.08
C GLY A 815 1.09 5.95 20.32
N GLY A 816 1.92 5.42 21.21
CA GLY A 816 1.43 4.89 22.47
C GLY A 816 2.05 3.59 22.93
N ARG A 817 2.85 2.90 22.13
CA ARG A 817 3.54 1.76 22.72
C ARG A 817 4.81 2.19 23.44
N PRO A 818 5.65 3.07 22.88
CA PRO A 818 6.71 3.66 23.69
C PRO A 818 6.17 4.80 24.53
N GLU A 819 4.85 4.77 24.77
CA GLU A 819 4.09 5.84 25.39
C GLU A 819 4.82 6.47 26.55
N HIS A 820 4.64 7.78 26.66
CA HIS A 820 5.25 8.58 27.72
C HIS A 820 4.41 9.84 27.81
N VAL A 821 4.73 10.68 28.79
CA VAL A 821 3.70 11.59 29.32
C VAL A 821 3.31 12.66 28.31
N TYR A 822 2.21 12.41 27.61
CA TYR A 822 1.66 13.33 26.63
C TYR A 822 0.78 14.41 27.23
N ALA A 823 0.43 15.34 26.36
CA ALA A 823 -0.45 16.48 26.50
C ALA A 823 -0.61 17.01 25.08
N PRO A 824 -1.77 17.52 24.70
CA PRO A 824 -1.95 17.95 23.31
C PRO A 824 -0.99 19.06 22.93
N CYS A 825 -0.65 19.11 21.65
CA CYS A 825 0.29 20.09 21.14
C CYS A 825 -0.44 21.41 20.91
N ALA A 826 0.16 22.50 21.38
CA ALA A 826 -0.50 23.79 21.38
C ALA A 826 -0.52 24.43 20.00
N ASN A 827 0.64 24.52 19.35
CA ASN A 827 0.81 25.41 18.21
C ASN A 827 -0.01 24.97 17.02
N GLN A 828 -0.41 25.94 16.21
CA GLN A 828 -1.11 25.72 14.96
C GLN A 828 -0.12 25.78 13.80
N ARG A 829 -0.50 25.14 12.70
CA ARG A 829 0.45 24.71 11.70
C ARG A 829 0.38 25.57 10.44
N VAL A 830 1.55 25.99 9.97
CA VAL A 830 1.73 26.61 8.67
C VAL A 830 2.24 25.55 7.71
N GLU A 831 1.80 25.62 6.46
CA GLU A 831 2.24 24.64 5.48
C GLU A 831 3.72 24.84 5.17
N PRO A 832 4.45 23.76 4.96
CA PRO A 832 5.87 23.90 4.65
C PRO A 832 6.09 24.43 3.26
N ALA A 833 5.15 24.19 2.35
CA ALA A 833 5.23 24.76 1.01
C ALA A 833 5.21 26.27 1.06
N GLU A 834 4.38 26.84 1.94
CA GLU A 834 4.35 28.28 2.12
C GLU A 834 5.55 28.78 2.91
N PHE A 835 6.04 27.98 3.86
CA PHE A 835 7.18 28.43 4.64
C PHE A 835 8.45 28.49 3.79
N GLU A 836 8.72 27.42 3.05
CA GLU A 836 9.99 27.25 2.38
C GLU A 836 10.25 28.40 1.43
N LYS A 837 9.20 28.98 0.84
CA LYS A 837 9.38 30.08 -0.08
C LYS A 837 9.90 31.32 0.64
N ARG A 838 9.31 31.64 1.79
CA ARG A 838 9.84 32.73 2.63
C ARG A 838 11.26 32.43 3.06
N PHE A 839 11.58 31.15 3.26
CA PHE A 839 12.94 30.78 3.60
C PHE A 839 13.89 30.97 2.42
N LYS A 840 13.45 30.58 1.22
CA LYS A 840 14.25 30.70 0.02
C LYS A 840 14.59 32.16 -0.24
N GLY A 841 13.61 33.04 -0.05
CA GLY A 841 13.89 34.45 -0.18
C GLY A 841 14.89 34.97 0.82
N LEU A 842 15.18 34.22 1.88
CA LEU A 842 16.16 34.63 2.87
C LEU A 842 17.57 34.17 2.55
N LEU A 843 17.74 33.32 1.55
CA LEU A 843 19.01 32.63 1.40
C LEU A 843 19.80 33.15 0.21
N PRO A 844 21.12 33.15 0.31
CA PRO A 844 21.95 33.31 -0.89
C PRO A 844 21.95 32.03 -1.70
N MET A 845 22.73 31.96 -2.76
CA MET A 845 22.85 30.70 -3.49
C MET A 845 24.27 30.20 -3.62
N ARG A 846 25.22 31.06 -3.91
CA ARG A 846 26.62 30.73 -3.83
C ARG A 846 27.23 31.48 -2.67
N VAL A 847 28.01 30.80 -1.84
CA VAL A 847 28.71 31.47 -0.74
C VAL A 847 30.17 31.04 -0.72
N ARG A 848 30.98 31.84 -0.05
CA ARG A 848 32.40 31.58 0.11
C ARG A 848 32.83 31.95 1.52
N ILE A 849 33.98 31.43 1.92
CA ILE A 849 34.58 31.76 3.21
C ILE A 849 35.74 32.72 2.96
N ALA A 850 35.79 33.81 3.74
CA ALA A 850 36.77 34.85 3.55
C ALA A 850 38.06 34.60 4.33
N GLY A 851 37.96 34.45 5.65
CA GLY A 851 39.14 34.32 6.47
C GLY A 851 39.79 32.96 6.41
N LEU A 852 40.29 32.50 7.56
CA LEU A 852 41.00 31.21 7.67
C LEU A 852 42.18 31.13 6.74
N THR A 853 43.08 32.09 6.86
CA THR A 853 44.39 31.97 6.25
C THR A 853 45.17 30.87 6.96
N ASP A 854 46.37 30.62 6.46
CA ASP A 854 47.28 29.86 7.30
C ASP A 854 47.79 30.76 8.41
N GLN A 855 48.23 30.14 9.50
CA GLN A 855 48.91 30.78 10.61
C GLN A 855 47.94 31.60 11.46
N CYS A 856 46.71 31.80 10.99
CA CYS A 856 45.67 32.27 11.90
C CYS A 856 45.22 31.14 12.81
N LEU A 857 45.07 29.93 12.24
CA LEU A 857 44.86 28.74 13.06
C LEU A 857 46.05 28.50 13.97
N ASN A 858 47.24 28.83 13.50
CA ASN A 858 48.44 28.65 14.31
C ASN A 858 48.49 29.61 15.49
N ALA A 859 47.62 30.62 15.52
CA ALA A 859 47.38 31.43 16.71
C ALA A 859 46.07 31.08 17.39
N VAL A 860 45.16 30.39 16.70
CA VAL A 860 43.97 29.87 17.35
C VAL A 860 44.33 28.76 18.33
N ARG A 861 45.27 27.90 17.95
CA ARG A 861 45.75 26.89 18.87
C ARG A 861 46.54 27.50 20.03
N LYS A 862 47.14 28.68 19.84
CA LYS A 862 47.94 29.27 20.92
C LYS A 862 47.06 29.67 22.10
N ALA A 863 45.89 30.25 21.81
CA ALA A 863 45.01 30.68 22.89
C ALA A 863 44.45 29.48 23.65
N ALA A 864 44.20 28.37 22.96
CA ALA A 864 43.74 27.16 23.65
C ALA A 864 44.87 26.51 24.42
N GLU A 865 46.11 26.65 23.96
CA GLU A 865 47.25 26.21 24.76
C GLU A 865 47.39 27.04 26.02
N LYS A 866 47.20 28.36 25.90
CA LYS A 866 47.19 29.23 27.08
C LYS A 866 46.05 28.86 28.02
N SER A 867 44.88 28.57 27.47
CA SER A 867 43.76 28.05 28.24
C SER A 867 44.04 26.60 28.63
N ASN A 868 43.19 26.08 29.50
CA ASN A 868 43.51 24.84 30.20
C ASN A 868 43.22 23.59 29.40
N LYS A 869 42.69 23.72 28.18
CA LYS A 869 42.32 22.56 27.40
C LYS A 869 43.54 21.77 26.94
N GLY A 870 44.59 22.47 26.48
CA GLY A 870 45.79 21.81 26.03
C GLY A 870 45.71 21.26 24.63
N SER A 871 46.84 21.15 23.96
CA SER A 871 46.96 20.53 22.64
C SER A 871 47.56 19.15 22.84
N VAL A 872 46.85 18.11 22.41
CA VAL A 872 47.30 16.75 22.67
C VAL A 872 48.55 16.43 21.85
N ASN A 873 48.51 16.74 20.56
CA ASN A 873 49.54 16.24 19.65
C ASN A 873 49.57 17.17 18.46
N ASP A 874 50.65 17.07 17.68
CA ASP A 874 50.84 17.89 16.50
C ASP A 874 50.70 17.14 15.18
N ASN A 875 50.88 15.82 15.17
CA ASN A 875 50.70 15.08 13.93
C ASN A 875 49.26 15.20 13.46
N ASP A 876 48.31 14.93 14.36
CA ASP A 876 46.90 15.06 14.02
C ASP A 876 46.54 16.50 13.67
N TRP A 877 47.11 17.47 14.38
CA TRP A 877 46.84 18.87 14.10
C TRP A 877 47.28 19.25 12.69
N GLN A 878 48.48 18.82 12.31
CA GLN A 878 48.95 19.06 10.95
C GLN A 878 48.04 18.40 9.93
N LEU A 879 47.72 17.13 10.17
CA LEU A 879 46.88 16.37 9.25
C LEU A 879 45.48 16.91 9.16
N TRP A 880 45.04 17.67 10.15
CA TRP A 880 43.71 18.26 10.15
C TRP A 880 43.71 19.64 9.49
N SER A 881 44.65 20.50 9.89
CA SER A 881 44.74 21.83 9.30
C SER A 881 44.99 21.77 7.81
N THR A 882 45.84 20.84 7.36
CA THR A 882 46.02 20.64 5.94
C THR A 882 44.68 20.46 5.24
N ALA A 883 43.96 19.39 5.56
CA ALA A 883 42.73 19.08 4.87
C ALA A 883 41.61 20.08 5.14
N LEU A 884 41.75 20.93 6.15
CA LEU A 884 40.80 22.03 6.31
C LEU A 884 41.05 23.13 5.29
N LEU A 885 42.32 23.47 5.05
CA LEU A 885 42.59 24.52 4.07
C LEU A 885 42.24 24.13 2.65
N GLU A 886 42.46 22.87 2.23
CA GLU A 886 42.02 22.53 0.89
C GLU A 886 40.51 22.36 0.80
N GLY A 887 39.79 22.41 1.91
CA GLY A 887 38.35 22.43 1.84
C GLY A 887 37.80 23.83 1.74
N ILE A 888 38.44 24.77 2.44
CA ILE A 888 37.97 26.16 2.39
C ILE A 888 38.43 26.85 1.11
N HIS A 889 39.71 26.76 0.79
CA HIS A 889 40.27 27.53 -0.33
C HIS A 889 39.80 26.98 -1.66
N ASP A 890 39.39 27.88 -2.56
CA ASP A 890 38.86 27.52 -3.88
C ASP A 890 37.63 26.61 -3.74
N ALA A 891 36.57 27.16 -3.17
CA ALA A 891 35.32 26.42 -2.99
C ALA A 891 34.19 27.41 -2.93
N GLU A 892 33.25 27.30 -3.86
CA GLU A 892 32.03 28.09 -3.84
C GLU A 892 30.89 27.15 -3.49
N PHE A 893 30.39 27.28 -2.27
CA PHE A 893 29.30 26.43 -1.83
C PHE A 893 28.04 26.79 -2.58
N ARG A 894 27.39 25.78 -3.13
CA ARG A 894 26.17 25.93 -3.90
C ARG A 894 25.01 25.29 -3.17
N PHE A 895 23.87 25.96 -3.19
CA PHE A 895 22.67 25.46 -2.55
C PHE A 895 22.16 24.23 -3.27
N ARG A 896 21.76 23.21 -2.51
CA ARG A 896 21.30 21.95 -3.06
C ARG A 896 19.84 21.65 -2.76
N TYR A 897 19.44 21.60 -1.49
CA TYR A 897 18.08 21.26 -1.10
C TYR A 897 17.86 21.68 0.35
N LEU A 898 16.60 21.53 0.80
CA LEU A 898 16.19 21.87 2.19
C LEU A 898 15.60 20.61 2.85
N LYS A 899 16.11 20.25 4.04
CA LYS A 899 15.66 19.09 4.77
C LYS A 899 14.51 19.49 5.70
N ARG A 900 13.36 18.86 5.52
CA ARG A 900 12.14 19.18 6.27
C ARG A 900 11.99 18.26 7.47
N GLN A 901 13.10 17.81 8.04
CA GLN A 901 13.08 16.96 9.22
C GLN A 901 12.50 17.73 10.38
N SER A 902 12.39 17.12 11.56
CA SER A 902 11.83 17.82 12.71
C SER A 902 12.50 19.17 12.97
N THR A 903 13.65 19.42 12.35
CA THR A 903 14.26 20.74 12.31
C THR A 903 14.67 21.03 10.88
N TRP A 904 14.32 22.20 10.37
CA TRP A 904 14.65 22.57 9.00
C TRP A 904 16.14 22.80 8.86
N THR A 905 16.73 22.35 7.75
CA THR A 905 18.15 22.48 7.54
C THR A 905 18.43 22.70 6.06
N ALA A 906 19.41 23.53 5.75
CA ALA A 906 19.83 23.79 4.38
C ALA A 906 21.25 23.28 4.16
N VAL A 907 21.54 22.81 2.95
CA VAL A 907 22.80 22.12 2.64
C VAL A 907 23.46 22.79 1.44
N TYR A 908 24.78 22.96 1.54
CA TYR A 908 25.59 23.71 0.58
C TYR A 908 26.77 22.84 0.19
N GLU A 909 26.80 22.36 -1.04
CA GLU A 909 27.86 21.48 -1.49
C GLU A 909 28.97 22.28 -2.15
N ALA A 910 30.21 21.89 -1.88
CA ALA A 910 31.37 22.45 -2.55
C ALA A 910 32.10 21.34 -3.30
N ARG A 911 33.30 21.66 -3.77
CA ARG A 911 34.15 20.63 -4.35
C ARG A 911 34.65 19.67 -3.29
N ARG A 912 34.98 20.17 -2.10
CA ARG A 912 35.67 19.35 -1.11
C ARG A 912 35.07 19.45 0.28
N ALA A 913 33.85 19.96 0.43
CA ALA A 913 33.27 20.12 1.76
C ALA A 913 31.75 20.26 1.63
N MET A 914 31.09 20.43 2.77
CA MET A 914 29.67 20.76 2.83
C MET A 914 29.42 21.73 3.97
N LEU A 915 28.36 22.53 3.82
CA LEU A 915 27.95 23.51 4.81
C LEU A 915 26.48 23.32 5.11
N SER A 916 26.10 23.43 6.39
CA SER A 916 24.70 23.18 6.74
C SER A 916 24.18 24.26 7.69
N LEU A 917 23.06 24.85 7.30
CA LEU A 917 22.29 25.74 8.16
C LEU A 917 21.33 24.90 8.98
N VAL A 918 21.50 24.93 10.30
CA VAL A 918 20.85 23.95 11.16
C VAL A 918 19.48 24.44 11.60
N LEU A 919 19.36 25.73 11.91
CA LEU A 919 18.07 26.36 12.18
C LEU A 919 17.32 25.66 13.31
N ARG A 920 18.04 25.39 14.40
CA ARG A 920 17.43 24.72 15.53
C ARG A 920 16.38 25.62 16.17
N ASN A 921 15.48 25.00 16.91
CA ASN A 921 14.46 25.75 17.61
C ASN A 921 15.10 26.70 18.62
N GLN A 922 16.13 26.23 19.31
CA GLN A 922 16.95 27.07 20.17
C GLN A 922 18.38 26.95 19.69
N ILE A 923 19.06 28.09 19.58
CA ILE A 923 20.40 28.18 19.01
C ILE A 923 20.43 27.64 17.59
N PRO A 924 19.86 28.33 16.61
CA PRO A 924 20.13 27.99 15.22
C PRO A 924 21.57 28.35 14.86
N GLU A 925 22.17 27.60 13.94
CA GLU A 925 23.59 27.80 13.69
C GLU A 925 23.98 27.17 12.36
N TRP A 926 25.18 27.51 11.91
CA TRP A 926 25.83 26.93 10.75
C TRP A 926 26.91 25.96 11.22
N ARG A 927 26.97 24.79 10.61
CA ARG A 927 28.03 23.82 10.86
C ARG A 927 28.74 23.49 9.56
N LEU A 928 30.06 23.46 9.59
CA LEU A 928 30.86 23.16 8.41
C LEU A 928 31.50 21.79 8.56
N THR A 929 31.41 20.98 7.51
CA THR A 929 32.02 19.65 7.51
C THR A 929 32.91 19.48 6.28
N ILE A 930 34.07 18.86 6.47
CA ILE A 930 35.08 18.69 5.43
C ILE A 930 35.08 17.24 5.01
N LYS A 931 34.90 16.99 3.72
CA LYS A 931 34.97 15.63 3.21
C LYS A 931 36.41 15.14 3.28
N ALA A 932 36.59 13.93 3.81
CA ALA A 932 37.89 13.30 3.78
C ALA A 932 38.18 12.81 2.37
N PRO A 933 39.46 12.70 1.99
CA PRO A 933 39.80 12.25 0.63
C PRO A 933 39.20 10.91 0.28
N ALA A 934 38.94 10.69 -1.01
CA ALA A 934 38.17 9.52 -1.42
C ALA A 934 38.94 8.22 -1.24
N SER A 935 40.27 8.26 -1.40
CA SER A 935 41.09 7.06 -1.32
C SER A 935 41.76 6.96 0.04
N GLU A 936 40.95 6.61 1.04
CA GLU A 936 41.41 6.57 2.42
C GLU A 936 40.92 5.29 3.08
N PRO A 937 41.77 4.57 3.80
CA PRO A 937 41.32 3.35 4.48
C PRO A 937 40.23 3.64 5.49
N ASN A 938 39.43 2.62 5.79
CA ASN A 938 38.33 2.79 6.73
C ASN A 938 38.85 3.14 8.11
N ASN A 939 39.94 2.53 8.53
CA ASN A 939 40.52 2.80 9.84
C ASN A 939 41.59 3.89 9.74
N SER A 940 41.24 4.99 9.09
CA SER A 940 42.21 6.04 8.88
C SER A 940 42.22 7.01 10.04
N GLN A 941 43.42 7.39 10.46
CA GLN A 941 43.54 8.43 11.47
C GLN A 941 43.00 9.76 10.98
N LEU A 942 43.19 10.08 9.71
CA LEU A 942 42.62 11.31 9.15
C LEU A 942 41.11 11.21 9.02
N ARG A 943 40.61 10.11 8.45
CA ARG A 943 39.18 9.96 8.25
C ARG A 943 38.43 10.00 9.57
N ALA A 944 38.98 9.37 10.60
CA ALA A 944 38.34 9.42 11.91
C ALA A 944 38.20 10.86 12.39
N LEU A 945 39.30 11.61 12.38
CA LEU A 945 39.24 12.97 12.91
C LEU A 945 38.53 13.93 11.99
N LEU A 946 38.20 13.54 10.76
CA LEU A 946 37.34 14.33 9.89
C LEU A 946 35.94 13.73 9.79
N LEU A 947 35.42 13.23 10.90
CA LEU A 947 34.04 12.76 10.92
C LEU A 947 33.07 13.78 11.52
N HIS A 948 33.51 14.54 12.50
CA HIS A 948 32.62 15.54 13.10
C HIS A 948 32.86 16.90 12.49
N PRO A 949 31.78 17.69 12.33
CA PRO A 949 31.92 19.06 11.84
C PRO A 949 33.00 19.87 12.53
N VAL A 950 33.56 20.84 11.82
CA VAL A 950 34.80 21.49 12.21
C VAL A 950 34.66 22.96 12.54
N ALA A 951 33.53 23.59 12.23
CA ALA A 951 33.37 25.00 12.53
C ALA A 951 31.90 25.33 12.71
N ARG A 952 31.67 26.37 13.48
CA ARG A 952 30.42 26.68 14.15
C ARG A 952 30.11 28.15 13.96
N LEU A 953 28.87 28.48 13.62
CA LEU A 953 28.45 29.88 13.50
C LEU A 953 27.12 30.06 14.19
N GLN A 954 27.14 30.73 15.34
CA GLN A 954 25.92 31.03 16.08
C GLN A 954 25.16 32.13 15.36
N ILE A 955 23.98 31.81 14.82
CA ILE A 955 23.15 32.85 14.23
C ILE A 955 22.77 33.85 15.32
N ASP A 956 22.92 35.13 15.02
CA ASP A 956 22.55 36.17 15.98
C ASP A 956 21.05 36.37 15.94
N ILE A 957 20.38 36.13 17.06
CA ILE A 957 18.94 36.34 17.17
C ILE A 957 18.60 37.81 16.97
N ALA A 958 19.46 38.71 17.44
CA ALA A 958 19.22 40.14 17.23
C ALA A 958 19.29 40.50 15.76
N GLY A 959 20.28 39.98 15.04
CA GLY A 959 20.47 40.37 13.66
C GLY A 959 19.43 39.76 12.74
N GLN A 960 18.85 40.61 11.89
CA GLN A 960 17.81 40.18 10.97
C GLN A 960 18.35 39.36 9.80
N ASP A 961 19.66 39.35 9.57
CA ASP A 961 20.25 38.57 8.50
C ASP A 961 20.60 37.16 8.96
N VAL A 962 20.57 36.22 8.02
CA VAL A 962 20.87 34.82 8.34
C VAL A 962 22.34 34.63 8.68
N LEU A 963 23.21 35.10 7.81
CA LEU A 963 24.65 34.87 7.91
C LEU A 963 25.30 36.02 8.68
N CYS A 964 25.66 35.76 9.93
CA CYS A 964 26.25 36.78 10.80
C CYS A 964 26.77 36.11 12.07
N GLY A 965 27.90 36.61 12.57
CA GLY A 965 28.41 36.17 13.84
C GLY A 965 29.86 35.72 13.79
N PRO A 966 30.32 35.10 14.87
CA PRO A 966 31.69 34.59 14.92
C PRO A 966 31.75 33.12 14.53
N TRP A 967 32.96 32.66 14.22
CA TRP A 967 33.14 31.26 13.84
C TRP A 967 34.01 30.56 14.87
N GLU A 968 33.45 29.56 15.53
CA GLU A 968 34.16 28.81 16.55
C GLU A 968 34.63 27.48 15.97
N LEU A 969 35.86 27.13 16.27
CA LEU A 969 36.52 25.97 15.70
C LEU A 969 36.54 24.83 16.70
N CYS A 970 36.31 23.61 16.20
CA CYS A 970 36.37 22.41 17.03
C CYS A 970 37.76 21.79 16.88
N ILE A 971 38.71 22.35 17.61
CA ILE A 971 40.09 21.87 17.54
C ILE A 971 40.15 20.43 18.05
N PRO A 972 40.79 19.51 17.36
CA PRO A 972 40.86 18.14 17.88
C PRO A 972 41.82 18.00 19.05
N SER A 973 41.30 17.89 20.27
CA SER A 973 42.15 17.72 21.44
C SER A 973 41.41 16.81 22.40
N MET A 974 41.70 15.52 22.34
CA MET A 974 41.05 14.56 23.22
C MET A 974 41.50 14.77 24.66
N LYS A 975 40.59 14.49 25.59
CA LYS A 975 40.89 14.75 27.00
C LYS A 975 40.50 13.55 27.85
N THR A 976 41.33 13.28 28.84
CA THR A 976 41.10 12.24 29.83
C THR A 976 40.68 12.90 31.13
N ILE A 977 39.52 12.48 31.66
CA ILE A 977 39.03 12.96 32.94
C ILE A 977 38.43 11.78 33.69
N ASP A 978 38.36 11.90 35.01
CA ASP A 978 37.82 10.84 35.84
C ASP A 978 36.52 11.29 36.49
N ILE A 979 35.54 10.38 36.54
CA ILE A 979 34.17 10.72 36.94
C ILE A 979 33.75 9.76 38.04
N GLU A 980 32.68 10.14 38.75
CA GLU A 980 32.12 9.34 39.83
C GLU A 980 30.61 9.22 39.64
N ILE A 981 30.16 8.11 39.11
CA ILE A 981 28.74 7.83 38.96
C ILE A 981 28.19 7.32 40.27
N THR A 982 27.07 7.86 40.72
CA THR A 982 26.37 7.37 41.91
C THR A 982 24.97 6.93 41.52
N GLY A 983 24.56 5.75 41.97
CA GLY A 983 23.23 5.28 41.71
C GLY A 983 22.32 5.35 42.93
N LYS A 984 21.29 6.18 42.88
CA LYS A 984 20.36 6.34 43.98
C LYS A 984 18.95 6.40 43.45
N GLY A 985 17.98 6.21 44.36
CA GLY A 985 16.58 6.24 44.03
C GLY A 985 15.97 4.86 44.13
N GLU A 986 14.74 4.75 43.64
CA GLU A 986 14.06 3.46 43.63
C GLU A 986 14.67 2.55 42.58
N LEU A 987 14.71 1.25 42.89
CA LEU A 987 15.14 0.24 41.93
C LEU A 987 13.97 -0.15 41.05
N LEU A 988 14.23 -0.33 39.76
CA LEU A 988 13.29 -0.62 38.71
C LEU A 988 13.74 -1.84 37.94
N PRO A 989 12.81 -2.61 37.37
CA PRO A 989 13.21 -3.73 36.52
C PRO A 989 14.04 -3.23 35.34
N SER A 990 15.15 -3.93 35.09
CA SER A 990 16.09 -3.50 34.06
C SER A 990 15.44 -3.60 32.70
N TRP A 991 16.21 -3.20 31.68
CA TRP A 991 15.68 -3.28 30.32
C TRP A 991 15.41 -4.73 29.93
N GLN A 992 16.35 -5.63 30.22
CA GLN A 992 16.15 -7.04 29.90
C GLN A 992 15.01 -7.63 30.71
N ALA A 993 14.87 -7.25 31.98
CA ALA A 993 13.76 -7.71 32.78
C ALA A 993 12.43 -7.24 32.19
N SER A 994 12.38 -6.00 31.72
CA SER A 994 11.16 -5.47 31.12
C SER A 994 10.82 -6.18 29.82
N LEU A 995 11.83 -6.59 29.05
CA LEU A 995 11.57 -7.52 27.97
C LEU A 995 11.15 -8.89 28.46
N GLY A 996 11.48 -9.23 29.70
CA GLY A 996 11.02 -10.48 30.28
C GLY A 996 11.89 -11.68 30.03
N LEU A 997 13.19 -11.48 29.78
CA LEU A 997 14.08 -12.61 29.60
C LEU A 997 14.14 -13.43 30.88
N GLN A 998 14.31 -14.75 30.73
CA GLN A 998 14.16 -15.66 31.86
C GLN A 998 15.46 -16.30 32.32
N GLY A 999 16.60 -15.93 31.75
CA GLY A 999 17.87 -16.48 32.17
C GLY A 999 18.35 -15.81 33.44
N PRO A 1000 19.63 -15.44 33.47
CA PRO A 1000 20.10 -14.54 34.54
C PRO A 1000 19.42 -13.19 34.50
N PHE A 1001 18.73 -12.87 33.42
CA PHE A 1001 17.91 -11.68 33.28
C PHE A 1001 16.49 -11.92 33.74
N ALA A 1002 16.25 -12.94 34.56
CA ALA A 1002 14.91 -13.18 35.08
C ALA A 1002 14.43 -12.01 35.92
N ASN A 1003 15.28 -11.53 36.82
CA ASN A 1003 14.97 -10.34 37.61
C ASN A 1003 16.27 -9.59 37.84
N THR A 1004 16.35 -8.36 37.35
CA THR A 1004 17.52 -7.54 37.55
C THR A 1004 17.10 -6.09 37.72
N THR A 1005 17.74 -5.39 38.65
CA THR A 1005 17.29 -4.08 39.10
C THR A 1005 18.29 -3.00 38.75
N ARG A 1006 17.77 -1.82 38.43
CA ARG A 1006 18.57 -0.67 38.04
C ARG A 1006 17.96 0.57 38.68
N TRP A 1007 18.78 1.59 38.90
CA TRP A 1007 18.29 2.72 39.67
C TRP A 1007 17.44 3.65 38.83
N SER A 1008 16.64 4.47 39.51
CA SER A 1008 15.84 5.47 38.83
C SER A 1008 16.48 6.85 38.79
N GLU A 1009 17.59 7.06 39.46
CA GLU A 1009 18.32 8.31 39.36
C GLU A 1009 19.81 8.00 39.30
N VAL A 1010 20.57 8.93 38.73
CA VAL A 1010 22.03 8.79 38.66
C VAL A 1010 22.66 10.11 39.04
N GLU A 1011 23.53 10.10 40.04
CA GLU A 1011 24.14 11.32 40.54
C GLU A 1011 25.59 11.38 40.07
N ILE A 1012 25.87 12.28 39.15
CA ILE A 1012 27.15 12.34 38.45
C ILE A 1012 28.05 13.36 39.13
N SER A 1013 29.33 13.03 39.28
CA SER A 1013 30.26 13.84 40.04
C SER A 1013 31.52 14.09 39.21
N LEU A 1014 31.85 15.37 38.99
CA LEU A 1014 33.06 15.75 38.28
C LEU A 1014 33.87 16.74 39.09
N GLN A 1015 35.17 16.79 38.77
CA GLN A 1015 36.08 17.73 39.40
C GLN A 1015 35.77 19.15 38.95
N ALA A 1016 36.06 20.12 39.84
CA ALA A 1016 35.77 21.53 39.63
C ALA A 1016 36.36 22.09 38.33
N GLU A 1017 37.69 22.09 38.21
CA GLU A 1017 38.31 22.57 36.98
C GLU A 1017 37.95 21.68 35.79
N ASP A 1018 37.92 20.36 36.01
CA ASP A 1018 37.53 19.43 34.96
C ASP A 1018 36.07 19.60 34.56
N GLU A 1019 35.30 20.33 35.35
CA GLU A 1019 33.98 20.80 34.95
C GLU A 1019 34.03 22.15 34.26
N ASN A 1020 34.89 23.06 34.73
CA ASN A 1020 34.91 24.42 34.20
C ASN A 1020 35.43 24.46 32.77
N THR A 1021 36.38 23.59 32.44
CA THR A 1021 36.89 23.57 31.07
C THR A 1021 35.80 23.19 30.07
N LEU A 1022 34.96 22.23 30.43
CA LEU A 1022 33.82 21.89 29.58
C LEU A 1022 32.76 22.97 29.66
N ASP A 1023 32.09 23.22 28.54
CA ASP A 1023 31.35 24.47 28.37
C ASP A 1023 30.00 24.50 29.08
N ARG A 1024 29.52 23.36 29.57
CA ARG A 1024 28.09 23.21 29.81
C ARG A 1024 27.71 22.97 31.27
N LYS A 1025 28.67 22.78 32.18
CA LYS A 1025 28.37 22.54 33.59
C LYS A 1025 27.46 21.31 33.74
N LEU A 1026 28.07 20.17 33.44
CA LEU A 1026 27.35 18.95 33.17
C LEU A 1026 27.17 18.05 34.40
N SER A 1027 27.52 18.51 35.60
CA SER A 1027 27.40 17.70 36.80
C SER A 1027 26.09 18.01 37.54
N GLY A 1028 25.34 16.96 37.87
CA GLY A 1028 24.07 17.10 38.56
C GLY A 1028 23.48 15.77 38.95
N THR A 1029 22.15 15.66 38.95
CA THR A 1029 21.47 14.38 39.13
C THR A 1029 20.49 14.21 37.97
N TYR A 1030 20.46 13.01 37.38
CA TYR A 1030 19.74 12.81 36.14
C TYR A 1030 18.66 11.77 36.44
N GLN A 1031 17.42 12.13 36.17
CA GLN A 1031 16.31 11.25 36.47
C GLN A 1031 15.98 10.39 35.27
N LEU A 1032 15.73 9.10 35.51
CA LEU A 1032 15.47 8.19 34.41
C LEU A 1032 14.02 8.32 33.96
N LEU A 1033 13.79 8.10 32.67
CA LEU A 1033 12.49 8.35 32.04
C LEU A 1033 12.05 7.09 31.30
N PRO A 1034 11.71 6.03 32.04
CA PRO A 1034 11.59 4.71 31.42
C PRO A 1034 10.53 4.62 30.35
N ARG A 1035 9.46 5.39 30.48
CA ARG A 1035 8.43 5.39 29.44
C ARG A 1035 8.95 6.04 28.16
N CYS A 1036 9.76 7.10 28.30
CA CYS A 1036 10.40 7.75 27.16
C CYS A 1036 11.46 6.83 26.58
N GLY A 1037 11.18 6.25 25.43
CA GLY A 1037 12.07 5.25 24.87
C GLY A 1037 13.40 5.84 24.44
N GLN A 1038 14.36 4.95 24.26
CA GLN A 1038 15.70 5.25 23.74
C GLN A 1038 16.39 3.91 23.57
N ALA A 1039 17.69 3.94 23.28
CA ALA A 1039 18.48 2.71 23.31
C ALA A 1039 18.52 2.17 24.72
N MET A 1040 18.08 0.92 24.88
CA MET A 1040 18.04 0.25 26.19
C MET A 1040 17.21 1.02 27.21
N SER A 1041 16.21 1.76 26.74
CA SER A 1041 15.32 2.55 27.59
C SER A 1041 16.10 3.36 28.61
N SER A 1042 16.90 4.29 28.10
CA SER A 1042 17.97 4.88 28.89
C SER A 1042 17.87 6.39 29.00
N LEU A 1043 16.77 7.00 28.60
CA LEU A 1043 16.71 8.45 28.55
C LEU A 1043 16.73 9.02 29.95
N HIS A 1044 17.85 9.58 30.36
CA HIS A 1044 17.96 10.32 31.60
C HIS A 1044 17.88 11.80 31.30
N LYS A 1045 17.06 12.52 32.08
CA LYS A 1045 16.88 13.95 31.88
C LYS A 1045 17.54 14.70 33.02
N LYS A 1046 18.29 15.74 32.67
CA LYS A 1046 18.84 16.68 33.63
C LYS A 1046 17.74 17.32 34.47
N ARG A 1047 17.92 17.32 35.78
CA ARG A 1047 17.07 18.13 36.63
C ARG A 1047 17.29 19.61 36.36
N PRO A 1048 16.24 20.42 36.48
CA PRO A 1048 16.43 21.88 36.41
C PRO A 1048 17.40 22.34 37.49
N ASP A 1049 18.37 23.15 37.09
CA ASP A 1049 19.42 23.60 37.99
C ASP A 1049 19.52 25.12 37.94
N LEU A 1050 20.41 25.66 38.77
CA LEU A 1050 20.69 27.08 38.75
C LEU A 1050 21.71 27.44 37.68
N SER A 1051 21.53 28.63 37.11
CA SER A 1051 22.46 29.32 36.22
C SER A 1051 22.53 28.71 34.83
N ASP A 1052 21.96 27.53 34.64
CA ASP A 1052 21.64 27.04 33.31
C ASP A 1052 20.18 27.33 33.00
N ASP A 1053 19.77 28.58 33.23
CA ASP A 1053 18.36 28.91 33.18
C ASP A 1053 17.85 28.96 31.73
N GLY A 1054 18.40 29.85 30.92
CA GLY A 1054 18.01 29.87 29.53
C GLY A 1054 19.03 29.15 28.68
N LEU A 1055 18.74 27.87 28.39
CA LEU A 1055 19.61 26.96 27.65
C LEU A 1055 18.81 25.70 27.35
N PRO A 1056 19.11 24.99 26.27
CA PRO A 1056 18.33 23.80 25.92
C PRO A 1056 18.54 22.68 26.92
N GLN A 1057 17.53 21.84 27.05
CA GLN A 1057 17.57 20.73 28.00
C GLN A 1057 18.61 19.71 27.57
N LEU A 1058 19.39 19.21 28.53
CA LEU A 1058 20.50 18.31 28.27
C LEU A 1058 20.13 16.92 28.72
N TYR A 1059 20.16 15.96 27.79
CA TYR A 1059 19.81 14.58 28.09
C TYR A 1059 21.06 13.70 28.09
N PHE A 1060 20.97 12.59 28.81
CA PHE A 1060 22.05 11.62 28.92
C PHE A 1060 21.48 10.24 28.68
N PHE A 1061 21.98 9.55 27.66
CA PHE A 1061 21.42 8.28 27.25
C PHE A 1061 22.52 7.48 26.55
N LEU A 1062 22.13 6.39 25.93
CA LEU A 1062 23.06 5.50 25.23
C LEU A 1062 22.82 5.62 23.73
N ASP A 1063 23.88 5.73 22.96
CA ASP A 1063 23.63 5.73 21.51
C ASP A 1063 24.59 4.80 20.78
N PRO A 1064 24.09 3.73 20.23
CA PRO A 1064 24.95 2.84 19.44
C PRO A 1064 25.51 3.49 18.19
N THR A 1065 26.35 2.76 17.46
CA THR A 1065 27.08 3.32 16.34
C THR A 1065 26.61 2.77 14.99
N ARG A 1066 25.46 2.11 14.94
CA ARG A 1066 24.83 1.57 13.74
C ARG A 1066 25.61 0.39 13.15
N CYS A 1067 26.80 0.14 13.67
CA CYS A 1067 27.67 -0.92 13.20
C CYS A 1067 28.72 -1.15 14.27
N GLY A 1068 29.23 -2.37 14.32
CA GLY A 1068 30.29 -2.68 15.25
C GLY A 1068 29.79 -3.37 16.51
N GLU A 1069 30.76 -3.80 17.31
CA GLU A 1069 30.49 -4.66 18.45
C GLU A 1069 29.73 -3.89 19.53
N SER A 1070 29.08 -4.63 20.42
CA SER A 1070 28.36 -4.02 21.53
C SER A 1070 29.24 -3.08 22.32
N ARG A 1071 30.49 -3.46 22.54
CA ARG A 1071 31.41 -2.66 23.35
C ARG A 1071 31.78 -1.35 22.65
N GLU A 1072 31.28 -1.16 21.43
CA GLU A 1072 31.41 0.14 20.80
C GLU A 1072 30.42 1.14 21.38
N ASP A 1073 29.20 0.69 21.69
CA ASP A 1073 28.13 1.60 22.05
C ASP A 1073 28.42 2.26 23.38
N ARG A 1074 28.14 3.56 23.49
CA ARG A 1074 28.49 4.28 24.70
C ARG A 1074 27.35 5.13 25.23
N TYR A 1075 27.66 5.98 26.22
CA TYR A 1075 26.68 6.95 26.75
C TYR A 1075 26.95 8.29 26.05
N VAL A 1076 25.90 8.92 25.49
CA VAL A 1076 26.03 10.14 24.62
C VAL A 1076 26.21 11.45 25.42
N PHE A 1077 25.41 11.67 26.47
CA PHE A 1077 25.44 12.91 27.25
C PHE A 1077 25.37 14.14 26.32
N SER A 1078 24.24 14.27 25.64
CA SER A 1078 24.06 15.24 24.55
C SER A 1078 22.99 16.25 24.90
N THR A 1079 22.58 17.04 23.91
CA THR A 1079 21.49 17.99 24.05
C THR A 1079 20.32 17.76 23.11
N SER A 1080 20.38 16.75 22.25
CA SER A 1080 19.30 16.45 21.32
C SER A 1080 19.11 14.96 21.24
N THR A 1081 17.86 14.54 21.03
CA THR A 1081 17.53 13.12 20.95
C THR A 1081 16.84 12.76 19.65
N GLU A 1082 17.03 13.54 18.60
CA GLU A 1082 16.32 13.32 17.36
C GLU A 1082 16.81 12.07 16.65
N ARG A 1083 15.89 11.31 16.08
CA ARG A 1083 16.30 10.17 15.26
C ARG A 1083 17.03 10.67 14.02
N LEU A 1084 18.33 10.39 13.96
CA LEU A 1084 19.16 10.93 12.90
C LEU A 1084 19.11 10.04 11.68
N ASP A 1085 19.97 10.33 10.71
CA ASP A 1085 20.07 9.65 9.43
C ASP A 1085 21.51 9.23 9.19
N TYR A 1086 21.72 8.46 8.13
CA TYR A 1086 23.08 8.06 7.79
C TYR A 1086 23.86 9.26 7.29
N GLY A 1087 25.07 9.42 7.82
CA GLY A 1087 25.89 10.55 7.45
C GLY A 1087 25.66 11.80 8.26
N THR A 1088 24.66 11.82 9.13
CA THR A 1088 24.45 12.92 10.05
C THR A 1088 24.96 12.52 11.42
N GLU A 1089 25.71 13.42 12.04
CA GLU A 1089 26.31 13.15 13.33
C GLU A 1089 25.61 13.94 14.42
N ARG A 1090 25.58 13.37 15.61
CA ARG A 1090 24.96 14.01 16.75
C ARG A 1090 25.90 15.03 17.37
N PRO A 1091 25.42 16.22 17.67
CA PRO A 1091 26.25 17.22 18.34
C PRO A 1091 26.33 17.02 19.85
N VAL A 1092 27.28 16.21 20.32
CA VAL A 1092 27.28 15.72 21.67
C VAL A 1092 28.28 16.51 22.51
N ILE A 1093 28.19 16.38 23.83
CA ILE A 1093 28.95 17.21 24.75
C ILE A 1093 30.16 16.49 25.31
N ALA A 1094 29.99 15.22 25.68
CA ALA A 1094 31.08 14.40 26.21
C ALA A 1094 30.63 12.95 26.20
N ARG A 1095 31.50 12.07 25.74
CA ARG A 1095 31.17 10.65 25.74
C ARG A 1095 31.69 9.98 27.00
N LEU A 1096 31.12 8.84 27.33
CA LEU A 1096 31.46 8.12 28.54
C LEU A 1096 32.03 6.76 28.15
N ASP A 1097 32.75 6.12 29.07
CA ASP A 1097 33.37 4.84 28.80
C ASP A 1097 32.34 3.82 28.33
N SER A 1098 32.80 2.84 27.58
CA SER A 1098 31.90 1.90 26.92
C SER A 1098 31.66 0.65 27.74
N HIS A 1099 32.08 0.63 29.00
CA HIS A 1099 31.96 -0.52 29.88
C HIS A 1099 31.14 -0.16 31.11
N TRP A 1100 30.05 0.58 30.90
CA TRP A 1100 29.19 1.04 32.02
C TRP A 1100 27.85 0.31 31.96
N ARG A 1101 27.19 0.36 30.78
CA ARG A 1101 25.88 -0.30 30.58
C ARG A 1101 24.94 0.11 31.71
N GLU A 1102 24.80 -0.74 32.74
CA GLU A 1102 23.89 -0.49 33.85
C GLU A 1102 24.39 -1.25 35.06
N GLY A 1103 23.64 -1.16 36.15
CA GLY A 1103 23.96 -1.91 37.34
C GLY A 1103 22.96 -1.58 38.44
N ASN A 1104 23.35 -1.90 39.66
CA ASN A 1104 22.64 -1.47 40.86
C ASN A 1104 23.61 -1.10 41.97
N GLU A 1105 24.87 -0.86 41.63
CA GLU A 1105 25.91 -0.59 42.61
C GLU A 1105 25.79 0.84 43.13
N LYS A 1106 26.47 1.09 44.26
CA LYS A 1106 26.30 2.38 44.95
C LYS A 1106 26.99 3.49 44.19
N GLN A 1107 28.31 3.39 44.03
CA GLN A 1107 29.03 4.32 43.19
C GLN A 1107 30.32 3.66 42.73
N ARG A 1108 30.89 4.21 41.66
CA ARG A 1108 32.05 3.59 41.04
C ARG A 1108 32.82 4.64 40.27
N LYS A 1109 34.06 4.31 39.95
CA LYS A 1109 34.91 5.17 39.13
C LYS A 1109 34.78 4.77 37.67
N VAL A 1110 34.51 5.75 36.80
CA VAL A 1110 34.36 5.55 35.37
C VAL A 1110 35.15 6.65 34.69
N LYS A 1111 35.54 6.42 33.44
CA LYS A 1111 36.36 7.37 32.70
C LYS A 1111 35.53 8.03 31.61
N LEU A 1112 35.43 9.35 31.66
CA LEU A 1112 34.72 10.14 30.67
C LEU A 1112 35.74 10.69 29.70
N ASP A 1113 35.33 10.87 28.43
CA ASP A 1113 36.23 11.41 27.42
C ASP A 1113 35.51 12.44 26.55
N VAL A 1114 36.15 13.59 26.38
CA VAL A 1114 35.68 14.65 25.51
C VAL A 1114 36.85 15.09 24.64
N SER A 1115 36.58 15.36 23.36
CA SER A 1115 37.66 15.53 22.40
C SER A 1115 37.55 16.77 21.53
N GLY A 1116 36.42 17.48 21.54
CA GLY A 1116 36.27 18.66 20.72
C GLY A 1116 36.11 19.93 21.50
N ALA A 1117 37.13 20.79 21.46
CA ALA A 1117 37.12 22.06 22.14
C ALA A 1117 36.86 23.16 21.11
N TRP A 1118 35.76 23.90 21.30
CA TRP A 1118 35.45 25.01 20.41
C TRP A 1118 36.15 26.26 20.90
N VAL A 1119 36.72 27.01 19.96
CA VAL A 1119 37.52 28.20 20.24
C VAL A 1119 37.06 29.30 19.29
N LYS A 1120 36.99 30.53 19.78
CA LYS A 1120 36.45 31.60 18.96
C LYS A 1120 37.39 31.95 17.80
N CYS A 1121 36.79 32.52 16.74
CA CYS A 1121 37.47 32.93 15.52
C CYS A 1121 36.74 34.10 14.88
N PRO A 1122 37.32 35.30 14.96
CA PRO A 1122 36.68 36.47 14.33
C PRO A 1122 37.06 36.66 12.87
N GLU A 1123 38.17 36.09 12.43
CA GLU A 1123 38.67 36.35 11.08
C GLU A 1123 37.81 35.69 10.00
N ALA A 1124 37.09 34.63 10.33
CA ALA A 1124 36.22 33.99 9.35
C ALA A 1124 35.07 34.91 8.97
N HIS A 1125 34.73 34.87 7.69
CA HIS A 1125 33.53 35.54 7.20
C HIS A 1125 32.87 34.64 6.17
N LEU A 1126 31.56 34.69 6.12
CA LEU A 1126 30.80 33.96 5.12
C LEU A 1126 30.15 35.00 4.23
N THR A 1127 30.44 34.96 2.94
CA THR A 1127 30.04 36.02 2.02
C THR A 1127 29.21 35.43 0.89
N ALA A 1128 28.16 36.15 0.51
CA ALA A 1128 27.36 35.77 -0.64
C ALA A 1128 28.12 36.07 -1.93
N ILE A 1129 27.60 35.52 -3.02
CA ILE A 1129 28.24 35.59 -4.34
C ILE A 1129 29.67 35.06 -4.28
N ARG A 1150 25.64 40.24 -13.58
CA ARG A 1150 25.14 40.48 -14.93
C ARG A 1150 24.41 39.27 -15.54
N ALA A 1151 23.90 38.41 -14.66
CA ALA A 1151 23.05 37.32 -15.09
C ALA A 1151 21.77 37.87 -15.70
N THR A 1152 21.19 37.11 -16.63
CA THR A 1152 19.92 37.49 -17.23
C THR A 1152 19.02 36.26 -17.24
N PHE A 1153 17.79 36.45 -17.75
CA PHE A 1153 16.94 35.33 -18.09
C PHE A 1153 15.76 35.82 -18.91
N ALA A 1154 15.40 35.05 -19.93
CA ALA A 1154 14.38 35.46 -20.90
C ALA A 1154 13.05 34.78 -20.56
N ILE A 1155 12.39 35.30 -19.53
CA ILE A 1155 10.99 34.94 -19.34
C ILE A 1155 10.19 35.48 -20.52
N PRO A 1156 9.41 34.65 -21.21
CA PRO A 1156 8.64 35.18 -22.35
C PRO A 1156 7.62 36.22 -21.92
N SER A 1157 6.91 35.96 -20.82
CA SER A 1157 5.89 36.82 -20.22
C SER A 1157 4.89 37.36 -21.23
N SER A 1158 4.67 36.66 -22.33
CA SER A 1158 3.71 37.08 -23.36
C SER A 1158 3.20 35.79 -24.00
N ALA A 1159 2.07 35.29 -23.50
CA ALA A 1159 1.55 34.01 -23.97
C ALA A 1159 1.12 34.06 -25.44
N SER A 1160 0.97 35.25 -26.02
CA SER A 1160 0.56 35.39 -27.39
C SER A 1160 1.71 35.55 -28.36
N ALA A 1161 2.86 36.04 -27.88
CA ALA A 1161 4.02 36.18 -28.76
C ALA A 1161 4.48 34.82 -29.27
N ILE A 1162 4.44 33.80 -28.41
CA ILE A 1162 4.74 32.44 -28.86
C ILE A 1162 3.66 31.95 -29.83
N SER A 1163 2.40 32.12 -29.46
CA SER A 1163 1.31 31.58 -30.25
C SER A 1163 1.29 32.18 -31.65
N ALA A 1164 1.70 33.44 -31.78
CA ALA A 1164 1.78 34.05 -33.10
C ALA A 1164 2.85 33.38 -33.95
N SER A 1165 4.04 33.19 -33.40
CA SER A 1165 5.15 32.63 -34.16
C SER A 1165 5.06 31.12 -34.33
N LEU A 1166 4.10 30.48 -33.68
CA LEU A 1166 3.91 29.03 -33.85
C LEU A 1166 3.36 28.73 -35.24
N THR A 1167 3.92 27.74 -35.89
CA THR A 1167 3.54 27.35 -37.24
C THR A 1167 3.32 25.85 -37.33
N THR A 1168 2.41 25.47 -38.21
CA THR A 1168 2.23 24.06 -38.52
C THR A 1168 3.49 23.50 -39.18
N GLU A 1169 3.63 22.17 -39.13
CA GLU A 1169 4.86 21.43 -39.41
C GLU A 1169 6.09 22.10 -38.78
N GLY A 1170 5.90 22.75 -37.64
CA GLY A 1170 7.00 23.30 -36.88
C GLY A 1170 7.38 22.34 -35.76
N CYS A 1171 6.97 21.09 -35.91
CA CYS A 1171 7.23 20.08 -34.89
C CYS A 1171 8.71 19.84 -34.70
N SER A 1172 9.51 20.10 -35.72
CA SER A 1172 10.95 19.89 -35.62
C SER A 1172 11.59 20.82 -34.61
N HIS A 1173 10.99 21.98 -34.36
CA HIS A 1173 11.61 23.04 -33.61
C HIS A 1173 11.00 23.16 -32.21
N ALA A 1174 11.82 23.63 -31.27
CA ALA A 1174 11.44 23.72 -29.87
C ALA A 1174 11.27 25.20 -29.52
N MET A 1175 10.03 25.59 -29.26
CA MET A 1175 9.75 27.00 -28.96
C MET A 1175 10.38 27.38 -27.63
N ALA A 1176 11.26 28.37 -27.67
CA ALA A 1176 12.08 28.72 -26.52
C ALA A 1176 11.19 29.32 -25.44
N LEU A 1177 11.12 28.65 -24.29
CA LEU A 1177 10.42 29.18 -23.14
C LEU A 1177 11.34 29.85 -22.13
N LEU A 1178 12.63 29.54 -22.13
CA LEU A 1178 13.48 30.18 -21.15
C LEU A 1178 14.91 30.16 -21.64
N SER A 1179 15.64 31.19 -21.24
CA SER A 1179 17.06 31.30 -21.52
C SER A 1179 17.71 31.90 -20.29
N CYS A 1180 19.02 31.73 -20.17
CA CYS A 1180 19.71 32.34 -19.04
C CYS A 1180 21.16 32.58 -19.40
N ARG A 1181 21.77 33.52 -18.70
CA ARG A 1181 23.19 33.81 -18.78
C ARG A 1181 23.71 34.07 -17.39
N VAL A 1182 24.74 33.33 -16.99
CA VAL A 1182 25.29 33.45 -15.64
C VAL A 1182 26.81 33.39 -15.67
N PRO A 1183 27.50 34.23 -14.92
CA PRO A 1183 28.97 34.18 -14.90
C PRO A 1183 29.48 33.02 -14.06
N LEU A 1184 30.28 32.16 -14.68
CA LEU A 1184 30.93 31.04 -14.02
C LEU A 1184 32.43 31.28 -14.02
N ASP A 1185 33.14 30.46 -13.26
CA ASP A 1185 34.60 30.40 -13.39
C ASP A 1185 34.92 29.26 -14.34
N PRO A 1186 35.51 29.51 -15.51
CA PRO A 1186 35.88 28.40 -16.40
C PRO A 1186 36.87 27.46 -15.77
N THR A 1187 37.68 27.94 -14.84
CA THR A 1187 38.55 27.08 -14.06
C THR A 1187 37.78 26.44 -12.92
N HIS A 1188 38.26 25.26 -12.51
CA HIS A 1188 37.62 24.37 -11.55
C HIS A 1188 36.13 24.19 -11.83
N SER A 1189 35.76 24.23 -13.10
CA SER A 1189 34.36 24.07 -13.51
C SER A 1189 34.16 22.68 -14.08
N GLU A 1190 32.91 22.23 -14.05
CA GLU A 1190 32.59 20.87 -14.42
C GLU A 1190 31.98 20.80 -15.82
N SER A 1191 31.85 19.57 -16.32
CA SER A 1191 31.78 19.29 -17.75
C SER A 1191 30.35 19.25 -18.27
N MET A 1192 29.37 19.60 -17.45
CA MET A 1192 28.00 19.71 -17.94
C MET A 1192 27.90 20.78 -19.01
N TRP A 1193 28.54 21.92 -18.80
CA TRP A 1193 28.61 22.97 -19.78
C TRP A 1193 29.56 22.55 -20.89
N ARG A 1194 29.27 23.00 -22.11
CA ARG A 1194 30.10 22.68 -23.25
C ARG A 1194 30.75 23.95 -23.78
N ARG A 1195 32.05 23.88 -24.01
CA ARG A 1195 32.80 25.02 -24.53
C ARG A 1195 32.62 25.07 -26.04
N GLY A 1196 32.08 26.18 -26.53
CA GLY A 1196 32.01 26.42 -27.95
C GLY A 1196 30.63 26.36 -28.56
N ALA A 1197 29.82 25.37 -28.19
CA ALA A 1197 28.53 25.22 -28.83
C ALA A 1197 27.56 24.52 -27.89
N TRP A 1198 26.27 24.67 -28.20
CA TRP A 1198 25.22 24.07 -27.40
C TRP A 1198 25.41 22.57 -27.30
N ALA A 1199 25.39 22.06 -26.08
CA ALA A 1199 25.29 20.63 -25.81
C ALA A 1199 23.91 20.35 -25.25
N GLU A 1200 23.21 19.42 -25.87
CA GLU A 1200 21.95 18.96 -25.32
C GLU A 1200 22.25 18.01 -24.18
N ILE A 1201 21.29 17.84 -23.28
CA ILE A 1201 21.44 16.90 -22.18
C ILE A 1201 20.19 16.02 -22.14
N ASP A 1202 20.38 14.72 -22.31
CA ASP A 1202 19.25 13.81 -22.36
C ASP A 1202 18.65 13.70 -20.98
N LEU A 1203 17.41 14.13 -20.86
CA LEU A 1203 16.76 14.17 -19.55
C LEU A 1203 16.59 12.78 -18.97
N SER A 1204 16.15 11.82 -19.79
CA SER A 1204 15.79 10.49 -19.29
C SER A 1204 16.94 9.84 -18.54
N HIS A 1205 18.18 10.15 -18.91
CA HIS A 1205 19.29 9.51 -18.23
C HIS A 1205 20.25 10.48 -17.55
N GLN A 1206 20.04 11.78 -17.62
CA GLN A 1206 20.91 12.70 -16.89
C GLN A 1206 20.18 13.84 -16.21
N GLY A 1207 18.85 13.83 -16.19
CA GLY A 1207 18.12 15.01 -15.78
C GLY A 1207 18.19 15.26 -14.30
N ASN A 1208 18.15 14.19 -13.50
CA ASN A 1208 18.16 14.38 -12.06
C ASN A 1208 19.47 15.00 -11.61
N THR A 1209 20.59 14.47 -12.09
CA THR A 1209 21.89 15.05 -11.78
C THR A 1209 22.03 16.46 -12.35
N THR A 1210 21.59 16.65 -13.59
CA THR A 1210 21.71 17.96 -14.22
C THR A 1210 20.97 19.01 -13.43
N PHE A 1211 19.68 18.79 -13.19
CA PHE A 1211 18.89 19.76 -12.46
C PHE A 1211 19.25 19.83 -10.99
N ALA A 1212 19.95 18.84 -10.45
CA ALA A 1212 20.47 18.97 -9.10
C ALA A 1212 21.70 19.84 -9.04
N ASN A 1213 22.43 20.00 -10.15
CA ASN A 1213 23.53 20.95 -10.15
C ASN A 1213 23.13 22.34 -10.63
N LEU A 1214 21.89 22.54 -11.05
CA LEU A 1214 21.43 23.84 -11.51
C LEU A 1214 20.48 24.51 -10.52
N ALA A 1215 20.18 23.88 -9.40
CA ALA A 1215 19.16 24.41 -8.50
C ALA A 1215 19.56 25.74 -7.90
N TRP A 1216 20.86 25.99 -7.70
CA TRP A 1216 21.31 27.29 -7.26
C TRP A 1216 20.97 28.40 -8.24
N ILE A 1217 20.70 28.05 -9.49
CA ILE A 1217 20.19 28.99 -10.48
C ILE A 1217 18.68 28.97 -10.52
N THR A 1218 18.10 27.77 -10.62
CA THR A 1218 16.68 27.59 -10.81
C THR A 1218 15.83 28.12 -9.67
N GLU A 1219 16.38 28.28 -8.47
CA GLU A 1219 15.52 28.76 -7.39
C GLU A 1219 15.66 30.26 -7.14
N ARG A 1220 16.22 31.01 -8.08
CA ARG A 1220 16.08 32.45 -8.08
C ARG A 1220 15.12 32.93 -9.14
N LEU A 1221 14.75 32.06 -10.06
CA LEU A 1221 13.85 32.44 -11.14
C LEU A 1221 12.45 32.68 -10.58
N PRO A 1222 11.65 33.51 -11.26
CA PRO A 1222 10.27 33.68 -10.85
C PRO A 1222 9.38 32.65 -11.52
N PRO A 1223 8.28 32.28 -10.90
CA PRO A 1223 7.37 31.32 -11.54
C PRO A 1223 6.81 31.87 -12.83
N LEU A 1224 6.71 31.00 -13.84
CA LEU A 1224 6.24 31.46 -15.13
C LEU A 1224 4.76 31.77 -15.07
N ASP A 1225 4.43 33.04 -14.87
CA ASP A 1225 3.06 33.50 -14.88
C ASP A 1225 2.69 33.94 -16.29
N GLY A 1226 1.41 34.21 -16.47
CA GLY A 1226 0.90 34.52 -17.78
C GLY A 1226 0.72 33.31 -18.68
N LEU A 1227 0.97 32.12 -18.18
CA LEU A 1227 0.87 30.91 -18.98
C LEU A 1227 -0.16 29.92 -18.47
N LYS A 1228 -0.78 30.18 -17.31
CA LYS A 1228 -1.69 29.22 -16.73
C LYS A 1228 -2.94 29.05 -17.59
N ASN A 1229 -3.56 30.16 -17.98
CA ASN A 1229 -4.65 30.07 -18.93
C ASN A 1229 -4.11 29.67 -20.29
N TRP A 1230 -4.95 29.02 -21.08
CA TRP A 1230 -4.50 28.49 -22.35
C TRP A 1230 -5.25 29.14 -23.49
N ALA A 1231 -4.49 29.64 -24.46
CA ALA A 1231 -5.04 30.26 -25.65
C ALA A 1231 -4.11 29.99 -26.81
N HIS A 1232 -4.69 29.91 -28.00
CA HIS A 1232 -3.99 29.47 -29.19
C HIS A 1232 -4.94 29.61 -30.37
N ILE A 1233 -4.48 29.26 -31.57
CA ILE A 1233 -5.29 29.39 -32.76
C ILE A 1233 -6.55 28.54 -32.64
N ALA A 1234 -7.54 28.86 -33.45
CA ALA A 1234 -8.84 28.19 -33.41
C ALA A 1234 -9.21 27.65 -34.79
N ASP A 1235 -10.26 26.82 -34.80
CA ASP A 1235 -10.80 26.21 -36.01
C ASP A 1235 -9.70 25.48 -36.78
N ASP A 1236 -8.86 24.77 -36.05
CA ASP A 1236 -7.65 24.18 -36.60
C ASP A 1236 -7.99 23.06 -37.58
N VAL A 1237 -7.04 22.78 -38.47
CA VAL A 1237 -7.20 21.70 -39.43
C VAL A 1237 -7.37 20.38 -38.71
N SER A 1238 -8.37 19.62 -39.11
CA SER A 1238 -8.78 18.41 -38.41
C SER A 1238 -8.23 17.19 -39.13
N GLU A 1239 -7.89 16.16 -38.36
CA GLU A 1239 -7.34 14.87 -38.79
C GLU A 1239 -5.96 14.99 -39.42
N HIS A 1240 -5.32 16.16 -39.33
CA HIS A 1240 -4.00 16.36 -39.91
C HIS A 1240 -2.98 16.02 -38.82
N VAL A 1241 -2.83 14.71 -38.59
CA VAL A 1241 -1.90 14.23 -37.57
C VAL A 1241 -0.49 14.45 -38.07
N CYS A 1242 0.49 14.45 -37.16
CA CYS A 1242 1.85 14.69 -37.59
C CYS A 1242 2.48 13.44 -38.19
N GLU A 1243 2.15 12.26 -37.69
CA GLU A 1243 2.83 11.00 -38.00
C GLU A 1243 4.32 11.04 -37.70
N ARG A 1244 4.77 12.03 -36.94
CA ARG A 1244 6.08 12.06 -36.33
C ARG A 1244 6.02 12.32 -34.84
N CYS A 1245 5.10 13.15 -34.39
CA CYS A 1245 4.82 13.30 -32.96
C CYS A 1245 3.89 12.22 -32.45
N ALA A 1246 3.05 11.65 -33.30
CA ALA A 1246 2.06 10.68 -32.87
C ALA A 1246 1.87 9.62 -33.94
N PRO A 1247 2.60 8.52 -33.86
CA PRO A 1247 2.45 7.46 -34.85
C PRO A 1247 1.13 6.73 -34.70
N ARG A 1248 0.71 6.10 -35.78
CA ARG A 1248 -0.55 5.38 -35.82
C ARG A 1248 -0.34 3.97 -35.33
N PRO A 1249 -0.94 3.56 -34.21
CA PRO A 1249 -0.69 2.22 -33.70
C PRO A 1249 -1.16 1.17 -34.68
N PRO A 1250 -0.47 0.02 -34.73
CA PRO A 1250 -0.72 -0.94 -35.79
C PRO A 1250 -2.03 -1.66 -35.62
N LYS A 1251 -2.57 -2.10 -36.76
CA LYS A 1251 -3.80 -2.88 -36.74
C LYS A 1251 -3.54 -4.26 -36.15
N ILE A 1252 -4.42 -4.67 -35.25
CA ILE A 1252 -4.29 -5.93 -34.53
C ILE A 1252 -5.19 -6.96 -35.19
N HIS A 1253 -4.63 -8.13 -35.49
CA HIS A 1253 -5.31 -9.15 -36.27
C HIS A 1253 -5.85 -10.21 -35.32
N TRP A 1254 -6.94 -10.84 -35.73
CA TRP A 1254 -7.58 -11.88 -34.95
C TRP A 1254 -7.78 -13.12 -35.80
N ILE A 1255 -7.56 -14.28 -35.20
CA ILE A 1255 -7.65 -15.54 -35.91
C ILE A 1255 -7.82 -16.70 -34.95
N THR A 1271 -9.95 -20.15 -28.25
CA THR A 1271 -8.68 -20.58 -28.85
C THR A 1271 -8.05 -19.44 -29.65
N ILE A 1272 -8.76 -18.32 -29.76
CA ILE A 1272 -8.37 -17.21 -30.60
C ILE A 1272 -7.25 -16.44 -29.90
N ILE A 1273 -6.19 -16.14 -30.64
CA ILE A 1273 -5.01 -15.46 -30.11
C ILE A 1273 -4.93 -14.09 -30.75
N ALA A 1274 -4.73 -13.06 -29.92
CA ALA A 1274 -4.62 -11.69 -30.38
C ALA A 1274 -3.30 -11.53 -31.12
N PHE A 1275 -3.35 -11.63 -32.43
CA PHE A 1275 -2.18 -11.63 -33.28
C PHE A 1275 -1.92 -10.18 -33.67
N GLU A 1276 -0.69 -9.85 -34.02
CA GLU A 1276 -0.35 -8.48 -34.36
C GLU A 1276 0.32 -8.41 -35.73
N ASP A 1277 0.08 -7.33 -36.46
CA ASP A 1277 0.52 -7.23 -37.85
C ASP A 1277 1.98 -6.80 -37.91
N LYS A 1278 2.84 -7.70 -38.41
CA LYS A 1278 4.28 -7.49 -38.32
C LYS A 1278 4.75 -6.30 -39.14
N LEU A 1279 4.17 -6.11 -40.33
CA LEU A 1279 4.67 -5.09 -41.23
C LEU A 1279 4.36 -3.69 -40.72
N GLU A 1280 3.13 -3.45 -40.29
CA GLU A 1280 2.79 -2.19 -39.66
C GLU A 1280 3.49 -2.02 -38.32
N ALA A 1281 3.78 -3.13 -37.63
CA ALA A 1281 4.47 -3.07 -36.35
C ALA A 1281 5.86 -2.49 -36.48
N GLY A 1282 6.56 -2.81 -37.57
CA GLY A 1282 7.92 -2.31 -37.74
C GLY A 1282 7.96 -0.80 -37.94
N GLN A 1283 7.05 -0.28 -38.77
CA GLN A 1283 6.98 1.17 -38.93
C GLN A 1283 6.58 1.83 -37.63
N TYR A 1284 5.62 1.25 -36.91
CA TYR A 1284 5.24 1.80 -35.61
C TYR A 1284 6.43 1.82 -34.67
N GLU A 1285 7.26 0.77 -34.70
CA GLU A 1285 8.46 0.72 -33.89
C GLU A 1285 9.39 1.86 -34.23
N HIS A 1286 9.73 2.02 -35.51
CA HIS A 1286 10.70 3.04 -35.89
C HIS A 1286 10.18 4.43 -35.55
N ALA A 1287 8.90 4.67 -35.82
CA ALA A 1287 8.31 5.97 -35.53
C ALA A 1287 8.34 6.26 -34.03
N LEU A 1288 7.94 5.30 -33.21
CA LEU A 1288 7.96 5.52 -31.76
C LEU A 1288 9.39 5.72 -31.25
N LYS A 1289 10.36 5.05 -31.88
CA LYS A 1289 11.74 5.29 -31.50
C LYS A 1289 12.16 6.71 -31.80
N HIS A 1290 11.73 7.26 -32.93
CA HIS A 1290 12.10 8.61 -33.33
C HIS A 1290 10.89 9.54 -33.15
N ARG A 1291 10.76 10.09 -31.95
CA ARG A 1291 9.78 11.10 -31.64
C ARG A 1291 10.45 12.31 -31.00
N PRO A 1292 9.91 13.51 -31.21
CA PRO A 1292 10.53 14.69 -30.60
C PRO A 1292 10.32 14.69 -29.10
N SER A 1293 11.39 14.91 -28.36
CA SER A 1293 11.28 15.03 -26.92
C SER A 1293 10.54 16.32 -26.60
N PRO A 1294 9.45 16.26 -25.83
CA PRO A 1294 8.62 17.45 -25.65
C PRO A 1294 9.33 18.59 -24.95
N PHE A 1295 10.24 18.31 -24.04
CA PHE A 1295 11.09 19.34 -23.49
C PHE A 1295 12.50 19.17 -24.02
N VAL A 1296 13.20 20.28 -24.17
CA VAL A 1296 14.57 20.28 -24.67
C VAL A 1296 15.39 21.20 -23.79
N VAL A 1297 16.47 20.70 -23.22
CA VAL A 1297 17.38 21.49 -22.40
C VAL A 1297 18.72 21.53 -23.11
N GLN A 1298 19.33 22.71 -23.15
CA GLN A 1298 20.65 22.82 -23.76
C GLN A 1298 21.52 23.73 -22.92
N LEU A 1299 22.81 23.44 -22.90
CA LEU A 1299 23.75 24.23 -22.11
C LEU A 1299 24.98 24.51 -22.95
N ARG A 1300 25.65 25.62 -22.65
CA ARG A 1300 26.91 25.92 -23.30
C ARG A 1300 27.70 26.86 -22.41
N LEU A 1301 29.01 26.86 -22.58
CA LEU A 1301 29.90 27.80 -21.91
C LEU A 1301 30.81 28.37 -22.98
N ASP A 1302 30.35 29.42 -23.66
CA ASP A 1302 31.14 29.96 -24.76
C ASP A 1302 32.37 30.67 -24.25
N GLN A 1303 32.19 31.76 -23.51
CA GLN A 1303 33.32 32.53 -23.00
C GLN A 1303 32.97 32.95 -21.58
N ASP A 1304 33.33 32.10 -20.62
CA ASP A 1304 33.28 32.40 -19.20
C ASP A 1304 31.86 32.62 -18.68
N ILE A 1305 30.90 32.67 -19.58
CA ILE A 1305 29.53 32.98 -19.23
C ILE A 1305 28.69 31.80 -19.68
N GLY A 1306 28.22 31.01 -18.72
CA GLY A 1306 27.39 29.88 -19.07
C GLY A 1306 26.03 30.36 -19.53
N SER A 1307 25.55 29.78 -20.62
CA SER A 1307 24.24 30.08 -21.13
C SER A 1307 23.49 28.77 -21.30
N PHE A 1308 22.33 28.65 -20.67
CA PHE A 1308 21.53 27.46 -20.83
C PHE A 1308 20.11 27.88 -21.13
N ARG A 1309 19.44 27.07 -21.93
CA ARG A 1309 18.10 27.38 -22.37
C ARG A 1309 17.22 26.16 -22.25
N ILE A 1310 15.93 26.44 -22.08
CA ILE A 1310 14.87 25.44 -21.97
C ILE A 1310 13.84 25.75 -23.04
N GLY A 1311 13.38 24.73 -23.73
CA GLY A 1311 12.39 24.91 -24.75
C GLY A 1311 11.33 23.83 -24.79
N LEU A 1312 10.08 24.23 -24.94
CA LEU A 1312 8.96 23.31 -25.05
C LEU A 1312 8.59 23.18 -26.51
N ASN A 1313 8.22 21.97 -26.93
CA ASN A 1313 7.86 21.75 -28.31
C ASN A 1313 6.33 21.74 -28.35
N ILE A 1314 5.79 22.96 -28.36
CA ILE A 1314 4.36 23.17 -28.15
C ILE A 1314 3.55 22.53 -29.24
N VAL A 1315 3.97 22.71 -30.48
CA VAL A 1315 3.24 22.12 -31.59
C VAL A 1315 3.31 20.60 -31.53
N SER A 1316 4.37 20.06 -30.93
CA SER A 1316 4.43 18.61 -30.74
C SER A 1316 3.38 18.15 -29.75
N LEU A 1317 3.23 18.88 -28.64
CA LEU A 1317 2.17 18.52 -27.70
C LEU A 1317 0.80 18.62 -28.35
N ALA A 1318 0.58 19.67 -29.13
CA ALA A 1318 -0.70 19.84 -29.79
C ALA A 1318 -0.96 18.73 -30.81
N HIS A 1319 0.07 18.34 -31.55
CA HIS A 1319 -0.06 17.25 -32.51
C HIS A 1319 -0.32 15.93 -31.82
N ARG A 1320 0.30 15.69 -30.67
CA ARG A 1320 0.02 14.49 -29.90
C ARG A 1320 -1.42 14.46 -29.44
N ALA A 1321 -1.91 15.57 -28.89
CA ALA A 1321 -3.28 15.59 -28.39
C ALA A 1321 -4.29 15.51 -29.52
N LEU A 1322 -3.93 16.04 -30.69
CA LEU A 1322 -4.79 15.91 -31.87
C LEU A 1322 -5.05 14.46 -32.24
N SER A 1323 -4.03 13.62 -32.16
CA SER A 1323 -4.16 12.24 -32.63
C SER A 1323 -5.18 11.46 -31.81
N ARG A 1324 -5.23 11.70 -30.50
CA ARG A 1324 -6.02 10.88 -29.60
C ARG A 1324 -7.46 11.38 -29.51
N LEU A 1325 -8.11 11.53 -30.64
CA LEU A 1325 -9.45 12.13 -30.69
C LEU A 1325 -10.10 11.62 -31.97
N PRO A 1326 -10.96 10.60 -31.88
CA PRO A 1326 -11.33 9.86 -33.07
C PRO A 1326 -12.20 10.70 -33.99
N PRO A 1327 -12.10 10.50 -35.30
CA PRO A 1327 -12.87 11.34 -36.23
C PRO A 1327 -14.34 10.95 -36.25
N THR A 1328 -15.18 11.96 -36.53
CA THR A 1328 -16.60 11.73 -36.76
C THR A 1328 -17.06 12.58 -37.92
N THR A 1329 -18.18 12.18 -38.50
CA THR A 1329 -18.84 12.93 -39.57
C THR A 1329 -19.58 14.12 -38.97
N SER A 1330 -18.80 15.08 -38.49
CA SER A 1330 -19.33 16.27 -37.84
C SER A 1330 -18.99 17.51 -38.66
N GLU A 1331 -19.88 18.49 -38.60
CA GLU A 1331 -19.62 19.81 -39.13
C GLU A 1331 -19.07 20.72 -38.03
N HIS A 1332 -18.02 20.22 -37.36
CA HIS A 1332 -17.35 20.99 -36.33
C HIS A 1332 -15.85 20.90 -36.53
N LYS A 1333 -15.16 21.97 -36.19
CA LYS A 1333 -13.73 22.08 -36.32
C LYS A 1333 -13.14 22.30 -34.94
N ILE A 1334 -12.08 21.57 -34.61
CA ILE A 1334 -11.58 21.56 -33.26
C ILE A 1334 -10.77 22.82 -33.06
N SER A 1335 -10.37 23.09 -31.82
CA SER A 1335 -9.37 24.10 -31.55
C SER A 1335 -8.28 23.47 -30.71
N LEU A 1336 -7.04 23.67 -31.11
CA LEU A 1336 -5.92 23.28 -30.27
C LEU A 1336 -5.53 24.43 -29.37
N SER A 1337 -5.00 24.09 -28.20
CA SER A 1337 -4.52 25.11 -27.28
C SER A 1337 -3.49 24.46 -26.37
N TRP A 1338 -2.88 25.27 -25.52
CA TRP A 1338 -1.78 24.78 -24.71
C TRP A 1338 -1.56 25.69 -23.52
N ARG A 1339 -1.08 25.12 -22.42
CA ARG A 1339 -0.82 25.86 -21.21
C ARG A 1339 0.36 25.22 -20.50
N LEU A 1340 0.85 25.93 -19.49
CA LEU A 1340 1.98 25.45 -18.71
C LEU A 1340 1.79 25.90 -17.27
N THR A 1341 1.91 24.96 -16.35
CA THR A 1341 1.69 25.22 -14.93
C THR A 1341 2.96 24.91 -14.14
N PRO A 1342 3.52 25.89 -13.44
CA PRO A 1342 4.64 25.60 -12.55
C PRO A 1342 4.18 25.07 -11.20
N GLY A 1343 5.15 24.76 -10.36
CA GLY A 1343 4.89 24.33 -9.02
C GLY A 1343 4.26 22.96 -8.88
N HIS A 1344 4.13 22.22 -9.98
CA HIS A 1344 3.51 20.92 -9.93
C HIS A 1344 4.36 19.97 -9.10
N VAL A 1345 3.71 19.21 -8.22
CA VAL A 1345 4.38 18.26 -7.34
C VAL A 1345 3.66 16.93 -7.46
N THR A 1346 4.44 15.84 -7.38
CA THR A 1346 3.86 14.52 -7.47
C THR A 1346 2.89 14.27 -6.32
N GLU A 1347 1.81 13.57 -6.60
CA GLU A 1347 0.72 13.48 -5.64
C GLU A 1347 0.77 12.16 -4.87
N SER A 1348 0.79 12.27 -3.55
CA SER A 1348 0.60 11.12 -2.67
C SER A 1348 -0.87 10.66 -2.76
N PRO A 1349 -1.12 9.36 -2.64
CA PRO A 1349 -2.48 8.86 -2.91
C PRO A 1349 -3.52 9.43 -1.95
N GLN A 1350 -4.71 9.74 -2.49
CA GLN A 1350 -5.94 10.08 -1.78
C GLN A 1350 -7.03 9.10 -2.21
N PRO A 1351 -8.11 8.94 -1.45
CA PRO A 1351 -9.14 7.97 -1.82
C PRO A 1351 -9.90 8.39 -3.06
N ARG A 1352 -10.74 7.47 -3.54
CA ARG A 1352 -11.52 7.71 -4.73
C ARG A 1352 -12.48 8.87 -4.54
N ARG A 1353 -12.64 9.67 -5.59
CA ARG A 1353 -13.57 10.79 -5.58
C ARG A 1353 -14.97 10.29 -5.86
N VAL A 1354 -15.91 10.59 -4.97
CA VAL A 1354 -17.29 10.19 -5.17
C VAL A 1354 -17.96 11.19 -6.12
N PHE A 1355 -18.93 10.70 -6.87
CA PHE A 1355 -19.55 11.47 -7.93
C PHE A 1355 -20.97 11.82 -7.52
N ILE A 1356 -21.25 13.09 -7.37
CA ILE A 1356 -22.53 13.58 -6.89
C ILE A 1356 -23.42 13.93 -8.08
N LEU A 1357 -24.68 13.55 -7.98
CA LEU A 1357 -25.67 13.78 -9.00
C LEU A 1357 -26.58 14.94 -8.59
N PRO A 1358 -26.75 15.94 -9.43
CA PRO A 1358 -27.57 17.10 -9.06
C PRO A 1358 -29.04 16.74 -8.96
N SER A 1359 -29.74 17.49 -8.13
CA SER A 1359 -31.17 17.28 -7.98
C SER A 1359 -31.91 17.87 -9.17
N ASN A 1360 -33.21 17.64 -9.19
CA ASN A 1360 -34.05 18.02 -10.32
C ASN A 1360 -35.34 18.66 -9.80
N LYS A 1361 -35.19 19.60 -8.87
CA LYS A 1361 -36.32 20.26 -8.22
C LYS A 1361 -36.29 21.78 -8.36
N GLN A 1362 -35.13 22.37 -8.60
CA GLN A 1362 -34.99 23.82 -8.62
C GLN A 1362 -35.57 24.45 -9.88
N ASP A 1363 -35.97 23.64 -10.85
CA ASP A 1363 -36.39 24.13 -12.14
C ASP A 1363 -37.90 24.33 -12.16
N PRO A 1364 -38.41 25.09 -13.13
CA PRO A 1364 -39.87 25.14 -13.32
C PRO A 1364 -40.40 23.81 -13.79
N GLU A 1365 -41.64 23.54 -13.44
CA GLU A 1365 -42.30 22.30 -13.81
C GLU A 1365 -43.03 22.45 -15.13
N ASN A 1366 -42.96 21.40 -15.94
CA ASN A 1366 -43.75 21.38 -17.17
C ASN A 1366 -45.23 21.39 -16.80
N SER A 1367 -46.03 22.08 -17.62
CA SER A 1367 -47.41 22.37 -17.26
C SER A 1367 -48.20 21.08 -17.04
N GLN A 1368 -48.43 20.33 -18.10
CA GLN A 1368 -49.14 19.07 -18.07
C GLN A 1368 -48.92 18.38 -19.42
N PRO A 1369 -49.10 17.06 -19.49
CA PRO A 1369 -48.91 16.38 -20.78
C PRO A 1369 -50.11 16.46 -21.71
N GLU A 1370 -51.23 17.00 -21.23
CA GLU A 1370 -52.48 17.27 -21.95
C GLU A 1370 -53.07 16.02 -22.59
N ALA A 1371 -52.44 14.88 -22.37
CA ALA A 1371 -52.91 13.61 -22.89
C ALA A 1371 -53.17 12.58 -21.81
N PHE A 1372 -52.28 12.49 -20.83
CA PHE A 1372 -52.46 11.51 -19.77
C PHE A 1372 -53.69 11.80 -18.93
N LYS A 1373 -54.36 10.75 -18.51
CA LYS A 1373 -55.53 10.86 -17.67
C LYS A 1373 -55.19 11.00 -16.20
N LEU A 1374 -53.91 10.92 -15.84
CA LEU A 1374 -53.57 10.94 -14.44
C LEU A 1374 -52.46 11.96 -14.17
N PRO A 1375 -52.50 12.65 -13.03
CA PRO A 1375 -51.53 13.72 -12.77
C PRO A 1375 -50.12 13.19 -12.58
N LEU A 1376 -49.18 14.13 -12.48
CA LEU A 1376 -47.75 13.83 -12.52
C LEU A 1376 -47.05 14.16 -11.21
N ARG A 1377 -47.80 14.30 -10.12
CA ARG A 1377 -47.30 14.27 -8.75
C ARG A 1377 -46.27 15.36 -8.44
N LYS A 1378 -46.10 16.34 -9.32
CA LYS A 1378 -45.44 17.60 -8.99
C LYS A 1378 -43.95 17.44 -8.76
N GLU A 1379 -43.46 16.21 -8.68
CA GLU A 1379 -42.04 15.92 -8.70
C GLU A 1379 -41.63 15.14 -9.93
N GLN A 1380 -42.59 14.75 -10.77
CA GLN A 1380 -42.29 14.23 -12.09
C GLN A 1380 -42.44 15.33 -13.13
N LEU A 1381 -43.21 16.37 -12.82
CA LEU A 1381 -43.32 17.51 -13.73
C LEU A 1381 -41.99 18.24 -13.84
N ARG A 1382 -41.30 18.42 -12.70
CA ARG A 1382 -40.05 19.16 -12.71
C ARG A 1382 -38.97 18.42 -13.48
N SER A 1383 -39.13 17.10 -13.63
CA SER A 1383 -38.20 16.35 -14.46
C SER A 1383 -38.66 16.24 -15.89
N LEU A 1384 -39.97 16.22 -16.14
CA LEU A 1384 -40.46 16.20 -17.52
C LEU A 1384 -40.08 17.47 -18.24
N TRP A 1385 -40.17 18.61 -17.56
CA TRP A 1385 -39.70 19.85 -18.16
C TRP A 1385 -38.23 19.78 -18.52
N TRP A 1386 -37.42 19.15 -17.68
CA TRP A 1386 -36.01 18.95 -17.97
C TRP A 1386 -35.76 18.02 -19.15
N MET A 1387 -36.54 16.96 -19.32
CA MET A 1387 -36.39 16.15 -20.53
C MET A 1387 -36.83 16.89 -21.78
N LEU A 1388 -37.91 17.66 -21.70
CA LEU A 1388 -38.33 18.42 -22.87
C LEU A 1388 -37.30 19.44 -23.29
N GLU A 1389 -36.73 20.16 -22.32
CA GLU A 1389 -35.89 21.29 -22.69
C GLU A 1389 -34.62 20.85 -23.40
N GLN A 1390 -34.17 19.62 -23.18
CA GLN A 1390 -32.93 19.20 -23.84
C GLN A 1390 -33.19 18.63 -25.23
N GLU A 1391 -34.23 17.84 -25.41
CA GLU A 1391 -34.61 17.41 -26.75
C GLU A 1391 -35.03 18.60 -27.60
N LYS A 1392 -35.45 19.70 -26.98
CA LYS A 1392 -35.67 20.93 -27.72
C LYS A 1392 -34.36 21.65 -28.00
N ALA A 1393 -33.53 21.82 -26.97
CA ALA A 1393 -32.20 22.44 -27.06
C ALA A 1393 -32.30 23.85 -27.66
N THR A 1394 -32.96 24.73 -26.92
CA THR A 1394 -33.04 26.13 -27.33
C THR A 1394 -31.66 26.78 -27.23
N GLY A 1395 -31.32 27.58 -28.23
CA GLY A 1395 -29.97 28.12 -28.31
C GLY A 1395 -29.00 26.99 -28.57
N LYS A 1396 -27.91 26.96 -27.82
CA LYS A 1396 -27.03 25.78 -27.74
C LYS A 1396 -26.49 25.39 -29.11
N THR A 1397 -25.60 26.25 -29.62
CA THR A 1397 -24.78 25.87 -30.77
C THR A 1397 -24.06 24.55 -30.51
N HIS A 1398 -23.58 24.34 -29.29
CA HIS A 1398 -22.94 23.10 -28.87
C HIS A 1398 -23.21 22.92 -27.38
N THR A 1399 -23.36 21.66 -26.96
CA THR A 1399 -23.62 21.38 -25.55
C THR A 1399 -22.35 21.00 -24.79
N PHE A 1400 -21.64 19.98 -25.25
CA PHE A 1400 -20.47 19.52 -24.51
C PHE A 1400 -19.20 19.64 -25.35
N VAL A 1401 -18.12 20.04 -24.68
CA VAL A 1401 -16.82 20.21 -25.31
C VAL A 1401 -15.96 19.02 -24.88
N GLU A 1402 -15.67 18.12 -25.80
CA GLU A 1402 -14.80 16.99 -25.52
C GLU A 1402 -13.35 17.45 -25.58
N GLU A 1403 -12.60 17.13 -24.53
CA GLU A 1403 -11.25 17.66 -24.36
C GLU A 1403 -10.30 16.49 -24.23
N GLU A 1404 -9.32 16.41 -25.11
CA GLU A 1404 -8.26 15.42 -25.01
C GLU A 1404 -6.97 16.16 -24.71
N ILE A 1405 -6.36 15.84 -23.58
CA ILE A 1405 -5.17 16.55 -23.13
C ILE A 1405 -3.99 15.59 -23.21
N SER A 1406 -2.82 16.14 -23.51
CA SER A 1406 -1.57 15.42 -23.37
C SER A 1406 -0.63 16.32 -22.60
N GLU A 1407 0.33 15.72 -21.91
CA GLU A 1407 1.15 16.47 -20.98
C GLU A 1407 2.60 16.09 -21.15
N SER A 1408 3.45 16.85 -20.46
CA SER A 1408 4.86 16.51 -20.36
C SER A 1408 5.44 17.14 -19.11
N LEU A 1409 6.16 16.36 -18.33
CA LEU A 1409 6.69 16.79 -17.05
C LEU A 1409 8.15 17.16 -17.17
N LEU A 1410 8.51 18.26 -16.51
CA LEU A 1410 9.91 18.60 -16.26
C LEU A 1410 10.03 18.55 -14.74
N PRO A 1411 10.40 17.42 -14.18
CA PRO A 1411 10.18 17.19 -12.75
C PRO A 1411 10.86 18.17 -11.80
N ALA A 1412 12.18 18.29 -11.88
CA ALA A 1412 12.90 19.02 -10.84
C ALA A 1412 12.54 20.50 -10.86
N VAL A 1413 12.48 21.10 -12.04
CA VAL A 1413 11.99 22.47 -12.14
C VAL A 1413 10.52 22.52 -11.75
N GLY A 1414 9.74 21.55 -12.17
CA GLY A 1414 8.39 21.43 -11.70
C GLY A 1414 7.31 21.76 -12.71
N TRP A 1415 7.66 22.26 -13.89
CA TRP A 1415 6.65 22.61 -14.88
C TRP A 1415 5.99 21.35 -15.41
N ARG A 1416 4.68 21.39 -15.51
CA ARG A 1416 3.95 20.37 -16.26
C ARG A 1416 3.30 21.11 -17.41
N ALA A 1417 3.80 20.90 -18.62
CA ALA A 1417 3.31 21.61 -19.78
C ALA A 1417 2.31 20.71 -20.50
N GLU A 1418 1.08 21.17 -20.65
CA GLU A 1418 0.07 20.32 -21.25
C GLU A 1418 -0.62 21.05 -22.40
N GLY A 1419 -0.80 20.34 -23.49
CA GLY A 1419 -1.49 20.85 -24.65
C GLY A 1419 -2.70 19.99 -24.93
N LYS A 1420 -3.77 20.63 -25.39
CA LYS A 1420 -5.06 19.97 -25.47
C LYS A 1420 -5.75 20.29 -26.78
N ALA A 1421 -6.66 19.40 -27.15
CA ALA A 1421 -7.51 19.56 -28.32
C ALA A 1421 -8.96 19.54 -27.84
N GLU A 1422 -9.76 20.50 -28.29
CA GLU A 1422 -11.16 20.58 -27.91
C GLU A 1422 -12.04 20.44 -29.14
N ARG A 1423 -13.03 19.56 -29.04
CA ARG A 1423 -14.06 19.46 -30.07
C ARG A 1423 -15.42 19.76 -29.45
N PRO A 1424 -16.16 20.76 -29.92
CA PRO A 1424 -17.53 20.93 -29.44
C PRO A 1424 -18.46 19.96 -30.15
N VAL A 1425 -19.41 19.42 -29.39
CA VAL A 1425 -20.43 18.54 -29.94
C VAL A 1425 -21.75 18.90 -29.28
N MET A 1426 -22.82 18.82 -30.06
CA MET A 1426 -24.14 19.19 -29.58
C MET A 1426 -25.02 17.97 -29.69
N VAL A 1427 -25.52 17.49 -28.54
CA VAL A 1427 -26.24 16.23 -28.45
C VAL A 1427 -27.47 16.42 -27.57
N ARG A 1428 -28.52 15.67 -27.88
CA ARG A 1428 -29.83 15.87 -27.28
C ARG A 1428 -30.22 14.62 -26.51
N GLY A 1429 -30.26 14.72 -25.18
CA GLY A 1429 -30.68 13.63 -24.33
C GLY A 1429 -29.95 13.64 -23.01
N GLY A 1430 -30.03 12.52 -22.31
CA GLY A 1430 -29.40 12.41 -21.02
C GLY A 1430 -29.72 11.09 -20.34
N VAL A 1431 -29.41 11.02 -19.06
CA VAL A 1431 -29.71 9.86 -18.23
C VAL A 1431 -30.51 10.30 -17.00
N ILE A 1432 -31.61 9.62 -16.74
CA ILE A 1432 -32.50 10.01 -15.65
C ILE A 1432 -32.08 9.45 -14.30
N ALA A 1433 -31.55 8.22 -14.28
CA ALA A 1433 -30.94 7.63 -13.08
C ALA A 1433 -31.85 7.72 -11.86
N ASP A 1434 -33.00 7.06 -11.96
CA ASP A 1434 -33.95 7.13 -10.86
C ASP A 1434 -34.51 5.74 -10.60
N GLN A 1435 -34.93 5.51 -9.36
CA GLN A 1435 -35.09 4.19 -8.78
C GLN A 1435 -36.53 3.75 -8.79
N VAL A 1436 -36.73 2.42 -8.79
CA VAL A 1436 -38.06 1.84 -8.96
C VAL A 1436 -38.99 2.37 -7.88
N GLY A 1437 -40.27 2.48 -8.20
CA GLY A 1437 -41.21 3.21 -7.38
C GLY A 1437 -41.33 4.67 -7.73
N TYR A 1438 -40.60 5.11 -8.74
CA TYR A 1438 -40.70 6.44 -9.30
C TYR A 1438 -41.26 6.31 -10.70
N GLY A 1439 -42.02 7.31 -11.14
CA GLY A 1439 -42.65 7.20 -12.43
C GLY A 1439 -41.74 7.47 -13.61
N LYS A 1440 -40.66 6.71 -13.74
CA LYS A 1440 -39.79 6.86 -14.91
C LYS A 1440 -40.54 6.49 -16.18
N THR A 1441 -41.28 5.39 -16.13
CA THR A 1441 -42.06 4.99 -17.30
C THR A 1441 -43.10 6.06 -17.64
N VAL A 1442 -43.76 6.60 -16.63
CA VAL A 1442 -44.75 7.65 -16.85
C VAL A 1442 -44.10 8.87 -17.48
N ILE A 1443 -42.97 9.30 -16.93
CA ILE A 1443 -42.36 10.53 -17.41
C ILE A 1443 -41.82 10.35 -18.82
N SER A 1444 -41.36 9.15 -19.15
CA SER A 1444 -40.85 8.96 -20.50
C SER A 1444 -41.98 8.84 -21.51
N ILE A 1445 -43.11 8.23 -21.14
CA ILE A 1445 -44.24 8.27 -22.06
C ILE A 1445 -44.73 9.69 -22.22
N ALA A 1446 -44.59 10.51 -21.18
CA ALA A 1446 -44.95 11.92 -21.28
C ALA A 1446 -44.05 12.64 -22.29
N LEU A 1447 -42.74 12.45 -22.16
CA LEU A 1447 -41.79 13.04 -23.09
C LEU A 1447 -42.01 12.55 -24.51
N VAL A 1448 -42.47 11.31 -24.67
CA VAL A 1448 -42.82 10.82 -25.99
C VAL A 1448 -44.06 11.53 -26.54
N ALA A 1449 -45.07 11.71 -25.69
CA ALA A 1449 -46.31 12.35 -26.15
C ALA A 1449 -46.07 13.80 -26.56
N GLN A 1450 -45.25 14.53 -25.81
CA GLN A 1450 -45.07 15.97 -26.05
C GLN A 1450 -44.50 16.23 -27.44
N THR A 1451 -43.24 15.81 -27.66
CA THR A 1451 -42.61 16.00 -28.97
C THR A 1451 -43.12 14.89 -29.88
N LEU A 1452 -44.25 15.16 -30.50
CA LEU A 1452 -44.84 14.27 -31.49
C LEU A 1452 -45.20 15.09 -32.72
N SER A 1453 -45.00 14.48 -33.90
CA SER A 1453 -45.21 15.15 -35.19
C SER A 1453 -44.42 16.45 -35.27
N LEU A 1454 -43.21 16.45 -34.73
CA LEU A 1454 -42.35 17.64 -34.70
C LEU A 1454 -40.96 17.25 -35.18
N PRO A 1455 -40.66 17.39 -36.47
CA PRO A 1455 -39.42 16.82 -37.04
C PRO A 1455 -38.18 17.70 -36.84
N ALA A 1456 -37.84 17.92 -35.57
CA ALA A 1456 -36.67 18.70 -35.18
C ALA A 1456 -35.33 18.14 -35.66
N PRO A 1457 -35.06 16.81 -35.58
CA PRO A 1457 -33.73 16.34 -35.99
C PRO A 1457 -33.43 16.56 -37.47
N GLU A 1458 -32.40 17.34 -37.75
CA GLU A 1458 -32.00 17.73 -39.09
C GLU A 1458 -31.18 16.71 -39.89
N PRO A 1459 -30.11 16.11 -39.36
CA PRO A 1459 -29.19 15.39 -40.24
C PRO A 1459 -29.73 14.03 -40.64
N ALA A 1460 -29.14 13.49 -41.70
CA ALA A 1460 -29.46 12.15 -42.18
C ALA A 1460 -28.28 11.63 -42.99
N THR A 1461 -28.02 10.34 -42.86
CA THR A 1461 -27.08 9.69 -43.75
C THR A 1461 -27.59 9.77 -45.18
N PRO A 1462 -26.73 10.00 -46.17
CA PRO A 1462 -27.20 10.05 -47.56
C PRO A 1462 -27.94 8.79 -48.01
N GLY A 1463 -27.61 7.64 -47.44
CA GLY A 1463 -28.46 6.48 -47.62
C GLY A 1463 -28.85 5.87 -46.29
N LEU A 1464 -30.14 5.94 -45.94
CA LEU A 1464 -30.59 5.45 -44.64
C LEU A 1464 -32.10 5.33 -44.67
N ILE A 1465 -32.63 4.57 -43.71
CA ILE A 1465 -34.03 4.19 -43.66
C ILE A 1465 -34.66 4.80 -42.41
N ASP A 1466 -34.28 6.05 -42.10
CA ASP A 1466 -34.72 6.72 -40.87
C ASP A 1466 -36.24 6.73 -40.72
N LEU A 1467 -36.71 6.36 -39.53
CA LEU A 1467 -38.12 6.45 -39.17
C LEU A 1467 -38.32 7.49 -38.07
N LYS A 1468 -39.59 7.80 -37.82
CA LYS A 1468 -40.01 8.69 -36.75
C LYS A 1468 -40.34 7.93 -35.47
N ALA A 1469 -40.13 6.63 -35.43
CA ALA A 1469 -40.47 5.84 -34.27
C ALA A 1469 -39.50 6.10 -33.13
N THR A 1470 -39.84 5.58 -31.96
CA THR A 1470 -38.97 5.57 -30.80
C THR A 1470 -38.80 4.16 -30.28
N LEU A 1471 -37.61 3.87 -29.76
CA LEU A 1471 -37.22 2.52 -29.41
C LEU A 1471 -36.84 2.47 -27.94
N ILE A 1472 -37.28 1.42 -27.26
CA ILE A 1472 -36.91 1.15 -25.88
C ILE A 1472 -36.18 -0.18 -25.83
N VAL A 1473 -35.02 -0.20 -25.17
CA VAL A 1473 -34.30 -1.43 -24.89
C VAL A 1473 -34.46 -1.75 -23.41
N VAL A 1474 -35.13 -2.87 -23.13
CA VAL A 1474 -35.42 -3.28 -21.76
C VAL A 1474 -35.15 -4.76 -21.63
N PRO A 1475 -34.69 -5.20 -20.44
CA PRO A 1475 -34.56 -6.64 -20.18
C PRO A 1475 -35.83 -7.44 -20.40
N GLY A 1476 -35.69 -8.76 -20.46
CA GLY A 1476 -36.79 -9.61 -20.90
C GLY A 1476 -37.96 -9.65 -19.93
N HIS A 1477 -37.68 -9.71 -18.62
CA HIS A 1477 -38.77 -9.91 -17.68
C HIS A 1477 -39.50 -8.62 -17.33
N LEU A 1478 -39.05 -7.49 -17.86
CA LEU A 1478 -39.70 -6.20 -17.62
C LEU A 1478 -40.46 -5.73 -18.84
N SER A 1479 -40.42 -6.48 -19.94
CA SER A 1479 -41.02 -6.04 -21.19
C SER A 1479 -42.54 -6.19 -21.15
N LYS A 1480 -43.03 -7.25 -20.50
CA LYS A 1480 -44.47 -7.44 -20.36
C LYS A 1480 -45.12 -6.29 -19.60
N GLN A 1481 -44.33 -5.55 -18.83
CA GLN A 1481 -44.85 -4.38 -18.13
C GLN A 1481 -45.24 -3.29 -19.12
N TRP A 1482 -44.28 -2.81 -19.90
CA TRP A 1482 -44.33 -1.49 -20.54
C TRP A 1482 -45.61 -1.21 -21.32
N PRO A 1483 -46.09 -2.06 -22.23
CA PRO A 1483 -47.35 -1.72 -22.94
C PRO A 1483 -48.54 -1.62 -22.02
N ASN A 1484 -48.54 -2.35 -20.91
CA ASN A 1484 -49.66 -2.28 -19.99
C ASN A 1484 -49.72 -0.92 -19.29
N GLU A 1485 -48.60 -0.19 -19.21
CA GLU A 1485 -48.66 1.14 -18.62
C GLU A 1485 -49.13 2.20 -19.62
N ILE A 1486 -48.87 2.02 -20.92
CA ILE A 1486 -49.57 2.86 -21.88
C ILE A 1486 -51.06 2.56 -21.84
N ALA A 1487 -51.43 1.29 -21.69
CA ALA A 1487 -52.85 0.94 -21.60
C ALA A 1487 -53.50 1.53 -20.35
N ARG A 1488 -52.84 1.40 -19.20
CA ARG A 1488 -53.35 1.98 -17.95
C ARG A 1488 -53.42 3.50 -18.05
N PHE A 1489 -52.38 4.12 -18.59
CA PHE A 1489 -52.40 5.53 -18.93
C PHE A 1489 -53.14 5.71 -20.23
N THR A 1490 -52.94 6.88 -20.87
CA THR A 1490 -53.73 7.31 -22.02
C THR A 1490 -54.08 6.19 -23.00
N GLY A 1491 -53.10 5.52 -23.59
CA GLY A 1491 -53.39 4.51 -24.58
C GLY A 1491 -54.02 5.07 -25.84
N SER A 1492 -53.93 4.33 -26.95
CA SER A 1492 -54.65 4.57 -28.18
C SER A 1492 -54.31 5.91 -28.84
N MET A 1493 -53.47 6.74 -28.22
CA MET A 1493 -53.07 7.99 -28.85
C MET A 1493 -51.83 7.85 -29.71
N PHE A 1494 -51.24 6.66 -29.77
CA PHE A 1494 -50.27 6.34 -30.80
C PHE A 1494 -50.08 4.83 -30.88
N LYS A 1495 -49.81 4.35 -32.08
CA LYS A 1495 -49.70 2.92 -32.32
C LYS A 1495 -48.44 2.35 -31.68
N VAL A 1496 -48.59 1.18 -31.05
CA VAL A 1496 -47.54 0.55 -30.27
C VAL A 1496 -47.24 -0.82 -30.85
N ILE A 1497 -45.96 -1.20 -30.88
CA ILE A 1497 -45.58 -2.57 -31.19
C ILE A 1497 -44.56 -3.06 -30.17
N VAL A 1498 -44.86 -4.19 -29.54
CA VAL A 1498 -43.92 -4.89 -28.68
C VAL A 1498 -43.38 -6.08 -29.47
N ILE A 1499 -42.11 -6.41 -29.24
CA ILE A 1499 -41.47 -7.54 -29.91
C ILE A 1499 -40.75 -8.39 -28.88
N GLN A 1500 -41.26 -9.59 -28.63
CA GLN A 1500 -40.65 -10.58 -27.77
C GLN A 1500 -40.25 -11.77 -28.62
N GLY A 1501 -38.97 -12.11 -28.60
CA GLY A 1501 -38.54 -13.29 -29.34
C GLY A 1501 -38.19 -12.97 -30.78
N MET A 1502 -37.28 -13.78 -31.33
CA MET A 1502 -36.81 -13.57 -32.68
C MET A 1502 -37.93 -13.71 -33.70
N LYS A 1503 -38.83 -14.67 -33.50
CA LYS A 1503 -39.87 -14.92 -34.49
C LYS A 1503 -41.01 -13.92 -34.35
N ASP A 1504 -40.64 -12.66 -34.26
CA ASP A 1504 -41.52 -11.52 -34.47
C ASP A 1504 -40.82 -10.56 -35.41
N LEU A 1505 -39.49 -10.51 -35.34
CA LEU A 1505 -38.71 -9.76 -36.31
C LEU A 1505 -38.84 -10.36 -37.70
N GLN A 1506 -38.82 -11.69 -37.79
CA GLN A 1506 -39.18 -12.34 -39.05
C GLN A 1506 -40.61 -12.04 -39.45
N GLU A 1507 -41.49 -11.78 -38.47
CA GLU A 1507 -42.90 -11.62 -38.79
C GLU A 1507 -43.17 -10.35 -39.56
N LYS A 1508 -42.48 -9.25 -39.24
CA LYS A 1508 -42.85 -7.94 -39.77
C LYS A 1508 -41.72 -7.35 -40.58
N THR A 1509 -42.08 -6.72 -41.70
CA THR A 1509 -41.15 -6.07 -42.62
C THR A 1509 -40.92 -4.62 -42.24
N ILE A 1510 -40.29 -3.86 -43.14
CA ILE A 1510 -40.08 -2.43 -42.89
C ILE A 1510 -41.38 -1.65 -43.04
N ALA A 1511 -42.12 -1.89 -44.12
CA ALA A 1511 -43.40 -1.21 -44.27
C ALA A 1511 -44.46 -1.79 -43.35
N GLU A 1512 -44.28 -3.01 -42.86
CA GLU A 1512 -45.08 -3.48 -41.74
C GLU A 1512 -44.77 -2.69 -40.47
N LEU A 1513 -43.48 -2.52 -40.17
CA LEU A 1513 -43.06 -1.80 -38.99
C LEU A 1513 -43.28 -0.31 -39.13
N GLY A 1514 -43.62 0.17 -40.32
CA GLY A 1514 -43.90 1.58 -40.52
C GLY A 1514 -45.14 2.02 -39.78
N LYS A 1515 -45.37 3.33 -39.84
CA LYS A 1515 -46.50 4.02 -39.19
C LYS A 1515 -46.70 3.56 -37.74
N ALA A 1516 -45.62 3.22 -37.06
CA ALA A 1516 -45.65 2.80 -35.67
C ALA A 1516 -44.83 3.77 -34.84
N ASP A 1517 -45.40 4.22 -33.73
CA ASP A 1517 -44.80 5.32 -32.99
C ASP A 1517 -43.83 4.86 -31.91
N ILE A 1518 -44.12 3.75 -31.24
CA ILE A 1518 -43.29 3.32 -30.12
C ILE A 1518 -43.06 1.81 -30.18
N ILE A 1519 -41.78 1.42 -30.09
CA ILE A 1519 -41.33 0.05 -30.24
C ILE A 1519 -40.50 -0.29 -29.01
N VAL A 1520 -40.72 -1.47 -28.44
CA VAL A 1520 -39.97 -1.89 -27.25
C VAL A 1520 -39.41 -3.28 -27.49
N MET A 1521 -38.11 -3.43 -27.24
CA MET A 1521 -37.38 -4.65 -27.54
C MET A 1521 -36.82 -5.27 -26.28
N ALA A 1522 -36.90 -6.59 -26.20
CA ALA A 1522 -36.18 -7.33 -25.16
C ALA A 1522 -34.70 -7.36 -25.50
N SER A 1523 -33.87 -7.36 -24.46
CA SER A 1523 -32.42 -7.36 -24.65
C SER A 1523 -31.90 -8.67 -25.25
N GLU A 1524 -32.67 -9.76 -25.18
CA GLU A 1524 -32.18 -11.03 -25.70
C GLU A 1524 -32.24 -11.11 -27.21
N ILE A 1525 -32.93 -10.17 -27.86
CA ILE A 1525 -33.00 -10.18 -29.32
C ILE A 1525 -31.62 -10.01 -29.92
N PHE A 1526 -30.77 -9.20 -29.28
CA PHE A 1526 -29.40 -9.05 -29.74
C PHE A 1526 -28.55 -10.25 -29.38
N GLU A 1527 -28.75 -10.80 -28.19
CA GLU A 1527 -27.98 -11.95 -27.75
C GLU A 1527 -28.25 -13.20 -28.58
N SER A 1528 -29.41 -13.27 -29.24
CA SER A 1528 -29.71 -14.38 -30.13
C SER A 1528 -28.79 -14.38 -31.34
N ASP A 1529 -28.41 -15.57 -31.81
CA ASP A 1529 -27.38 -15.66 -32.83
C ASP A 1529 -27.97 -15.69 -34.23
N VAL A 1530 -29.24 -16.03 -34.38
CA VAL A 1530 -29.86 -15.90 -35.70
C VAL A 1530 -29.96 -14.42 -36.07
N TYR A 1531 -30.03 -13.55 -35.07
CA TYR A 1531 -29.94 -12.11 -35.32
C TYR A 1531 -28.60 -11.76 -35.96
N TRP A 1532 -27.51 -12.31 -35.44
CA TRP A 1532 -26.21 -12.03 -36.02
C TRP A 1532 -26.04 -12.69 -37.39
N SER A 1533 -26.69 -13.84 -37.59
CA SER A 1533 -26.72 -14.44 -38.92
C SER A 1533 -27.40 -13.52 -39.92
N ARG A 1534 -28.53 -12.92 -39.55
CA ARG A 1534 -29.19 -11.99 -40.44
C ARG A 1534 -28.33 -10.75 -40.63
N LEU A 1535 -27.62 -10.33 -39.59
CA LEU A 1535 -26.76 -9.17 -39.70
C LEU A 1535 -25.63 -9.39 -40.71
N GLU A 1536 -24.97 -10.55 -40.64
CA GLU A 1536 -23.91 -10.81 -41.61
C GLU A 1536 -24.49 -11.01 -43.00
N TYR A 1537 -25.67 -11.61 -43.10
CA TYR A 1537 -26.30 -11.79 -44.41
C TYR A 1537 -26.54 -10.45 -45.08
N LEU A 1538 -27.02 -9.47 -44.32
CA LEU A 1538 -27.18 -8.13 -44.88
C LEU A 1538 -25.88 -7.34 -44.91
N SER A 1539 -24.83 -7.84 -44.27
CA SER A 1539 -23.52 -7.21 -44.32
C SER A 1539 -22.67 -7.73 -45.47
N ALA A 1540 -23.11 -8.80 -46.15
CA ALA A 1540 -22.34 -9.43 -47.22
C ALA A 1540 -21.01 -9.97 -46.68
N GLN A 1541 -21.08 -10.72 -45.60
CA GLN A 1541 -19.94 -11.38 -44.97
C GLN A 1541 -20.10 -12.89 -45.08
N PRO A 1542 -19.00 -13.65 -44.92
CA PRO A 1542 -19.14 -15.11 -44.90
C PRO A 1542 -19.95 -15.56 -43.69
N ARG A 1543 -20.69 -16.66 -43.87
CA ARG A 1543 -21.69 -17.08 -42.89
C ARG A 1543 -21.07 -17.52 -41.56
N GLU A 1544 -19.75 -17.72 -41.51
CA GLU A 1544 -19.11 -18.03 -40.25
C GLU A 1544 -18.49 -16.81 -39.59
N TRP A 1545 -18.34 -15.73 -40.34
CA TRP A 1545 -18.03 -14.42 -39.76
C TRP A 1545 -19.11 -14.05 -38.76
N LEU A 1546 -18.71 -13.31 -37.71
CA LEU A 1546 -19.63 -12.76 -36.72
C LEU A 1546 -20.35 -13.86 -35.93
N HIS A 1547 -19.78 -15.07 -35.92
CA HIS A 1547 -20.36 -16.22 -35.24
C HIS A 1547 -19.43 -16.60 -34.09
N ASP A 1548 -19.62 -15.97 -32.95
CA ASP A 1548 -18.76 -16.15 -31.79
C ASP A 1548 -19.63 -16.39 -30.55
N THR A 1549 -19.04 -17.05 -29.55
CA THR A 1549 -19.75 -17.40 -28.34
C THR A 1549 -19.23 -16.71 -27.09
N GLN A 1550 -18.29 -15.78 -27.22
CA GLN A 1550 -17.67 -15.16 -26.05
C GLN A 1550 -17.89 -13.65 -26.00
N GLY A 1551 -18.08 -13.00 -27.14
CA GLY A 1551 -18.46 -11.60 -27.17
C GLY A 1551 -17.42 -10.64 -26.65
N GLY A 1552 -16.15 -10.90 -26.92
CA GLY A 1552 -15.11 -10.02 -26.42
C GLY A 1552 -14.68 -8.97 -27.41
N ARG A 1553 -13.39 -8.62 -27.36
CA ARG A 1553 -12.87 -7.56 -28.22
C ARG A 1553 -12.83 -7.99 -29.68
N PHE A 1554 -12.73 -9.28 -29.95
CA PHE A 1554 -12.70 -9.78 -31.33
C PHE A 1554 -14.05 -9.55 -32.02
N PHE A 1555 -15.13 -9.84 -31.30
CA PHE A 1555 -16.46 -9.61 -31.85
C PHE A 1555 -16.71 -8.13 -32.10
N CYS A 1556 -15.99 -7.25 -31.38
CA CYS A 1556 -16.11 -5.82 -31.65
C CYS A 1556 -15.61 -5.48 -33.04
N ASP A 1557 -14.49 -6.07 -33.46
CA ASP A 1557 -14.04 -5.86 -34.84
C ASP A 1557 -14.97 -6.51 -35.84
N ARG A 1558 -15.49 -7.70 -35.50
CA ARG A 1558 -16.52 -8.31 -36.34
C ARG A 1558 -17.74 -7.43 -36.50
N LEU A 1559 -18.05 -6.59 -35.51
CA LEU A 1559 -19.05 -5.55 -35.70
C LEU A 1559 -18.54 -4.38 -36.51
N ASP A 1560 -17.29 -3.96 -36.31
CA ASP A 1560 -16.83 -2.74 -36.96
C ASP A 1560 -16.85 -2.90 -38.47
N ALA A 1561 -16.34 -4.03 -38.97
CA ALA A 1561 -16.38 -4.27 -40.40
C ALA A 1561 -17.81 -4.38 -40.91
N ALA A 1562 -18.68 -5.08 -40.17
CA ALA A 1562 -20.05 -5.21 -40.60
C ALA A 1562 -20.75 -3.86 -40.70
N MET A 1563 -20.60 -3.02 -39.67
CA MET A 1563 -21.26 -1.71 -39.68
C MET A 1563 -20.70 -0.82 -40.78
N GLU A 1564 -19.42 -0.98 -41.12
CA GLU A 1564 -18.93 -0.31 -42.32
C GLU A 1564 -19.64 -0.81 -43.57
N SER A 1565 -20.01 -2.09 -43.58
CA SER A 1565 -20.73 -2.63 -44.74
C SER A 1565 -22.19 -2.14 -44.80
N LEU A 1566 -22.83 -1.96 -43.63
CA LEU A 1566 -24.25 -1.60 -43.60
C LEU A 1566 -24.52 -0.29 -44.31
N VAL A 1567 -23.64 0.71 -44.15
CA VAL A 1567 -23.92 2.00 -44.78
C VAL A 1567 -23.96 1.86 -46.29
N SER A 1568 -23.05 1.07 -46.87
CA SER A 1568 -23.08 0.84 -48.31
C SER A 1568 -24.33 0.08 -48.72
N GLN A 1569 -24.69 -0.96 -47.97
CA GLN A 1569 -25.84 -1.77 -48.34
C GLN A 1569 -27.13 -0.96 -48.30
N THR A 1570 -27.32 -0.14 -47.26
CA THR A 1570 -28.51 0.69 -47.20
C THR A 1570 -28.43 1.88 -48.15
N LYS A 1571 -27.21 2.27 -48.53
CA LYS A 1571 -27.06 3.30 -49.55
C LYS A 1571 -27.61 2.80 -50.88
N ILE A 1572 -27.31 1.54 -51.21
CA ILE A 1572 -28.03 0.90 -52.32
C ILE A 1572 -29.52 0.86 -51.96
N LEU A 1573 -30.37 0.92 -53.00
CA LEU A 1573 -31.85 0.88 -52.85
C LEU A 1573 -32.30 1.95 -51.86
N LYS A 1678 -39.47 -1.93 -51.06
CA LYS A 1678 -38.85 -2.30 -49.78
C LYS A 1678 -39.49 -3.57 -49.23
N LEU A 1679 -40.01 -3.46 -48.01
CA LEU A 1679 -40.65 -4.58 -47.31
C LEU A 1679 -39.72 -5.78 -47.18
N LEU A 1680 -38.54 -5.52 -46.63
CA LEU A 1680 -37.60 -6.60 -46.34
C LEU A 1680 -38.17 -7.46 -45.22
N PRO A 1681 -38.37 -8.76 -45.44
CA PRO A 1681 -39.09 -9.57 -44.45
C PRO A 1681 -38.46 -9.61 -43.07
N ASN A 1682 -37.13 -9.61 -42.99
CA ASN A 1682 -36.42 -9.76 -41.72
C ASN A 1682 -35.37 -8.66 -41.61
N PRO A 1683 -35.75 -7.46 -41.19
CA PRO A 1683 -34.77 -6.39 -41.04
C PRO A 1683 -33.98 -6.51 -39.74
N VAL A 1684 -32.80 -5.97 -39.77
CA VAL A 1684 -32.00 -5.80 -38.57
C VAL A 1684 -32.22 -4.39 -38.06
N LEU A 1685 -32.27 -4.23 -36.74
CA LEU A 1685 -32.50 -2.91 -36.18
C LEU A 1685 -31.32 -1.97 -36.44
N HIS A 1686 -30.11 -2.52 -36.55
CA HIS A 1686 -28.92 -1.67 -36.63
C HIS A 1686 -28.80 -0.91 -37.95
N MET A 1687 -29.60 -1.25 -38.95
CA MET A 1687 -29.40 -0.67 -40.27
C MET A 1687 -30.03 0.71 -40.39
N PHE A 1688 -31.10 0.99 -39.66
CA PHE A 1688 -31.85 2.23 -39.82
C PHE A 1688 -31.92 3.03 -38.52
N ARG A 1689 -32.43 4.25 -38.64
CA ARG A 1689 -32.25 5.32 -37.67
C ARG A 1689 -33.57 5.70 -37.02
N PHE A 1690 -33.51 6.07 -35.74
CA PHE A 1690 -34.69 6.36 -34.95
C PHE A 1690 -34.77 7.83 -34.59
N ARG A 1691 -35.94 8.23 -34.11
CA ARG A 1691 -36.06 9.53 -33.46
C ARG A 1691 -35.53 9.49 -32.04
N ARG A 1692 -35.60 8.35 -31.37
CA ARG A 1692 -35.27 8.31 -29.95
C ARG A 1692 -34.94 6.89 -29.57
N VAL A 1693 -33.88 6.70 -28.80
CA VAL A 1693 -33.60 5.39 -28.22
C VAL A 1693 -33.39 5.55 -26.72
N ILE A 1694 -34.03 4.68 -25.95
CA ILE A 1694 -34.09 4.76 -24.50
C ILE A 1694 -33.59 3.43 -23.95
N ALA A 1695 -32.44 3.45 -23.28
CA ALA A 1695 -31.88 2.25 -22.67
C ALA A 1695 -32.46 2.14 -21.27
N ASP A 1696 -33.44 1.26 -21.11
CA ASP A 1696 -34.22 1.26 -19.88
C ASP A 1696 -33.50 0.67 -18.69
N GLU A 1697 -32.53 -0.21 -18.89
CA GLU A 1697 -31.58 -0.56 -17.84
C GLU A 1697 -30.21 -0.66 -18.47
N PHE A 1698 -29.24 0.05 -17.92
CA PHE A 1698 -27.92 0.08 -18.52
C PHE A 1698 -26.95 -0.84 -17.81
N THR A 1699 -27.24 -1.19 -16.56
CA THR A 1699 -26.36 -2.08 -15.82
C THR A 1699 -26.67 -3.54 -16.05
N TYR A 1700 -27.89 -3.87 -16.50
CA TYR A 1700 -28.19 -5.27 -16.75
C TYR A 1700 -27.51 -5.77 -18.01
N LEU A 1701 -27.55 -4.96 -19.07
CA LEU A 1701 -27.06 -5.36 -20.40
C LEU A 1701 -25.67 -5.99 -20.31
N GLN A 1702 -25.61 -7.26 -20.68
CA GLN A 1702 -24.40 -8.05 -20.54
C GLN A 1702 -23.28 -7.48 -21.40
N LYS A 1703 -22.08 -7.98 -21.18
CA LYS A 1703 -20.95 -7.50 -21.94
C LYS A 1703 -21.03 -7.89 -23.41
N LYS A 1704 -21.85 -8.88 -23.75
CA LYS A 1704 -21.99 -9.21 -25.16
C LYS A 1704 -23.04 -8.34 -25.84
N SER A 1705 -24.12 -8.01 -25.14
CA SER A 1705 -25.22 -7.27 -25.74
C SER A 1705 -25.13 -5.76 -25.52
N LEU A 1706 -24.17 -5.29 -24.72
CA LEU A 1706 -23.95 -3.86 -24.62
C LEU A 1706 -23.45 -3.29 -25.94
N ALA A 1707 -22.54 -4.01 -26.60
CA ALA A 1707 -22.02 -3.56 -27.88
C ALA A 1707 -23.10 -3.43 -28.93
N ALA A 1708 -24.15 -4.23 -28.84
CA ALA A 1708 -25.25 -4.10 -29.78
C ALA A 1708 -25.99 -2.78 -29.60
N VAL A 1709 -26.23 -2.39 -28.36
CA VAL A 1709 -27.06 -1.21 -28.11
C VAL A 1709 -26.20 0.05 -28.18
N LEU A 1710 -24.88 -0.11 -28.28
CA LEU A 1710 -24.05 1.07 -28.47
C LEU A 1710 -23.98 1.55 -29.90
N ARG A 1711 -24.35 0.73 -30.89
CA ARG A 1711 -24.20 1.13 -32.28
C ARG A 1711 -25.40 1.90 -32.79
N LEU A 1712 -26.59 1.34 -32.60
CA LEU A 1712 -27.74 1.72 -33.38
C LEU A 1712 -28.09 3.18 -33.16
N SER A 1713 -28.41 3.86 -34.26
CA SER A 1713 -28.48 5.32 -34.30
C SER A 1713 -29.88 5.81 -34.02
N SER A 1714 -29.97 7.10 -33.72
CA SER A 1714 -31.18 7.68 -33.16
C SER A 1714 -30.99 9.19 -33.09
N SER A 1715 -32.10 9.91 -33.14
CA SER A 1715 -32.02 11.35 -33.05
C SER A 1715 -31.75 11.83 -31.63
N TYR A 1716 -32.34 11.16 -30.63
CA TYR A 1716 -32.16 11.52 -29.23
C TYR A 1716 -31.81 10.29 -28.40
N ARG A 1717 -31.03 10.51 -27.35
CA ARG A 1717 -30.41 9.45 -26.58
C ARG A 1717 -30.81 9.57 -25.11
N TRP A 1718 -31.51 8.55 -24.59
CA TRP A 1718 -31.96 8.57 -23.20
C TRP A 1718 -31.56 7.29 -22.50
N ILE A 1719 -31.17 7.41 -21.23
CA ILE A 1719 -30.84 6.26 -20.41
C ILE A 1719 -31.69 6.32 -19.15
N LEU A 1720 -32.40 5.23 -18.87
CA LEU A 1720 -33.19 5.09 -17.65
C LEU A 1720 -32.54 4.00 -16.83
N SER A 1721 -32.42 4.21 -15.52
CA SER A 1721 -31.76 3.21 -14.69
C SER A 1721 -32.10 3.44 -13.23
N GLY A 1722 -32.47 2.37 -12.53
CA GLY A 1722 -32.58 2.46 -11.08
C GLY A 1722 -31.24 2.68 -10.43
N THR A 1723 -30.22 1.96 -10.89
CA THR A 1723 -28.86 2.17 -10.44
C THR A 1723 -28.00 2.66 -11.60
N PRO A 1724 -27.48 3.87 -11.55
CA PRO A 1724 -26.64 4.37 -12.64
C PRO A 1724 -25.19 4.00 -12.37
N PRO A 1725 -24.51 3.41 -13.35
CA PRO A 1725 -23.12 2.99 -13.14
C PRO A 1725 -22.17 4.16 -13.13
N VAL A 1726 -22.04 4.83 -11.98
CA VAL A 1726 -21.31 6.09 -11.88
C VAL A 1726 -20.18 5.99 -10.86
N SER A 1727 -19.62 4.79 -10.72
CA SER A 1727 -18.66 4.54 -9.64
C SER A 1727 -17.29 5.14 -9.91
N ASP A 1728 -16.85 5.15 -11.17
CA ASP A 1728 -15.55 5.69 -11.52
C ASP A 1728 -15.57 6.10 -12.99
N PHE A 1729 -14.41 6.51 -13.50
CA PHE A 1729 -14.34 6.98 -14.87
C PHE A 1729 -14.69 5.88 -15.86
N ALA A 1730 -14.21 4.67 -15.61
CA ALA A 1730 -14.50 3.57 -16.53
C ALA A 1730 -15.97 3.22 -16.55
N ALA A 1731 -16.72 3.67 -15.54
CA ALA A 1731 -18.15 3.39 -15.51
C ALA A 1731 -18.95 4.53 -16.12
N ILE A 1732 -18.49 5.77 -15.92
CA ILE A 1732 -19.13 6.92 -16.55
C ILE A 1732 -18.95 6.88 -18.06
N ARG A 1733 -17.77 6.44 -18.51
CA ARG A 1733 -17.47 6.37 -19.94
C ARG A 1733 -18.40 5.41 -20.66
N SER A 1734 -18.87 4.37 -19.98
CA SER A 1734 -19.79 3.45 -20.62
C SER A 1734 -21.11 4.13 -20.96
N ILE A 1735 -21.61 4.99 -20.08
CA ILE A 1735 -22.81 5.78 -20.37
C ILE A 1735 -22.53 6.78 -21.49
N ALA A 1736 -21.41 7.49 -21.38
CA ALA A 1736 -21.14 8.55 -22.34
C ALA A 1736 -20.89 8.01 -23.73
N THR A 1737 -20.44 6.78 -23.85
CA THR A 1737 -20.30 6.18 -25.16
C THR A 1737 -21.68 6.00 -25.80
N PHE A 1738 -22.66 5.59 -25.00
CA PHE A 1738 -24.03 5.50 -25.50
C PHE A 1738 -24.55 6.88 -25.89
N MET A 1739 -24.20 7.89 -25.10
CA MET A 1739 -24.59 9.25 -25.44
C MET A 1739 -23.97 9.69 -26.76
N GLY A 1740 -22.72 9.32 -26.99
CA GLY A 1740 -21.95 9.78 -28.14
C GLY A 1740 -20.78 10.64 -27.79
N ILE A 1741 -20.66 11.09 -26.54
CA ILE A 1741 -19.51 11.86 -26.14
C ILE A 1741 -18.29 10.94 -26.13
N HIS A 1742 -17.10 11.54 -26.16
CA HIS A 1742 -15.86 10.80 -26.13
C HIS A 1742 -14.96 11.33 -25.02
N LEU A 1743 -15.47 11.38 -23.80
CA LEU A 1743 -14.81 12.14 -22.74
C LEU A 1743 -13.46 11.53 -22.36
N GLY A 1744 -13.20 10.28 -22.71
CA GLY A 1744 -11.95 9.65 -22.33
C GLY A 1744 -11.44 8.70 -23.39
N VAL A 1745 -10.20 8.28 -23.19
CA VAL A 1745 -9.57 7.26 -24.02
C VAL A 1745 -9.10 6.13 -23.10
N GLU A 1746 -8.99 4.94 -23.66
CA GLU A 1746 -8.55 3.79 -22.88
C GLU A 1746 -7.09 3.98 -22.50
N ASP A 1747 -6.74 3.61 -21.26
CA ASP A 1747 -5.33 3.41 -20.99
C ASP A 1747 -5.00 2.20 -20.12
N ASP A 1748 -5.97 1.59 -19.45
CA ASP A 1748 -5.77 0.41 -18.60
C ASP A 1748 -4.66 0.64 -17.57
N GLY A 1749 -4.69 1.82 -16.97
CA GLY A 1749 -3.81 2.12 -15.87
C GLY A 1749 -4.55 2.90 -14.82
N GLU A 1750 -5.86 3.01 -15.01
CA GLU A 1750 -6.69 3.84 -14.16
C GLU A 1750 -7.66 3.06 -13.28
N GLY A 1751 -8.12 1.90 -13.74
CA GLY A 1751 -9.10 1.15 -12.98
C GLY A 1751 -8.53 0.59 -11.68
N ASP A 1752 -9.34 -0.22 -11.04
CA ASP A 1752 -8.90 -0.90 -9.83
C ASP A 1752 -8.02 -2.09 -10.19
N VAL A 1753 -7.33 -2.63 -9.17
CA VAL A 1753 -6.50 -3.80 -9.35
C VAL A 1753 -7.33 -4.97 -9.83
N GLN A 1754 -8.57 -5.09 -9.35
CA GLN A 1754 -9.49 -6.09 -9.90
C GLN A 1754 -9.77 -5.82 -11.37
N TYR A 1755 -10.31 -4.64 -11.67
CA TYR A 1755 -10.83 -4.36 -13.01
C TYR A 1755 -9.74 -4.42 -14.06
N GLN A 1756 -8.50 -4.13 -13.69
CA GLN A 1756 -7.41 -4.20 -14.65
C GLN A 1756 -7.26 -5.60 -15.21
N LYS A 1757 -7.52 -6.63 -14.40
CA LYS A 1757 -7.23 -8.00 -14.81
C LYS A 1757 -8.19 -8.47 -15.90
N ALA A 1758 -9.48 -8.18 -15.73
CA ALA A 1758 -10.48 -8.66 -16.67
C ALA A 1758 -10.27 -8.08 -18.07
N ARG A 1759 -9.59 -6.94 -18.18
CA ARG A 1759 -9.20 -6.41 -19.47
C ARG A 1759 -7.78 -6.82 -19.86
N ALA A 1760 -6.93 -7.11 -18.88
CA ALA A 1760 -5.56 -7.52 -19.15
C ALA A 1760 -5.45 -8.97 -19.56
N LYS A 1761 -6.52 -9.75 -19.48
CA LYS A 1761 -6.49 -11.07 -20.10
C LYS A 1761 -6.74 -11.01 -21.60
N ASP A 1762 -7.26 -9.89 -22.09
CA ASP A 1762 -7.58 -9.72 -23.51
C ASP A 1762 -6.53 -8.92 -24.26
N GLN A 1763 -5.44 -8.56 -23.60
CA GLN A 1763 -4.44 -7.73 -24.22
C GLN A 1763 -3.50 -8.56 -25.06
N THR A 1764 -3.14 -8.03 -26.23
CA THR A 1764 -2.06 -8.62 -27.01
C THR A 1764 -0.79 -8.63 -26.19
N GLN A 1765 0.08 -9.60 -26.46
CA GLN A 1765 1.32 -9.70 -25.70
C GLN A 1765 2.19 -8.47 -25.86
N ALA A 1766 1.95 -7.67 -26.91
CA ALA A 1766 2.68 -6.42 -27.07
C ALA A 1766 2.01 -5.26 -26.36
N GLU A 1767 0.67 -5.25 -26.32
CA GLU A 1767 -0.03 -4.20 -25.59
C GLU A 1767 0.25 -4.27 -24.10
N LYS A 1768 0.32 -5.49 -23.57
CA LYS A 1768 0.62 -5.70 -22.17
C LYS A 1768 2.00 -5.17 -21.82
N PHE A 1769 2.88 -5.14 -22.80
CA PHE A 1769 4.19 -4.50 -22.70
C PHE A 1769 4.11 -2.99 -22.86
N HIS A 1770 3.26 -2.51 -23.75
CA HIS A 1770 3.15 -1.07 -23.98
C HIS A 1770 2.51 -0.35 -22.81
N ALA A 1771 1.69 -1.04 -22.04
CA ALA A 1771 1.08 -0.43 -20.87
C ALA A 1771 2.14 -0.03 -19.85
N PHE A 1772 3.14 -0.87 -19.63
CA PHE A 1772 4.19 -0.57 -18.67
C PHE A 1772 5.17 0.47 -19.17
N ARG A 1773 5.15 0.79 -20.46
CA ARG A 1773 6.15 1.67 -21.04
C ARG A 1773 5.90 3.13 -20.71
N GLU A 1774 4.65 3.57 -20.67
CA GLU A 1774 4.32 4.97 -20.42
C GLU A 1774 3.29 5.10 -19.29
N VAL A 1775 3.52 6.07 -18.40
CA VAL A 1775 2.70 6.24 -17.21
C VAL A 1775 2.39 7.73 -17.04
N HIS A 1776 1.25 8.04 -16.42
CA HIS A 1776 0.77 9.40 -16.29
C HIS A 1776 0.89 9.89 -14.85
N SER A 1777 0.37 11.09 -14.60
CA SER A 1777 0.86 11.90 -13.50
C SER A 1777 -0.03 11.96 -12.27
N ARG A 1778 -1.17 11.25 -12.27
CA ARG A 1778 -2.18 11.33 -11.21
C ARG A 1778 -2.79 12.71 -11.11
N ALA A 1779 -2.37 13.63 -11.96
CA ALA A 1779 -3.13 14.84 -12.22
C ALA A 1779 -3.86 14.74 -13.54
N TRP A 1780 -3.29 14.01 -14.49
CA TRP A 1780 -3.94 13.69 -15.74
C TRP A 1780 -5.15 12.80 -15.55
N HIS A 1781 -5.23 12.09 -14.43
CA HIS A 1781 -6.42 11.34 -14.09
C HIS A 1781 -7.43 12.20 -13.33
N ASN A 1782 -6.96 13.10 -12.48
CA ASN A 1782 -7.86 13.99 -11.76
C ASN A 1782 -8.58 14.93 -12.70
N ARG A 1783 -7.89 15.43 -13.72
CA ARG A 1783 -8.55 16.28 -14.70
C ARG A 1783 -9.61 15.52 -15.48
N ARG A 1784 -9.35 14.26 -15.81
CA ARG A 1784 -10.40 13.45 -16.41
C ARG A 1784 -11.53 13.18 -15.44
N ASP A 1785 -11.24 13.09 -14.15
CA ASP A 1785 -12.32 12.99 -13.16
C ASP A 1785 -13.17 14.25 -13.18
N GLU A 1786 -12.53 15.42 -13.24
CA GLU A 1786 -13.27 16.68 -13.32
C GLU A 1786 -14.14 16.73 -14.56
N LEU A 1787 -13.60 16.26 -15.69
CA LEU A 1787 -14.41 16.24 -16.90
C LEU A 1787 -15.56 15.25 -16.80
N ALA A 1788 -15.36 14.12 -16.12
CA ALA A 1788 -16.46 13.21 -15.90
C ALA A 1788 -17.54 13.83 -15.01
N GLN A 1789 -17.12 14.59 -13.99
CA GLN A 1789 -18.08 15.30 -13.16
C GLN A 1789 -18.82 16.35 -13.97
N GLU A 1790 -18.12 17.05 -14.86
CA GLU A 1790 -18.78 18.04 -15.71
C GLU A 1790 -19.76 17.40 -16.66
N PHE A 1791 -19.47 16.19 -17.12
CA PHE A 1791 -20.45 15.44 -17.90
C PHE A 1791 -21.67 15.11 -17.05
N LEU A 1792 -21.44 14.73 -15.79
CA LEU A 1792 -22.55 14.40 -14.90
C LEU A 1792 -23.46 15.59 -14.71
N ASN A 1793 -22.88 16.74 -14.39
CA ASN A 1793 -23.66 17.90 -14.02
C ASN A 1793 -24.51 18.43 -15.16
N VAL A 1794 -24.27 17.97 -16.39
CA VAL A 1794 -25.05 18.39 -17.53
C VAL A 1794 -26.05 17.33 -17.95
N PHE A 1795 -25.67 16.05 -17.96
CA PHE A 1795 -26.55 15.03 -18.53
C PHE A 1795 -27.17 14.08 -17.53
N VAL A 1796 -26.87 14.19 -16.24
CA VAL A 1796 -27.29 13.20 -15.25
C VAL A 1796 -28.03 13.93 -14.15
N ARG A 1797 -29.26 13.50 -13.86
CA ARG A 1797 -30.03 14.05 -12.76
C ARG A 1797 -30.49 12.92 -11.85
N GLN A 1798 -30.85 13.24 -10.61
CA GLN A 1798 -31.34 12.23 -9.68
C GLN A 1798 -32.27 12.84 -8.65
N ASN A 1799 -33.42 12.22 -8.45
CA ASN A 1799 -34.35 12.64 -7.42
C ASN A 1799 -34.20 11.74 -6.20
N ILE A 1800 -33.65 12.30 -5.13
CA ILE A 1800 -33.45 11.54 -3.90
C ILE A 1800 -34.27 12.14 -2.78
N ILE A 1803 -35.14 16.26 3.18
CA ILE A 1803 -35.90 15.89 1.99
C ILE A 1803 -37.04 14.98 2.39
N GLU A 1804 -37.56 15.21 3.60
CA GLU A 1804 -38.58 14.35 4.19
C GLU A 1804 -39.84 14.27 3.32
N ASP A 1805 -40.04 13.10 2.71
CA ASP A 1805 -41.24 12.86 1.92
C ASP A 1805 -42.47 12.88 2.80
N ILE A 1806 -42.44 12.13 3.88
CA ILE A 1806 -43.63 11.66 4.58
C ILE A 1806 -43.38 11.84 6.06
N PRO A 1807 -44.43 11.95 6.86
CA PRO A 1807 -44.28 11.67 8.29
C PRO A 1807 -43.57 10.34 8.53
N THR A 1808 -42.36 10.40 9.07
CA THR A 1808 -41.57 9.23 9.42
C THR A 1808 -41.46 9.20 10.94
N VAL A 1809 -42.24 8.34 11.58
CA VAL A 1809 -42.34 8.30 13.02
C VAL A 1809 -41.72 7.02 13.53
N GLU A 1810 -41.28 7.06 14.79
CA GLU A 1810 -40.56 5.97 15.43
C GLU A 1810 -41.37 5.47 16.61
N HIS A 1811 -41.26 4.18 16.91
CA HIS A 1811 -42.01 3.57 18.02
C HIS A 1811 -41.12 2.53 18.71
N ILE A 1812 -40.39 2.96 19.75
CA ILE A 1812 -39.47 2.09 20.46
C ILE A 1812 -40.30 1.27 21.45
N HIS A 1813 -40.51 -0.01 21.14
CA HIS A 1813 -41.19 -0.92 22.06
C HIS A 1813 -40.17 -1.68 22.88
N THR A 1814 -40.40 -1.75 24.18
CA THR A 1814 -39.44 -2.29 25.13
C THR A 1814 -40.07 -3.45 25.90
N PHE A 1815 -39.25 -4.46 26.18
CA PHE A 1815 -39.70 -5.72 26.76
C PHE A 1815 -39.60 -5.70 28.28
N LYS A 1816 -40.35 -6.59 28.90
CA LYS A 1816 -40.11 -7.02 30.27
C LYS A 1816 -39.65 -8.48 30.21
N LEU A 1817 -38.67 -8.81 31.04
CA LEU A 1817 -38.02 -10.11 30.94
C LEU A 1817 -38.80 -11.14 31.74
N PRO A 1818 -39.37 -12.16 31.10
CA PRO A 1818 -40.24 -13.10 31.84
C PRO A 1818 -39.49 -14.07 32.75
N ALA A 1819 -38.18 -14.25 32.56
CA ALA A 1819 -37.30 -15.04 33.42
C ALA A 1819 -37.62 -16.53 33.35
N SER A 1820 -38.69 -16.91 32.66
CA SER A 1820 -38.87 -18.30 32.27
C SER A 1820 -37.91 -18.63 31.13
N GLU A 1821 -37.80 -17.73 30.14
CA GLU A 1821 -36.70 -17.75 29.19
C GLU A 1821 -35.72 -16.62 29.42
N GLY A 1822 -36.10 -15.62 30.22
CA GLY A 1822 -35.13 -14.61 30.59
C GLY A 1822 -33.93 -15.21 31.31
N ALA A 1823 -34.17 -16.09 32.27
CA ALA A 1823 -33.06 -16.74 32.96
C ALA A 1823 -32.28 -17.65 32.02
N VAL A 1824 -32.97 -18.25 31.05
CA VAL A 1824 -32.28 -19.01 30.01
C VAL A 1824 -31.28 -18.13 29.30
N TYR A 1825 -31.68 -16.90 28.97
CA TYR A 1825 -30.72 -15.93 28.46
C TYR A 1825 -29.62 -15.69 29.49
N LEU A 1826 -29.99 -15.40 30.73
CA LEU A 1826 -29.02 -15.00 31.76
C LEU A 1826 -27.90 -16.01 31.93
N GLU A 1827 -28.17 -17.29 31.67
CA GLU A 1827 -27.06 -18.21 31.82
C GLU A 1827 -26.07 -18.12 30.66
N LEU A 1828 -26.53 -17.74 29.46
CA LEU A 1828 -25.62 -17.69 28.31
C LEU A 1828 -24.50 -16.66 28.46
N GLU A 1829 -24.82 -15.42 28.81
CA GLU A 1829 -23.77 -14.41 28.75
C GLU A 1829 -22.65 -14.71 29.73
N HIS A 1830 -22.98 -15.30 30.87
CA HIS A 1830 -21.97 -15.62 31.87
C HIS A 1830 -21.32 -16.97 31.63
N HIS A 1831 -22.01 -17.91 30.99
CA HIS A 1831 -21.35 -19.10 30.48
C HIS A 1831 -20.27 -18.73 29.47
N LEU A 1832 -20.60 -17.81 28.58
CA LEU A 1832 -19.64 -17.32 27.60
C LEU A 1832 -18.56 -16.48 28.24
N GLN A 1833 -18.90 -15.75 29.31
CA GLN A 1833 -17.87 -15.05 30.08
C GLN A 1833 -16.90 -16.02 30.72
N ALA A 1834 -17.41 -17.14 31.24
CA ALA A 1834 -16.55 -18.18 31.79
C ALA A 1834 -15.62 -18.74 30.73
N LEU A 1835 -16.19 -19.19 29.62
CA LEU A 1835 -15.37 -19.81 28.58
C LEU A 1835 -14.56 -18.79 27.81
N GLU A 1836 -14.76 -17.49 28.07
CA GLU A 1836 -14.15 -16.33 27.44
C GLU A 1836 -14.02 -16.48 25.92
N MET A 1837 -14.99 -17.11 25.31
CA MET A 1837 -14.98 -17.30 23.86
C MET A 1837 -15.97 -16.34 23.23
N GLN A 1838 -15.52 -15.59 22.23
CA GLN A 1838 -16.33 -14.60 21.54
C GLN A 1838 -16.84 -15.11 20.20
N ALA A 1839 -15.92 -15.52 19.33
CA ALA A 1839 -16.25 -16.03 18.01
C ALA A 1839 -15.66 -17.41 17.83
N ARG A 1840 -16.25 -18.19 16.93
CA ARG A 1840 -15.70 -19.49 16.57
C ARG A 1840 -14.65 -19.26 15.49
N LYS A 1841 -13.39 -19.46 15.85
CA LYS A 1841 -12.34 -19.42 14.85
C LYS A 1841 -12.32 -20.73 14.09
N GLU A 1842 -12.03 -20.65 12.81
CA GLU A 1842 -11.98 -21.85 11.97
C GLU A 1842 -10.76 -21.77 11.08
N THR A 1843 -9.79 -22.63 11.33
CA THR A 1843 -8.51 -22.60 10.66
C THR A 1843 -8.01 -24.03 10.45
N LYS A 1844 -6.77 -24.15 9.99
CA LYS A 1844 -6.21 -25.43 9.59
C LYS A 1844 -5.59 -26.13 10.80
N PHE A 1845 -6.28 -27.11 11.36
CA PHE A 1845 -5.75 -27.91 12.46
C PHE A 1845 -5.26 -29.24 11.91
N LYS A 1846 -4.01 -29.58 12.24
CA LYS A 1846 -3.44 -30.86 11.86
C LYS A 1846 -3.54 -31.89 12.99
N ASN A 1847 -3.34 -31.47 14.23
CA ASN A 1847 -3.33 -32.38 15.36
C ASN A 1847 -4.75 -32.86 15.61
N VAL A 1848 -4.98 -34.16 15.42
CA VAL A 1848 -6.32 -34.72 15.55
C VAL A 1848 -6.79 -34.65 16.99
N SER A 1849 -5.87 -34.64 17.95
CA SER A 1849 -6.23 -34.55 19.35
C SER A 1849 -6.14 -33.13 19.90
N GLN A 1850 -5.85 -32.15 19.05
CA GLN A 1850 -5.91 -30.74 19.44
C GLN A 1850 -7.03 -29.98 18.75
N GLY A 1851 -7.42 -30.39 17.55
CA GLY A 1851 -8.52 -29.75 16.85
C GLY A 1851 -9.89 -30.13 17.39
N ASP A 1852 -10.03 -31.37 17.84
CA ASP A 1852 -11.32 -31.80 18.39
C ASP A 1852 -11.57 -31.15 19.74
N ARG A 1853 -10.51 -30.92 20.53
CA ARG A 1853 -10.65 -30.22 21.79
C ARG A 1853 -11.05 -28.77 21.60
N ASN A 1854 -10.93 -28.24 20.38
CA ASN A 1854 -11.47 -26.94 20.02
C ASN A 1854 -12.89 -27.05 19.48
N ALA A 1855 -13.12 -28.03 18.61
CA ALA A 1855 -14.46 -28.24 18.06
C ALA A 1855 -15.47 -28.67 19.12
N ARG A 1856 -15.01 -29.11 20.29
CA ARG A 1856 -15.90 -29.46 21.38
C ARG A 1856 -16.05 -28.33 22.38
N LEU A 1857 -14.96 -27.61 22.67
CA LEU A 1857 -15.02 -26.49 23.59
C LEU A 1857 -15.91 -25.38 23.05
N GLU A 1858 -15.77 -25.08 21.77
CA GLU A 1858 -16.56 -24.07 21.09
C GLU A 1858 -17.98 -24.56 20.78
N GLU A 1859 -18.22 -25.86 20.84
CA GLU A 1859 -19.49 -26.43 20.41
C GLU A 1859 -20.70 -25.90 21.18
N ALA A 1860 -20.49 -25.36 22.39
CA ALA A 1860 -21.60 -24.80 23.14
C ALA A 1860 -22.18 -23.57 22.46
N LEU A 1861 -21.35 -22.80 21.78
CA LEU A 1861 -21.80 -21.61 21.07
C LEU A 1861 -22.33 -22.04 19.71
N SER A 1862 -23.27 -22.97 19.72
CA SER A 1862 -23.64 -23.69 18.52
C SER A 1862 -24.41 -22.78 17.56
N ASP A 1863 -24.57 -23.29 16.33
CA ASP A 1863 -25.39 -22.73 15.26
C ASP A 1863 -25.17 -21.24 15.01
N SER A 1864 -24.01 -20.72 15.39
CA SER A 1864 -23.76 -19.29 15.31
C SER A 1864 -22.29 -19.06 15.00
N LYS A 1865 -21.95 -17.80 14.74
CA LYS A 1865 -20.59 -17.38 14.47
C LYS A 1865 -19.93 -16.67 15.63
N THR A 1866 -20.68 -15.88 16.40
CA THR A 1866 -20.07 -15.09 17.44
C THR A 1866 -21.03 -14.91 18.61
N ALA A 1867 -20.47 -14.43 19.72
CA ALA A 1867 -21.20 -14.33 20.96
C ALA A 1867 -22.35 -13.34 20.85
N GLU A 1868 -22.14 -12.22 20.16
CA GLU A 1868 -23.20 -11.25 19.96
C GLU A 1868 -24.34 -11.86 19.17
N GLU A 1869 -24.02 -12.59 18.10
CA GLU A 1869 -25.06 -13.21 17.28
C GLU A 1869 -25.86 -14.23 18.07
N ALA A 1870 -25.18 -15.07 18.87
CA ALA A 1870 -25.89 -16.03 19.69
C ALA A 1870 -26.71 -15.37 20.78
N LEU A 1871 -26.18 -14.31 21.42
CA LEU A 1871 -26.93 -13.61 22.45
C LEU A 1871 -28.18 -12.94 21.89
N LEU A 1872 -28.08 -12.34 20.70
CA LEU A 1872 -29.27 -11.81 20.06
C LEU A 1872 -30.25 -12.91 19.72
N LYS A 1873 -29.78 -14.04 19.19
CA LYS A 1873 -30.70 -15.11 18.88
C LYS A 1873 -31.41 -15.61 20.14
N ARG A 1874 -30.70 -15.66 21.26
CA ARG A 1874 -31.30 -16.18 22.49
C ARG A 1874 -32.13 -15.14 23.22
N CYS A 1875 -31.93 -13.86 22.95
CA CYS A 1875 -32.84 -12.86 23.50
C CYS A 1875 -34.08 -12.71 22.64
N CYS A 1876 -33.99 -13.08 21.36
CA CYS A 1876 -35.19 -13.18 20.55
C CYS A 1876 -35.99 -14.43 20.89
N HIS A 1877 -35.31 -15.56 21.07
CA HIS A 1877 -36.02 -16.80 21.37
C HIS A 1877 -35.11 -17.74 22.15
N PHE A 1878 -35.71 -18.45 23.09
CA PHE A 1878 -35.01 -19.43 23.92
C PHE A 1878 -34.89 -20.75 23.17
N THR A 1879 -33.66 -21.25 23.05
CA THR A 1879 -33.35 -22.59 22.55
C THR A 1879 -31.86 -22.79 22.74
N LEU A 1880 -31.47 -24.00 23.14
CA LEU A 1880 -30.04 -24.31 23.23
C LEU A 1880 -29.35 -24.06 21.90
N ASP A 1881 -29.90 -24.62 20.83
CA ASP A 1881 -29.32 -24.51 19.50
C ASP A 1881 -30.37 -24.85 18.45
N LEU A 1882 -30.30 -24.14 17.32
CA LEU A 1882 -31.40 -24.05 16.38
C LEU A 1882 -31.20 -24.90 15.12
N SER A 1883 -29.99 -25.39 14.86
CA SER A 1883 -29.76 -26.18 13.65
C SER A 1883 -30.39 -27.56 13.79
N ASP A 1884 -30.33 -28.15 14.97
CA ASP A 1884 -30.80 -29.52 15.20
C ASP A 1884 -32.24 -29.51 15.73
N LYS A 1885 -33.18 -29.83 14.85
CA LYS A 1885 -34.60 -29.84 15.17
C LYS A 1885 -35.11 -31.22 15.52
N THR A 1886 -34.22 -32.18 15.76
CA THR A 1886 -34.65 -33.53 16.13
C THR A 1886 -35.41 -33.51 17.45
N GLN A 1887 -34.92 -32.75 18.41
CA GLN A 1887 -35.58 -32.54 19.69
C GLN A 1887 -36.04 -31.10 19.77
N ASP A 1888 -37.27 -30.90 20.26
CA ASP A 1888 -37.88 -29.57 20.30
C ASP A 1888 -38.32 -29.29 21.73
N ALA A 1889 -37.79 -28.21 22.30
CA ALA A 1889 -38.07 -27.90 23.70
C ALA A 1889 -39.52 -27.47 23.90
N LYS A 1890 -40.00 -26.55 23.08
CA LYS A 1890 -41.39 -26.08 23.04
C LYS A 1890 -41.84 -25.37 24.31
N SER A 1891 -40.96 -25.20 25.30
CA SER A 1891 -41.33 -24.49 26.51
C SER A 1891 -40.06 -24.04 27.24
N ALA A 1892 -40.25 -23.07 28.14
CA ALA A 1892 -39.11 -22.41 28.76
C ALA A 1892 -38.43 -23.30 29.80
N GLN A 1893 -39.21 -23.81 30.76
CA GLN A 1893 -38.65 -24.72 31.76
C GLN A 1893 -38.21 -26.02 31.12
N GLU A 1894 -38.98 -26.52 30.15
CA GLU A 1894 -38.61 -27.72 29.44
C GLU A 1894 -37.39 -27.52 28.56
N ALA A 1895 -37.05 -26.27 28.26
CA ALA A 1895 -35.80 -25.96 27.57
C ALA A 1895 -34.65 -25.84 28.55
N CYS A 1896 -34.92 -25.25 29.71
CA CYS A 1896 -33.92 -25.23 30.78
C CYS A 1896 -33.52 -26.64 31.18
N ASP A 1897 -34.46 -27.58 31.10
CA ASP A 1897 -34.14 -28.98 31.36
C ASP A 1897 -33.05 -29.47 30.42
N HIS A 1898 -33.20 -29.18 29.12
CA HIS A 1898 -32.19 -29.59 28.16
C HIS A 1898 -30.91 -28.81 28.33
N ILE A 1899 -31.01 -27.56 28.78
CA ILE A 1899 -29.81 -26.80 29.09
C ILE A 1899 -29.00 -27.48 30.17
N THR A 1900 -29.66 -27.85 31.28
CA THR A 1900 -28.97 -28.53 32.37
C THR A 1900 -28.41 -29.87 31.92
N SER A 1901 -29.23 -30.66 31.20
CA SER A 1901 -28.80 -31.98 30.77
C SER A 1901 -27.60 -31.89 29.83
N ALA A 1902 -27.71 -31.06 28.80
CA ALA A 1902 -26.63 -30.97 27.84
C ALA A 1902 -25.39 -30.35 28.46
N ARG A 1903 -25.56 -29.43 29.41
CA ARG A 1903 -24.38 -28.80 30.00
C ARG A 1903 -23.66 -29.76 30.93
N ALA A 1904 -24.41 -30.62 31.61
CA ALA A 1904 -23.76 -31.75 32.29
C ALA A 1904 -23.08 -32.67 31.27
N ARG A 1905 -23.68 -32.80 30.08
CA ARG A 1905 -23.07 -33.60 29.03
C ARG A 1905 -21.71 -33.04 28.61
N GLN A 1906 -21.62 -31.71 28.38
CA GLN A 1906 -20.29 -31.18 28.09
C GLN A 1906 -19.36 -31.32 29.28
N LEU A 1907 -19.90 -31.25 30.51
CA LEU A 1907 -19.03 -31.43 31.66
C LEU A 1907 -18.41 -32.82 31.67
N LEU A 1908 -19.21 -33.84 31.35
CA LEU A 1908 -18.67 -35.20 31.29
C LEU A 1908 -17.72 -35.34 30.11
N ALA A 1909 -18.01 -34.67 28.99
CA ALA A 1909 -17.06 -34.65 27.88
C ALA A 1909 -15.73 -34.03 28.27
N CYS A 1910 -15.77 -32.98 29.08
CA CYS A 1910 -14.54 -32.35 29.56
C CYS A 1910 -13.77 -33.30 30.46
N GLN A 1911 -14.45 -33.94 31.41
CA GLN A 1911 -13.76 -34.90 32.25
C GLN A 1911 -13.21 -36.08 31.47
N GLU A 1912 -13.86 -36.48 30.38
CA GLU A 1912 -13.38 -37.67 29.68
C GLU A 1912 -12.32 -37.36 28.62
N ASP A 1913 -12.28 -36.15 28.08
CA ASP A 1913 -11.06 -35.74 27.39
C ASP A 1913 -9.91 -35.59 28.38
N LEU A 1914 -10.21 -35.02 29.55
CA LEU A 1914 -9.24 -34.96 30.62
C LEU A 1914 -8.83 -36.34 31.09
N SER A 1915 -9.64 -37.36 30.85
CA SER A 1915 -9.26 -38.72 31.15
C SER A 1915 -8.16 -39.19 30.22
N ARG A 1916 -8.43 -39.20 28.92
CA ARG A 1916 -7.45 -39.71 27.97
C ARG A 1916 -6.18 -38.86 27.99
N SER A 1917 -6.31 -37.57 28.30
CA SER A 1917 -5.11 -36.73 28.31
C SER A 1917 -4.20 -37.06 29.48
N VAL A 1918 -4.75 -37.33 30.66
CA VAL A 1918 -3.91 -37.73 31.78
C VAL A 1918 -3.22 -39.07 31.50
N ASN A 1919 -3.93 -40.00 30.87
CA ASN A 1919 -3.32 -41.28 30.52
C ASN A 1919 -2.16 -41.09 29.55
N GLN A 1920 -2.36 -40.26 28.52
CA GLN A 1920 -1.26 -40.01 27.60
C GLN A 1920 -0.10 -39.31 28.30
N ALA A 1921 -0.41 -38.40 29.22
CA ALA A 1921 0.65 -37.75 29.99
C ALA A 1921 1.41 -38.75 30.86
N ILE A 1922 0.71 -39.68 31.51
CA ILE A 1922 1.37 -40.68 32.35
C ILE A 1922 2.24 -41.58 31.50
N ALA A 1923 1.74 -41.97 30.32
CA ALA A 1923 2.50 -42.84 29.44
C ALA A 1923 3.76 -42.15 28.94
N LEU A 1924 3.64 -40.89 28.52
CA LEU A 1924 4.83 -40.17 28.09
C LEU A 1924 5.77 -39.90 29.25
N HIS A 1925 5.23 -39.79 30.47
CA HIS A 1925 6.08 -39.71 31.65
C HIS A 1925 6.86 -40.99 31.86
N GLY A 1926 6.21 -42.13 31.65
CA GLY A 1926 6.89 -43.41 31.74
C GLY A 1926 7.86 -43.65 30.61
N TRP A 1927 7.72 -42.91 29.50
CA TRP A 1927 8.70 -43.05 28.43
C TRP A 1927 10.07 -42.53 28.82
N ILE A 1928 10.13 -41.55 29.73
CA ILE A 1928 11.42 -41.24 30.34
C ILE A 1928 11.86 -42.38 31.25
N LYS A 1929 10.91 -42.99 31.97
CA LYS A 1929 11.27 -43.98 32.99
C LYS A 1929 11.81 -45.26 32.39
N LYS A 1930 11.33 -45.66 31.22
CA LYS A 1930 11.89 -46.85 30.57
C LYS A 1930 13.34 -46.62 30.18
N LYS A 1931 13.66 -45.43 29.67
CA LYS A 1931 15.06 -45.06 29.48
C LYS A 1931 15.80 -44.99 30.80
N GLY A 1932 15.09 -44.73 31.89
CA GLY A 1932 15.70 -44.84 33.20
C GLY A 1932 16.01 -43.51 33.83
N GLY A 1933 15.12 -43.04 34.69
CA GLY A 1933 15.31 -41.81 35.42
C GLY A 1933 15.48 -40.62 34.50
N PHE A 1934 16.10 -39.58 35.02
CA PHE A 1934 16.39 -38.38 34.26
C PHE A 1934 17.89 -38.17 34.18
N SER A 1935 18.63 -39.27 34.16
CA SER A 1935 20.09 -39.35 34.27
C SER A 1935 20.59 -38.94 35.65
N LYS A 1936 19.69 -38.61 36.57
CA LYS A 1936 20.00 -38.23 37.93
C LYS A 1936 18.71 -38.26 38.74
N ASN A 1937 18.84 -38.49 40.05
CA ASN A 1937 17.66 -38.48 40.92
C ASN A 1937 17.00 -37.10 40.93
N ASP A 1938 17.80 -36.04 40.85
CA ASP A 1938 17.31 -34.66 40.86
C ASP A 1938 17.97 -33.85 39.75
N ASP A 1939 17.96 -34.40 38.54
CA ASP A 1939 18.49 -33.68 37.38
C ASP A 1939 17.71 -32.39 37.13
N GLU A 1940 16.41 -32.41 37.39
CA GLU A 1940 15.55 -31.28 37.08
C GLU A 1940 14.18 -31.54 37.69
N ARG A 1941 13.48 -30.46 37.99
CA ARG A 1941 12.10 -30.58 38.42
C ARG A 1941 11.23 -30.94 37.23
N GLN A 1942 10.26 -31.80 37.43
CA GLN A 1942 9.43 -32.15 36.29
C GLN A 1942 8.11 -31.38 36.34
N PRO A 1943 7.70 -30.79 35.23
CA PRO A 1943 6.44 -30.04 35.21
C PRO A 1943 5.27 -30.90 35.60
N PHE A 1944 5.16 -32.08 34.97
CA PHE A 1944 4.07 -32.99 35.27
C PHE A 1944 4.12 -33.45 36.71
N ALA A 1945 5.32 -33.78 37.21
CA ALA A 1945 5.44 -34.25 38.58
C ALA A 1945 4.98 -33.21 39.57
N GLU A 1946 5.39 -31.95 39.37
CA GLU A 1946 4.98 -30.91 40.30
C GLU A 1946 3.52 -30.55 40.12
N TRP A 1947 2.97 -30.77 38.92
CA TRP A 1947 1.52 -30.63 38.75
C TRP A 1947 0.77 -31.66 39.58
N ILE A 1948 1.25 -32.91 39.57
CA ILE A 1948 0.75 -33.86 40.53
C ILE A 1948 1.22 -33.46 41.92
N ALA A 1949 0.51 -33.95 42.94
CA ALA A 1949 0.77 -33.67 44.35
C ALA A 1949 0.47 -32.22 44.72
N PHE A 1950 0.13 -31.40 43.72
CA PHE A 1950 -0.40 -30.08 43.93
C PHE A 1950 -1.82 -29.94 43.44
N SER A 1951 -2.11 -30.49 42.26
CA SER A 1951 -3.48 -30.71 41.83
C SER A 1951 -4.13 -31.88 42.54
N SER A 1952 -3.35 -32.62 43.33
CA SER A 1952 -3.84 -33.79 44.03
C SER A 1952 -4.17 -33.54 45.50
N ASN A 1953 -4.06 -32.30 45.98
CA ASN A 1953 -4.61 -31.94 47.28
C ASN A 1953 -5.63 -30.82 47.12
N ILE A 1954 -6.45 -30.65 48.14
CA ILE A 1954 -7.50 -29.64 48.13
C ILE A 1954 -7.04 -28.46 48.99
N SER A 1955 -5.72 -28.27 49.09
CA SER A 1955 -5.19 -27.30 50.03
C SER A 1955 -5.45 -25.87 49.58
N LYS A 1956 -4.83 -25.47 48.47
CA LYS A 1956 -4.77 -24.06 48.10
C LYS A 1956 -4.87 -23.89 46.59
N HIS A 1957 -5.20 -22.68 46.18
CA HIS A 1957 -5.26 -22.27 44.77
C HIS A 1957 -6.23 -23.15 43.99
N GLN A 1958 -7.36 -23.48 44.62
CA GLN A 1958 -8.33 -24.39 44.05
C GLN A 1958 -9.69 -24.06 44.63
N GLY A 1959 -10.74 -24.32 43.85
CA GLY A 1959 -12.07 -23.91 44.26
C GLY A 1959 -12.53 -24.60 45.53
N ASP A 1960 -13.50 -23.98 46.21
CA ASP A 1960 -14.04 -24.54 47.45
C ASP A 1960 -14.56 -25.96 47.21
N ILE A 1961 -15.26 -26.16 46.10
CA ILE A 1961 -15.78 -27.46 45.75
C ILE A 1961 -15.34 -27.89 44.36
N GLU A 1962 -14.72 -26.99 43.59
CA GLU A 1962 -14.34 -27.30 42.22
C GLU A 1962 -13.33 -28.45 42.16
N ALA A 1963 -12.33 -28.44 43.04
CA ALA A 1963 -11.21 -29.35 42.92
C ALA A 1963 -11.48 -30.72 43.53
N ALA A 1964 -12.56 -30.87 44.31
CA ALA A 1964 -12.88 -32.17 44.89
C ALA A 1964 -13.24 -33.19 43.83
N ARG A 1965 -13.59 -32.73 42.63
CA ARG A 1965 -13.95 -33.56 41.49
C ARG A 1965 -12.74 -33.88 40.63
N ILE A 1966 -11.59 -33.30 40.96
CA ILE A 1966 -10.33 -33.62 40.29
C ILE A 1966 -9.71 -34.87 40.89
N LEU A 1967 -9.79 -35.02 42.21
CA LEU A 1967 -9.29 -36.24 42.86
C LEU A 1967 -10.04 -37.47 42.38
N LEU A 1968 -11.36 -37.36 42.25
CA LEU A 1968 -12.20 -38.46 41.79
C LEU A 1968 -11.79 -38.92 40.39
N LYS A 1969 -11.11 -38.08 39.62
CA LYS A 1969 -10.73 -38.42 38.27
C LYS A 1969 -9.25 -38.75 38.12
N VAL A 1970 -8.39 -38.23 39.01
CA VAL A 1970 -6.97 -38.55 38.89
C VAL A 1970 -6.62 -39.81 39.69
N ILE A 1971 -7.19 -39.95 40.89
CA ILE A 1971 -6.85 -41.09 41.73
C ILE A 1971 -7.39 -42.38 41.12
N GLU A 1972 -8.55 -42.32 40.47
CA GLU A 1972 -9.14 -43.53 39.90
C GLU A 1972 -8.23 -44.13 38.85
N LYS A 1973 -7.53 -43.28 38.08
CA LYS A 1973 -6.48 -43.78 37.22
C LYS A 1973 -5.28 -44.23 38.04
N CYS A 1974 -4.68 -43.30 38.77
CA CYS A 1974 -3.47 -43.58 39.50
C CYS A 1974 -3.52 -42.83 40.82
N GLY A 1975 -3.12 -43.52 41.89
CA GLY A 1975 -3.36 -43.02 43.23
C GLY A 1975 -2.39 -41.94 43.65
N VAL A 1976 -1.78 -42.12 44.82
CA VAL A 1976 -0.86 -41.14 45.36
C VAL A 1976 0.29 -40.88 44.38
N LYS A 1977 0.83 -39.66 44.45
CA LYS A 1977 1.93 -39.18 43.60
C LYS A 1977 3.01 -40.21 43.33
N ASP A 1978 3.35 -40.99 44.34
CA ASP A 1978 4.48 -41.90 44.24
C ASP A 1978 4.18 -43.02 43.26
N GLY A 1979 5.15 -43.32 42.40
CA GLY A 1979 5.02 -44.47 41.52
C GLY A 1979 3.98 -44.24 40.45
N ASN A 1980 3.13 -45.26 40.28
CA ASN A 1980 2.10 -45.35 39.25
C ASN A 1980 2.60 -44.82 37.89
N ILE A 1981 3.80 -45.25 37.53
CA ILE A 1981 4.39 -44.94 36.23
C ILE A 1981 3.58 -45.53 35.09
N PRO A 1982 3.12 -46.78 35.12
CA PRO A 1982 2.26 -47.26 34.03
C PRO A 1982 0.81 -46.85 34.25
N PRO A 1983 0.11 -46.51 33.18
CA PRO A 1983 -1.33 -46.19 33.31
C PRO A 1983 -2.14 -47.46 33.47
N SER A 1984 -3.33 -47.31 34.08
CA SER A 1984 -4.17 -48.49 34.28
C SER A 1984 -4.89 -48.91 33.01
N PRO A 1985 -5.57 -48.02 32.24
CA PRO A 1985 -5.72 -48.29 30.81
C PRO A 1985 -4.70 -47.52 29.99
N SER A 1986 -4.15 -48.14 28.95
CA SER A 1986 -3.22 -47.44 28.07
C SER A 1986 -3.20 -48.14 26.72
N ASP A 1987 -3.58 -47.41 25.67
CA ASP A 1987 -3.56 -47.94 24.32
C ASP A 1987 -2.24 -47.71 23.61
N LYS A 1988 -1.69 -46.50 23.69
CA LYS A 1988 -0.41 -46.19 23.07
C LYS A 1988 0.42 -45.39 24.08
N GLN A 1989 1.58 -45.94 24.45
CA GLN A 1989 2.40 -45.31 25.48
C GLN A 1989 3.12 -44.08 24.96
N SER A 1990 3.34 -43.99 23.66
CA SER A 1990 4.04 -42.84 23.10
C SER A 1990 3.67 -42.68 21.64
N PRO A 1991 2.95 -41.61 21.28
CA PRO A 1991 2.80 -41.30 19.85
C PRO A 1991 4.14 -41.09 19.15
N SER A 1992 5.09 -40.45 19.82
CA SER A 1992 6.45 -40.24 19.32
C SER A 1992 6.48 -39.62 17.92
N GLY A 1996 11.63 -38.97 15.10
CA GLY A 1996 12.55 -39.85 15.79
C GLY A 1996 12.60 -39.63 17.29
N ALA A 1997 13.82 -39.67 17.84
CA ALA A 1997 14.03 -39.50 19.27
C ALA A 1997 15.08 -38.42 19.52
N LYS A 1998 14.89 -37.68 20.59
CA LYS A 1998 15.84 -36.66 21.00
C LYS A 1998 16.08 -36.76 22.50
N MET A 1999 15.10 -37.36 23.20
CA MET A 1999 15.03 -37.49 24.66
C MET A 1999 14.74 -36.12 25.29
N ASP A 2000 14.76 -35.09 24.44
CA ASP A 2000 14.35 -33.75 24.82
C ASP A 2000 13.07 -33.34 24.11
N ASP A 2001 12.84 -33.87 22.91
CA ASP A 2001 11.54 -33.78 22.27
C ASP A 2001 10.45 -34.28 23.21
N VAL A 2002 10.60 -35.50 23.73
CA VAL A 2002 9.59 -36.05 24.62
C VAL A 2002 9.60 -35.32 25.96
N LYS A 2003 10.76 -34.83 26.39
CA LYS A 2003 10.86 -34.10 27.64
C LYS A 2003 10.00 -32.84 27.61
N TRP A 2004 10.35 -31.92 26.71
CA TRP A 2004 9.56 -30.70 26.55
C TRP A 2004 8.14 -31.01 26.04
N GLN A 2005 7.93 -32.13 25.38
CA GLN A 2005 6.58 -32.53 24.99
C GLN A 2005 5.73 -32.89 26.20
N LEU A 2006 6.32 -33.55 27.18
CA LEU A 2006 5.66 -33.77 28.46
C LEU A 2006 5.37 -32.43 29.14
N ARG A 2007 6.29 -31.48 29.02
CA ARG A 2007 6.03 -30.15 29.58
C ARG A 2007 4.82 -29.50 28.91
N GLU A 2008 4.73 -29.60 27.59
CA GLU A 2008 3.57 -29.08 26.87
C GLU A 2008 2.30 -29.76 27.35
N GLN A 2009 2.37 -31.08 27.57
CA GLN A 2009 1.22 -31.80 28.09
C GLN A 2009 0.81 -31.27 29.45
N THR A 2010 1.78 -30.92 30.29
CA THR A 2010 1.45 -30.33 31.58
C THR A 2010 0.70 -29.02 31.41
N HIS A 2011 1.15 -28.20 30.46
CA HIS A 2011 0.46 -26.92 30.21
C HIS A 2011 -0.96 -27.14 29.73
N LEU A 2012 -1.14 -28.09 28.82
CA LEU A 2012 -2.48 -28.41 28.34
C LEU A 2012 -3.37 -28.91 29.47
N LEU A 2013 -2.83 -29.73 30.37
CA LEU A 2013 -3.62 -30.21 31.49
C LEU A 2013 -4.05 -29.08 32.42
N ARG A 2014 -3.15 -28.13 32.68
CA ARG A 2014 -3.53 -26.96 33.47
C ARG A 2014 -4.66 -26.20 32.80
N LYS A 2015 -4.55 -26.01 31.49
CA LYS A 2015 -5.66 -25.42 30.74
C LYS A 2015 -6.96 -26.16 31.00
N LEU A 2016 -6.99 -27.47 30.72
CA LEU A 2016 -8.22 -28.25 30.90
C LEU A 2016 -8.78 -28.14 32.31
N VAL A 2017 -7.92 -28.07 33.31
CA VAL A 2017 -8.37 -27.84 34.69
C VAL A 2017 -9.17 -26.55 34.76
N LYS A 2018 -8.68 -25.51 34.08
CA LYS A 2018 -9.39 -24.23 34.13
C LYS A 2018 -10.79 -24.32 33.52
N GLU A 2019 -10.94 -24.97 32.36
CA GLU A 2019 -12.29 -25.08 31.80
C GLU A 2019 -13.19 -25.94 32.68
N LEU A 2020 -12.62 -26.95 33.36
CA LEU A 2020 -13.46 -27.71 34.30
C LEU A 2020 -13.97 -26.81 35.42
N VAL A 2021 -13.10 -25.97 35.96
CA VAL A 2021 -13.49 -25.06 37.03
C VAL A 2021 -14.60 -24.12 36.56
N ALA A 2022 -14.44 -23.55 35.36
CA ALA A 2022 -15.47 -22.68 34.82
C ALA A 2022 -16.78 -23.43 34.61
N ARG A 2023 -16.70 -24.65 34.07
CA ARG A 2023 -17.89 -25.43 33.78
C ARG A 2023 -18.70 -25.70 35.03
N VAL A 2024 -18.04 -26.02 36.14
CA VAL A 2024 -18.76 -26.31 37.37
C VAL A 2024 -19.21 -25.05 38.09
N ARG A 2025 -18.42 -23.98 38.07
CA ARG A 2025 -18.82 -22.74 38.72
C ARG A 2025 -20.09 -22.17 38.08
N SER A 2026 -20.10 -22.10 36.75
CA SER A 2026 -21.30 -21.67 36.06
C SER A 2026 -22.47 -22.61 36.30
N LEU A 2027 -22.22 -23.91 36.42
CA LEU A 2027 -23.30 -24.84 36.72
C LEU A 2027 -23.94 -24.52 38.06
N ARG A 2028 -23.11 -24.26 39.08
CA ARG A 2028 -23.64 -23.90 40.39
C ARG A 2028 -24.44 -22.61 40.32
N PHE A 2029 -23.92 -21.61 39.62
CA PHE A 2029 -24.64 -20.34 39.50
C PHE A 2029 -26.03 -20.55 38.89
N PHE A 2030 -26.09 -21.28 37.78
CA PHE A 2030 -27.34 -21.41 37.06
C PHE A 2030 -28.34 -22.28 37.81
N GLU A 2031 -27.87 -23.35 38.45
CA GLU A 2031 -28.81 -24.12 39.25
C GLU A 2031 -29.34 -23.32 40.41
N VAL A 2032 -28.51 -22.46 41.01
CA VAL A 2032 -28.98 -21.58 42.08
C VAL A 2032 -30.09 -20.67 41.58
N VAL A 2033 -29.87 -19.98 40.45
CA VAL A 2033 -30.89 -19.03 40.01
C VAL A 2033 -32.16 -19.76 39.60
N ARG A 2034 -32.03 -20.94 39.00
CA ARG A 2034 -33.19 -21.76 38.71
C ARG A 2034 -33.94 -22.19 39.97
N LYS A 2035 -33.26 -22.26 41.12
CA LYS A 2035 -33.95 -22.53 42.38
C LYS A 2035 -34.98 -21.45 42.69
N ILE A 2036 -34.55 -20.18 42.69
CA ILE A 2036 -35.48 -19.08 42.92
C ILE A 2036 -36.56 -19.06 41.86
N GLN A 2037 -36.17 -19.29 40.60
CA GLN A 2037 -37.15 -19.33 39.52
C GLN A 2037 -38.16 -20.47 39.72
N LYS A 2038 -37.80 -21.52 40.45
CA LYS A 2038 -38.78 -22.55 40.77
C LYS A 2038 -39.62 -22.14 41.97
N GLY A 2039 -39.02 -21.46 42.94
CA GLY A 2039 -39.75 -20.92 44.08
C GLY A 2039 -40.36 -21.94 45.01
N LYS A 2040 -39.54 -22.81 45.61
CA LYS A 2040 -40.03 -23.84 46.51
C LYS A 2040 -39.26 -23.82 47.83
N SER A 2041 -39.47 -24.89 48.61
CA SER A 2041 -38.78 -25.03 49.88
C SER A 2041 -37.28 -25.06 49.70
N ASP A 2042 -36.79 -25.74 48.66
CA ASP A 2042 -35.37 -25.72 48.37
C ASP A 2042 -34.89 -24.30 48.09
N ALA A 2043 -35.72 -23.51 47.39
CA ALA A 2043 -35.37 -22.14 47.09
C ALA A 2043 -35.21 -21.33 48.37
N GLN A 2044 -36.16 -21.45 49.28
CA GLN A 2044 -36.04 -20.69 50.53
C GLN A 2044 -34.92 -21.22 51.43
N ILE A 2045 -34.67 -22.53 51.42
CA ILE A 2045 -33.61 -23.09 52.25
C ILE A 2045 -32.24 -22.60 51.78
N VAL A 2046 -31.95 -22.73 50.49
CA VAL A 2046 -30.67 -22.23 49.99
C VAL A 2046 -30.67 -20.72 49.93
N LEU A 2047 -31.84 -20.09 50.00
CA LEU A 2047 -31.91 -18.65 50.21
C LEU A 2047 -31.36 -18.28 51.58
N GLU A 2048 -31.71 -19.06 52.60
CA GLU A 2048 -31.21 -18.79 53.94
C GLU A 2048 -29.82 -19.36 54.16
N SER A 2049 -29.18 -19.90 53.13
CA SER A 2049 -27.78 -20.29 53.20
C SER A 2049 -26.90 -19.10 52.83
N SER A 2050 -27.13 -17.97 53.49
CA SER A 2050 -26.60 -16.70 53.01
C SER A 2050 -25.09 -16.60 53.18
N GLU A 2051 -24.55 -17.32 54.17
CA GLU A 2051 -23.14 -17.42 54.60
C GLU A 2051 -22.55 -16.08 55.02
N CYS A 2052 -23.31 -14.99 55.00
CA CYS A 2052 -22.82 -13.69 55.41
C CYS A 2052 -23.24 -13.31 56.82
N GLY A 2053 -23.84 -14.26 57.55
CA GLY A 2053 -24.30 -14.00 58.89
C GLY A 2053 -25.63 -13.27 58.98
N HIS A 2054 -26.25 -12.95 57.86
CA HIS A 2054 -27.53 -12.25 57.86
C HIS A 2054 -28.53 -13.16 57.15
N LYS A 2055 -29.81 -12.87 57.34
CA LYS A 2055 -30.86 -13.71 56.76
C LYS A 2055 -31.85 -12.88 55.97
N GLU A 2063 -34.01 -8.96 50.77
CA GLU A 2063 -33.13 -8.29 49.84
C GLU A 2063 -31.69 -8.79 49.97
N MET A 2064 -31.18 -9.38 48.89
CA MET A 2064 -29.84 -9.97 48.90
C MET A 2064 -29.42 -10.15 47.44
N ALA A 2065 -28.17 -9.81 47.16
CA ALA A 2065 -27.65 -9.93 45.80
C ALA A 2065 -26.90 -11.24 45.60
N ILE A 2066 -26.88 -11.73 44.36
CA ILE A 2066 -26.25 -12.98 43.99
C ILE A 2066 -25.04 -12.71 43.10
N LEU A 2067 -23.97 -13.48 43.31
CA LEU A 2067 -22.83 -13.45 42.41
C LEU A 2067 -23.20 -14.10 41.08
N SER A 2068 -22.75 -13.51 39.98
CA SER A 2068 -23.05 -14.07 38.67
C SER A 2068 -22.19 -15.26 38.32
N CYS A 2069 -21.13 -15.52 39.09
CA CYS A 2069 -20.22 -16.61 38.79
C CYS A 2069 -20.64 -17.93 39.41
N CYS A 2070 -21.12 -17.90 40.65
CA CYS A 2070 -21.57 -19.11 41.34
C CYS A 2070 -22.73 -18.74 42.25
N GLY A 2071 -23.21 -19.72 43.01
CA GLY A 2071 -24.25 -19.43 43.98
C GLY A 2071 -23.67 -19.02 45.31
N HIS A 2072 -23.55 -17.72 45.51
CA HIS A 2072 -22.87 -17.09 46.64
C HIS A 2072 -23.73 -15.99 47.23
N VAL A 2073 -24.95 -16.37 47.61
CA VAL A 2073 -26.11 -15.49 47.77
C VAL A 2073 -25.93 -14.41 48.84
N ALA A 2074 -24.75 -14.36 49.46
CA ALA A 2074 -24.44 -13.41 50.53
C ALA A 2074 -24.96 -12.01 50.21
N CYS A 2075 -25.48 -11.36 51.25
CA CYS A 2075 -26.31 -10.18 51.09
C CYS A 2075 -25.57 -9.05 50.38
N HIS A 2076 -26.35 -8.19 49.72
CA HIS A 2076 -25.79 -7.09 48.95
C HIS A 2076 -24.99 -6.15 49.83
N LYS A 2077 -25.38 -5.99 51.10
CA LYS A 2077 -24.79 -5.00 51.98
C LYS A 2077 -23.30 -5.23 52.18
N CYS A 2078 -22.90 -6.48 52.39
CA CYS A 2078 -21.49 -6.79 52.48
C CYS A 2078 -20.92 -7.21 51.12
N MET A 2079 -21.78 -7.69 50.23
CA MET A 2079 -21.24 -8.31 49.03
C MET A 2079 -20.87 -7.25 47.99
N ARG A 2080 -21.42 -6.03 48.10
CA ARG A 2080 -20.90 -4.96 47.25
C ARG A 2080 -19.44 -4.70 47.59
N LYS A 2081 -19.11 -4.73 48.88
CA LYS A 2081 -17.72 -4.54 49.28
C LYS A 2081 -16.89 -5.76 48.92
N ALA A 2082 -17.50 -6.94 48.96
CA ALA A 2082 -16.80 -8.14 48.50
C ALA A 2082 -16.42 -8.01 47.03
N ALA A 2083 -17.35 -7.55 46.20
CA ALA A 2083 -17.09 -7.43 44.77
C ALA A 2083 -16.14 -6.27 44.47
N ALA A 2084 -16.16 -5.22 45.30
CA ALA A 2084 -15.18 -4.14 45.15
C ALA A 2084 -13.79 -4.60 45.55
N SER A 2085 -13.68 -5.28 46.69
CA SER A 2085 -12.39 -5.77 47.18
C SER A 2085 -11.89 -6.96 46.37
N GLN A 2086 -12.73 -7.52 45.49
CA GLN A 2086 -12.39 -8.62 44.60
C GLN A 2086 -12.08 -9.90 45.36
N ARG A 2087 -12.76 -10.14 46.48
CA ARG A 2087 -12.59 -11.38 47.24
C ARG A 2087 -13.79 -11.59 48.15
N CYS A 2088 -14.56 -12.64 47.88
CA CYS A 2088 -15.74 -12.95 48.67
C CYS A 2088 -15.36 -13.73 49.93
N VAL A 2089 -16.38 -14.06 50.70
CA VAL A 2089 -16.18 -14.71 51.99
C VAL A 2089 -15.66 -16.14 51.85
N LYS A 2090 -15.81 -16.75 50.68
CA LYS A 2090 -15.48 -18.15 50.53
C LYS A 2090 -13.95 -18.34 50.49
N SER A 2091 -13.55 -19.60 50.58
CA SER A 2091 -12.13 -19.97 50.54
C SER A 2091 -11.59 -19.91 49.12
N CYS A 2094 -15.79 -15.38 45.21
CA CYS A 2094 -15.69 -16.83 45.07
C CYS A 2094 -14.24 -17.28 45.13
N GLN A 2095 -13.88 -18.18 44.23
CA GLN A 2095 -12.49 -18.53 44.02
C GLN A 2095 -11.77 -17.51 43.15
N ALA A 2096 -12.47 -16.97 42.15
CA ALA A 2096 -11.88 -16.07 41.18
C ALA A 2096 -12.45 -14.66 41.32
N ALA A 2097 -11.65 -13.67 40.91
CA ALA A 2097 -12.02 -12.27 41.09
C ALA A 2097 -13.34 -11.97 40.37
N VAL A 2098 -14.15 -11.11 40.98
CA VAL A 2098 -15.51 -10.87 40.55
C VAL A 2098 -15.71 -9.38 40.37
N ARG A 2099 -16.54 -9.02 39.39
CA ARG A 2099 -16.74 -7.61 39.06
C ARG A 2099 -18.05 -7.14 39.68
N PRO A 2100 -18.10 -5.90 40.19
CA PRO A 2100 -19.36 -5.42 40.80
C PRO A 2100 -20.51 -5.33 39.83
N THR A 2101 -20.25 -5.31 38.52
CA THR A 2101 -21.35 -5.27 37.55
C THR A 2101 -22.01 -6.63 37.41
N ASN A 2102 -21.42 -7.67 38.00
CA ASN A 2102 -21.94 -9.02 37.85
C ASN A 2102 -23.18 -9.25 38.71
N ILE A 2103 -23.34 -8.45 39.76
CA ILE A 2103 -24.34 -8.75 40.78
C ILE A 2103 -25.74 -8.58 40.23
N VAL A 2104 -26.67 -9.41 40.73
CA VAL A 2104 -28.08 -9.30 40.40
C VAL A 2104 -28.85 -9.51 41.71
N LYS A 2105 -30.02 -8.89 41.80
CA LYS A 2105 -30.89 -9.04 42.98
C LYS A 2105 -31.80 -10.25 42.79
N VAL A 2106 -31.90 -11.09 43.82
CA VAL A 2106 -32.64 -12.35 43.66
C VAL A 2106 -34.13 -12.08 43.47
N SER A 2107 -34.64 -11.03 44.12
CA SER A 2107 -36.04 -10.66 43.89
C SER A 2107 -36.23 -10.08 42.50
N SER A 2108 -35.16 -9.55 41.92
CA SER A 2108 -35.20 -8.92 40.61
C SER A 2108 -34.92 -9.87 39.45
N LEU A 2109 -34.67 -11.15 39.73
CA LEU A 2109 -34.51 -12.11 38.64
C LEU A 2109 -35.78 -12.21 37.81
N GLY A 2110 -36.90 -12.47 38.47
CA GLY A 2110 -38.17 -12.56 37.78
C GLY A 2110 -39.26 -13.04 38.71
N VAL A 2111 -40.50 -12.89 38.25
CA VAL A 2111 -41.67 -13.37 38.95
C VAL A 2111 -42.33 -14.42 38.06
N GLU A 2112 -42.75 -15.52 38.67
CA GLU A 2112 -43.12 -16.72 37.94
C GLU A 2112 -44.62 -16.94 37.99
N GLY A 2113 -45.17 -17.40 36.87
CA GLY A 2113 -46.60 -17.41 36.71
C GLY A 2113 -47.18 -16.05 36.37
N GLU A 2114 -46.33 -15.07 36.10
CA GLU A 2114 -46.84 -13.74 35.77
C GLU A 2114 -47.36 -13.69 34.35
N LEU A 2115 -46.56 -14.15 33.39
CA LEU A 2115 -46.98 -14.17 32.00
C LEU A 2115 -46.52 -15.47 31.34
N SER A 2116 -47.39 -16.04 30.51
CA SER A 2116 -47.10 -17.33 29.87
C SER A 2116 -46.20 -17.09 28.67
N SER A 2117 -44.90 -17.04 28.93
CA SER A 2117 -43.89 -16.85 27.90
C SER A 2117 -43.26 -18.16 27.46
N GLY A 2118 -44.02 -19.25 27.49
CA GLY A 2118 -43.47 -20.56 27.23
C GLY A 2118 -43.64 -21.09 25.82
N ARG A 2119 -44.70 -20.68 25.11
CA ARG A 2119 -44.96 -21.25 23.80
C ARG A 2119 -43.91 -20.81 22.79
N TYR A 2120 -43.55 -19.53 22.80
CA TYR A 2120 -42.54 -19.00 21.89
C TYR A 2120 -41.79 -17.88 22.60
N GLY A 2121 -40.92 -17.21 21.83
CA GLY A 2121 -40.21 -16.07 22.38
C GLY A 2121 -41.13 -14.91 22.68
N ALA A 2122 -40.75 -14.14 23.70
CA ALA A 2122 -41.51 -12.94 24.04
C ALA A 2122 -41.48 -11.93 22.90
N LYS A 2123 -40.37 -11.87 22.17
CA LYS A 2123 -40.32 -11.05 20.96
C LYS A 2123 -41.34 -11.50 19.93
N LEU A 2124 -41.51 -12.81 19.74
CA LEU A 2124 -42.52 -13.32 18.82
C LEU A 2124 -43.94 -13.01 19.28
N GLU A 2125 -44.23 -13.11 20.57
CA GLU A 2125 -45.58 -12.79 21.00
C GLU A 2125 -45.87 -11.29 20.94
N HIS A 2126 -44.89 -10.43 21.25
CA HIS A 2126 -45.09 -9.01 20.99
C HIS A 2126 -45.23 -8.72 19.50
N LEU A 2127 -44.53 -9.48 18.65
CA LEU A 2127 -44.71 -9.32 17.21
C LEU A 2127 -46.14 -9.64 16.82
N VAL A 2128 -46.69 -10.72 17.36
CA VAL A 2128 -48.08 -11.06 17.10
C VAL A 2128 -49.00 -9.97 17.60
N ASN A 2129 -48.74 -9.44 18.79
CA ASN A 2129 -49.56 -8.36 19.34
C ASN A 2129 -49.55 -7.13 18.44
N LEU A 2130 -48.35 -6.69 18.03
CA LEU A 2130 -48.23 -5.49 17.21
C LEU A 2130 -48.93 -5.66 15.87
N ILE A 2131 -48.66 -6.77 15.19
CA ILE A 2131 -49.21 -6.93 13.86
C ILE A 2131 -50.70 -7.20 13.93
N HIS A 2132 -51.20 -7.68 15.08
CA HIS A 2132 -52.63 -7.64 15.31
C HIS A 2132 -53.10 -6.20 15.46
N SER A 2133 -52.31 -5.37 16.14
CA SER A 2133 -52.72 -4.02 16.47
C SER A 2133 -52.78 -3.11 15.26
N ILE A 2134 -52.11 -3.46 14.16
CA ILE A 2134 -52.23 -2.61 12.97
C ILE A 2134 -53.65 -2.73 12.45
N PRO A 2135 -54.16 -1.74 11.70
CA PRO A 2135 -55.38 -1.97 10.93
C PRO A 2135 -55.12 -2.98 9.83
N LYS A 2136 -56.18 -3.68 9.44
CA LYS A 2136 -56.03 -4.77 8.48
C LYS A 2136 -55.61 -4.28 7.10
N ASN A 2137 -55.81 -2.99 6.80
CA ASN A 2137 -55.62 -2.51 5.43
C ASN A 2137 -54.21 -2.01 5.13
N GLU A 2138 -53.35 -1.91 6.13
CA GLU A 2138 -51.99 -1.43 5.86
C GLU A 2138 -51.13 -2.58 5.34
N ARG A 2139 -49.82 -2.36 5.34
CA ARG A 2139 -48.85 -3.39 4.98
C ARG A 2139 -47.68 -3.38 5.95
N VAL A 2140 -47.10 -4.56 6.15
CA VAL A 2140 -46.05 -4.77 7.13
C VAL A 2140 -44.91 -5.53 6.50
N LEU A 2141 -43.70 -5.08 6.77
CA LEU A 2141 -42.52 -5.87 6.45
C LEU A 2141 -41.64 -5.96 7.69
N VAL A 2142 -40.98 -7.09 7.86
CA VAL A 2142 -40.02 -7.28 8.92
C VAL A 2142 -38.69 -7.65 8.30
N PHE A 2143 -37.62 -7.55 9.09
CA PHE A 2143 -36.30 -7.69 8.52
C PHE A 2143 -35.60 -9.01 8.81
N LEU A 2144 -35.57 -9.46 10.07
CA LEU A 2144 -34.96 -10.74 10.42
C LEU A 2144 -33.48 -10.78 10.05
N GLN A 2145 -32.70 -10.00 10.80
CA GLN A 2145 -31.27 -9.88 10.51
C GLN A 2145 -30.52 -11.21 10.62
N TRP A 2146 -31.15 -12.22 11.23
CA TRP A 2146 -30.57 -13.56 11.35
C TRP A 2146 -31.45 -14.55 10.64
N GLU A 2147 -30.93 -15.13 9.55
CA GLU A 2147 -31.71 -16.08 8.76
C GLU A 2147 -31.97 -17.38 9.53
N ASP A 2148 -31.10 -17.74 10.47
CA ASP A 2148 -31.35 -18.90 11.31
C ASP A 2148 -32.56 -18.66 12.20
N LEU A 2149 -32.62 -17.47 12.80
CA LEU A 2149 -33.77 -17.10 13.61
C LEU A 2149 -35.02 -17.00 12.75
N ALA A 2150 -34.86 -16.62 11.49
CA ALA A 2150 -36.00 -16.46 10.59
C ALA A 2150 -36.78 -17.75 10.41
N GLY A 2151 -36.11 -18.90 10.45
CA GLY A 2151 -36.83 -20.15 10.35
C GLY A 2151 -37.84 -20.35 11.47
N LYS A 2152 -37.46 -19.98 12.69
CA LYS A 2152 -38.38 -20.07 13.82
C LYS A 2152 -39.41 -18.96 13.81
N VAL A 2153 -39.03 -17.76 13.38
CA VAL A 2153 -39.98 -16.65 13.33
C VAL A 2153 -41.10 -16.96 12.34
N SER A 2154 -40.75 -17.52 11.19
CA SER A 2154 -41.75 -17.86 10.19
C SER A 2154 -42.74 -18.89 10.72
N GLU A 2155 -42.25 -19.88 11.46
CA GLU A 2155 -43.13 -20.88 12.03
C GLU A 2155 -44.01 -20.28 13.12
N ALA A 2156 -43.42 -19.45 13.98
CA ALA A 2156 -44.16 -18.91 15.12
C ALA A 2156 -45.18 -17.87 14.67
N LEU A 2157 -44.96 -17.26 13.51
CA LEU A 2157 -45.93 -16.30 13.00
C LEU A 2157 -47.22 -16.98 12.61
N SER A 2158 -47.14 -18.23 12.14
CA SER A 2158 -48.35 -18.98 11.86
C SER A 2158 -49.20 -19.21 13.10
N ALA A 2159 -48.60 -19.16 14.29
CA ALA A 2159 -49.39 -19.22 15.52
C ALA A 2159 -50.31 -18.02 15.62
N GLY A 2160 -49.79 -16.84 15.30
CA GLY A 2160 -50.65 -15.67 15.17
C GLY A 2160 -51.47 -15.65 13.90
N ARG A 2161 -51.20 -16.58 12.99
CA ARG A 2161 -51.93 -16.77 11.74
C ARG A 2161 -51.87 -15.52 10.86
N ILE A 2162 -50.72 -14.88 10.79
CA ILE A 2162 -50.56 -13.70 9.95
C ILE A 2162 -49.91 -14.16 8.65
N PRO A 2163 -50.68 -14.32 7.57
CA PRO A 2163 -50.16 -14.99 6.37
C PRO A 2163 -49.03 -14.20 5.74
N HIS A 2164 -47.94 -14.90 5.46
CA HIS A 2164 -46.63 -14.33 5.20
C HIS A 2164 -45.92 -15.04 4.05
N VAL A 2165 -44.75 -14.53 3.69
CA VAL A 2165 -44.12 -14.88 2.43
C VAL A 2165 -42.69 -15.41 2.60
N THR A 2166 -41.97 -15.02 3.66
CA THR A 2166 -40.69 -15.59 4.08
C THR A 2166 -39.52 -15.29 3.15
N LEU A 2167 -39.80 -14.75 1.97
CA LEU A 2167 -38.82 -14.43 0.92
C LEU A 2167 -37.79 -15.55 0.77
N SER A 2168 -38.31 -16.76 0.52
CA SER A 2168 -37.49 -17.94 0.33
C SER A 2168 -38.38 -19.06 -0.19
N GLY A 2169 -37.82 -20.27 -0.25
CA GLY A 2169 -38.52 -21.42 -0.77
C GLY A 2169 -38.39 -21.62 -2.26
N SER A 2170 -37.74 -20.69 -2.97
CA SER A 2170 -37.61 -20.75 -4.41
C SER A 2170 -36.34 -20.04 -4.82
N ALA A 2171 -35.86 -20.35 -6.02
CA ALA A 2171 -34.71 -19.70 -6.61
C ALA A 2171 -35.17 -18.96 -7.87
N LYS A 2172 -34.83 -17.68 -7.94
CA LYS A 2172 -35.10 -16.81 -9.10
C LYS A 2172 -36.60 -16.53 -9.23
N SER A 2173 -37.43 -17.20 -8.41
CA SER A 2173 -38.86 -16.94 -8.40
C SER A 2173 -39.24 -15.88 -7.39
N ARG A 2174 -38.24 -15.18 -6.84
CA ARG A 2174 -38.49 -13.98 -6.07
C ARG A 2174 -39.19 -12.91 -6.89
N ALA A 2175 -39.10 -12.97 -8.22
CA ALA A 2175 -39.91 -12.10 -9.07
C ALA A 2175 -41.40 -12.36 -8.85
N ASN A 2176 -41.80 -13.62 -8.81
CA ASN A 2176 -43.20 -13.93 -8.49
C ASN A 2176 -43.50 -13.66 -7.03
N THR A 2177 -42.51 -13.84 -6.15
CA THR A 2177 -42.68 -13.48 -4.75
C THR A 2177 -43.12 -12.02 -4.61
N LEU A 2178 -42.43 -11.13 -5.30
CA LEU A 2178 -42.70 -9.71 -5.18
C LEU A 2178 -43.86 -9.24 -6.06
N ASP A 2179 -44.12 -9.90 -7.20
CA ASP A 2179 -45.32 -9.61 -7.96
C ASP A 2179 -46.57 -9.98 -7.17
N ARG A 2180 -46.49 -11.06 -6.41
CA ARG A 2180 -47.55 -11.38 -5.46
C ARG A 2180 -47.72 -10.23 -4.48
N PHE A 2181 -48.98 -10.00 -4.09
CA PHE A 2181 -49.44 -9.05 -3.08
C PHE A 2181 -49.03 -7.61 -3.38
N GLN A 2182 -48.33 -7.39 -4.49
CA GLN A 2182 -48.08 -6.05 -5.00
C GLN A 2182 -48.87 -5.77 -6.28
N SER A 2183 -49.31 -6.82 -6.97
CA SER A 2183 -50.32 -6.65 -8.01
C SER A 2183 -51.66 -6.27 -7.40
N THR A 2184 -51.90 -6.67 -6.16
CA THR A 2184 -53.11 -6.29 -5.45
C THR A 2184 -52.78 -5.79 -4.04
N SER A 2188 -55.25 -11.16 0.60
CA SER A 2188 -54.02 -11.81 0.20
C SER A 2188 -52.98 -11.74 1.31
N ALA A 2189 -51.72 -11.98 0.97
CA ALA A 2189 -50.64 -11.94 1.95
C ALA A 2189 -50.31 -10.50 2.28
N ARG A 2190 -50.45 -10.13 3.55
CA ARG A 2190 -50.09 -8.78 3.99
C ARG A 2190 -48.59 -8.67 4.32
N VAL A 2191 -48.13 -9.41 5.31
CA VAL A 2191 -46.83 -9.19 5.90
C VAL A 2191 -45.75 -9.87 5.07
N LEU A 2192 -44.58 -9.25 5.01
CA LEU A 2192 -43.42 -9.75 4.31
C LEU A 2192 -42.31 -10.02 5.32
N LEU A 2193 -41.56 -11.08 5.09
CA LEU A 2193 -40.39 -11.40 5.92
C LEU A 2193 -39.15 -11.20 5.05
N LEU A 2194 -38.53 -10.03 5.17
CA LEU A 2194 -37.37 -9.69 4.38
C LEU A 2194 -36.15 -10.37 4.98
N LYS A 2195 -34.96 -9.97 4.54
CA LYS A 2195 -33.72 -10.49 5.06
C LYS A 2195 -32.82 -9.38 5.59
N MET A 2196 -33.10 -8.12 5.25
CA MET A 2196 -32.35 -6.91 5.57
C MET A 2196 -31.10 -6.78 4.70
N ASN A 2197 -30.77 -7.77 3.87
CA ASN A 2197 -29.86 -7.58 2.75
C ASN A 2197 -30.28 -8.30 1.47
N ASP A 2198 -31.39 -9.04 1.47
CA ASP A 2198 -31.92 -9.64 0.26
C ASP A 2198 -33.11 -8.85 -0.27
N GLY A 2203 -33.41 -4.61 -7.19
CA GLY A 2203 -34.18 -3.38 -7.07
C GLY A 2203 -35.66 -3.63 -7.27
N SER A 2204 -36.45 -3.41 -6.21
CA SER A 2204 -37.88 -3.61 -6.25
C SER A 2204 -38.56 -2.48 -5.50
N ASN A 2205 -39.80 -2.20 -5.88
CA ASN A 2205 -40.58 -1.14 -5.26
C ASN A 2205 -41.39 -1.65 -4.08
N LEU A 2206 -41.10 -1.11 -2.91
CA LEU A 2206 -41.93 -1.34 -1.73
C LEU A 2206 -42.68 -0.05 -1.47
N THR A 2207 -43.78 0.13 -2.21
CA THR A 2207 -44.67 1.26 -2.04
C THR A 2207 -45.97 0.84 -1.37
N THR A 2208 -46.39 -0.41 -1.57
CA THR A 2208 -47.52 -0.93 -0.81
C THR A 2208 -47.19 -0.99 0.66
N ALA A 2209 -45.95 -1.36 0.98
CA ALA A 2209 -45.52 -1.44 2.37
C ALA A 2209 -45.61 -0.07 3.02
N ASN A 2210 -46.11 -0.05 4.26
CA ASN A 2210 -46.18 1.18 5.04
C ASN A 2210 -45.37 1.11 6.31
N HIS A 2211 -45.54 0.07 7.12
CA HIS A 2211 -44.87 -0.05 8.40
C HIS A 2211 -43.64 -0.93 8.28
N ALA A 2212 -42.49 -0.39 8.67
CA ALA A 2212 -41.33 -1.23 8.88
C ALA A 2212 -41.31 -1.70 10.32
N VAL A 2213 -40.89 -2.94 10.52
CA VAL A 2213 -40.84 -3.56 11.85
C VAL A 2213 -39.51 -4.30 11.92
N PHE A 2214 -38.52 -3.71 12.63
CA PHE A 2214 -37.17 -4.22 12.47
C PHE A 2214 -36.96 -5.56 13.17
N LEU A 2215 -37.64 -5.77 14.30
CA LEU A 2215 -37.49 -7.00 15.09
C LEU A 2215 -36.04 -7.18 15.56
N GLY A 2216 -35.61 -6.26 16.41
CA GLY A 2216 -34.30 -6.33 16.99
C GLY A 2216 -33.29 -5.54 16.18
N PRO A 2217 -32.31 -4.95 16.86
CA PRO A 2217 -31.30 -4.19 16.14
C PRO A 2217 -30.45 -5.10 15.28
N LEU A 2218 -29.99 -4.56 14.16
CA LEU A 2218 -29.06 -5.31 13.31
C LEU A 2218 -27.69 -5.33 13.96
N PHE A 2219 -27.01 -6.45 13.82
CA PHE A 2219 -25.63 -6.57 14.26
C PHE A 2219 -24.74 -6.39 13.04
N THR A 2220 -23.89 -5.38 13.07
CA THR A 2220 -22.94 -5.16 12.01
C THR A 2220 -21.68 -4.53 12.57
N ASN A 2221 -20.64 -4.54 11.74
CA ASN A 2221 -19.30 -4.20 12.20
C ASN A 2221 -19.12 -2.68 12.30
N SER A 2222 -19.32 -1.97 11.20
CA SER A 2222 -18.92 -0.57 11.07
C SER A 2222 -20.14 0.35 11.12
N LEU A 2223 -19.94 1.55 11.67
CA LEU A 2223 -21.02 2.53 11.71
C LEU A 2223 -21.42 2.95 10.30
N PHE A 2224 -20.45 3.04 9.40
CA PHE A 2224 -20.74 3.36 8.01
C PHE A 2224 -21.71 2.35 7.40
N ASN A 2225 -21.40 1.07 7.51
CA ASN A 2225 -22.28 0.05 6.94
C ASN A 2225 -23.59 -0.05 7.70
N TYR A 2226 -23.56 0.20 9.00
CA TYR A 2226 -24.79 0.26 9.79
C TYR A 2226 -25.72 1.31 9.21
N ARG A 2227 -25.23 2.53 9.03
CA ARG A 2227 -26.07 3.60 8.52
C ARG A 2227 -26.43 3.36 7.06
N ALA A 2228 -25.56 2.71 6.30
CA ALA A 2228 -25.90 2.40 4.92
C ALA A 2228 -27.09 1.46 4.85
N VAL A 2229 -27.06 0.37 5.61
CA VAL A 2229 -28.17 -0.58 5.60
C VAL A 2229 -29.34 -0.07 6.45
N GLU A 2230 -29.14 1.00 7.21
CA GLU A 2230 -30.20 1.53 8.06
C GLU A 2230 -31.01 2.58 7.33
N THR A 2231 -30.34 3.55 6.69
CA THR A 2231 -31.03 4.46 5.79
C THR A 2231 -31.55 3.70 4.58
N GLN A 2232 -30.82 2.71 4.12
CA GLN A 2232 -31.42 1.71 3.26
C GLN A 2232 -32.42 0.89 4.06
N ALA A 2233 -33.58 0.52 3.48
CA ALA A 2233 -34.76 -0.21 3.99
C ALA A 2233 -35.66 0.83 4.68
N ILE A 2234 -35.04 1.87 5.22
CA ILE A 2234 -35.80 3.05 5.73
C ILE A 2234 -36.17 3.77 4.43
N GLY A 2235 -35.36 3.51 3.39
CA GLY A 2235 -35.59 4.01 2.05
C GLY A 2235 -36.44 3.08 1.22
N ARG A 2236 -36.40 1.78 1.50
CA ARG A 2236 -37.16 0.84 0.69
C ARG A 2236 -38.65 1.04 0.80
N VAL A 2237 -39.15 1.51 1.94
CA VAL A 2237 -40.59 1.63 2.14
C VAL A 2237 -41.09 3.00 1.72
N ARG A 2238 -40.36 4.08 1.99
CA ARG A 2238 -40.92 5.40 1.72
C ARG A 2238 -40.05 6.20 0.76
N ARG A 2239 -39.31 5.51 -0.10
CA ARG A 2239 -38.45 6.17 -1.09
C ARG A 2239 -39.13 7.32 -1.83
N TYR A 2240 -40.16 7.05 -2.64
CA TYR A 2240 -40.96 8.02 -3.37
C TYR A 2240 -42.16 7.26 -3.90
N GLY A 2241 -43.02 7.97 -4.61
CA GLY A 2241 -44.20 7.34 -5.19
C GLY A 2241 -45.14 6.73 -4.17
N GLN A 2242 -45.10 7.19 -2.93
CA GLN A 2242 -45.93 6.65 -1.86
C GLN A 2242 -46.92 7.70 -1.39
N GLN A 2243 -48.16 7.29 -1.17
CA GLN A 2243 -49.21 8.16 -0.64
C GLN A 2243 -49.65 7.72 0.75
N LYS A 2244 -48.70 7.36 1.61
CA LYS A 2244 -48.99 6.80 2.92
C LYS A 2244 -48.27 7.59 4.00
N LYS A 2245 -48.27 7.05 5.21
CA LYS A 2245 -47.60 7.64 6.37
C LYS A 2245 -46.72 6.56 6.99
N VAL A 2246 -45.42 6.61 6.70
CA VAL A 2246 -44.55 5.50 7.07
C VAL A 2246 -44.28 5.49 8.57
N HIS A 2247 -44.38 4.30 9.17
CA HIS A 2247 -44.16 4.09 10.60
C HIS A 2247 -43.03 3.09 10.78
N ILE A 2248 -42.11 3.40 11.67
CA ILE A 2248 -40.96 2.55 11.94
C ILE A 2248 -41.08 2.00 13.36
N HIS A 2249 -41.03 0.68 13.49
CA HIS A 2249 -41.23 0.00 14.76
C HIS A 2249 -39.98 -0.77 15.16
N ARG A 2250 -39.67 -0.76 16.45
CA ARG A 2250 -38.55 -1.50 16.99
C ARG A 2250 -39.05 -2.35 18.16
N LEU A 2251 -38.71 -3.62 18.18
CA LEU A 2251 -39.00 -4.51 19.29
C LEU A 2251 -37.70 -4.85 19.99
N LEU A 2252 -37.43 -4.18 21.09
CA LEU A 2252 -36.18 -4.33 21.81
C LEU A 2252 -36.46 -4.78 23.25
N ALA A 2253 -35.46 -5.36 23.89
CA ALA A 2253 -35.61 -5.93 25.23
C ALA A 2253 -34.85 -5.09 26.25
N LEU A 2254 -35.53 -4.75 27.35
CA LEU A 2254 -35.05 -3.71 28.24
C LEU A 2254 -33.67 -4.02 28.80
N ASP A 2255 -33.50 -5.21 29.39
CA ASP A 2255 -32.24 -5.62 30.00
C ASP A 2255 -31.62 -6.68 29.10
N THR A 2256 -30.89 -6.24 28.07
CA THR A 2256 -30.43 -7.14 27.03
C THR A 2256 -29.38 -6.41 26.18
N ILE A 2257 -28.49 -7.22 25.58
CA ILE A 2257 -27.49 -6.71 24.66
C ILE A 2257 -28.12 -5.93 23.51
N ASP A 2258 -29.41 -6.17 23.22
CA ASP A 2258 -30.04 -5.42 22.13
C ASP A 2258 -30.16 -3.94 22.47
N MET A 2259 -30.59 -3.59 23.69
CA MET A 2259 -30.48 -2.19 24.12
C MET A 2259 -29.03 -1.77 24.28
N THR A 2260 -28.17 -2.68 24.76
CA THR A 2260 -26.76 -2.32 24.90
C THR A 2260 -26.16 -1.89 23.56
N ILE A 2261 -26.70 -2.40 22.46
CA ILE A 2261 -26.25 -2.00 21.13
C ILE A 2261 -27.05 -0.81 20.62
N PHE A 2262 -28.33 -0.72 20.97
CA PHE A 2262 -29.15 0.40 20.52
C PHE A 2262 -28.61 1.72 21.04
N ASN A 2263 -28.22 1.76 22.31
CA ASN A 2263 -27.61 2.97 22.86
C ASN A 2263 -26.31 3.31 22.15
N ALA A 2264 -25.50 2.30 21.84
CA ALA A 2264 -24.27 2.56 21.11
C ALA A 2264 -24.54 3.13 19.73
N ARG A 2265 -25.61 2.69 19.07
CA ARG A 2265 -25.97 3.27 17.78
C ARG A 2265 -26.42 4.71 17.92
N ARG A 2266 -27.33 4.97 18.86
CA ARG A 2266 -27.91 6.30 18.98
C ARG A 2266 -26.87 7.32 19.42
N THR A 2267 -26.12 7.00 20.48
CA THR A 2267 -25.20 7.96 21.08
C THR A 2267 -24.00 8.25 20.19
N GLU A 2268 -23.81 7.54 19.10
CA GLU A 2268 -22.72 7.81 18.19
C GLU A 2268 -23.15 8.22 16.80
N LEU A 2269 -24.37 7.89 16.37
CA LEU A 2269 -24.78 8.22 15.01
C LEU A 2269 -25.07 9.71 14.87
N LYS A 2270 -25.55 10.37 15.92
CA LYS A 2270 -25.87 11.79 15.80
C LYS A 2270 -24.62 12.65 15.68
N GLU A 2271 -23.49 12.18 16.21
CA GLU A 2271 -22.26 12.95 16.11
C GLU A 2271 -21.66 12.88 14.71
N LYS A 2272 -21.65 11.70 14.10
CA LYS A 2272 -21.01 11.50 12.81
C LYS A 2272 -22.04 11.65 11.69
N THR A 2273 -21.71 12.45 10.69
CA THR A 2273 -22.55 12.89 9.57
C THR A 2273 -23.67 13.81 10.02
N ASP A 2274 -23.82 14.04 11.33
CA ASP A 2274 -24.99 14.69 11.91
C ASP A 2274 -26.26 14.13 11.28
N TRP A 2275 -26.40 12.81 11.41
CA TRP A 2275 -27.55 12.10 10.87
C TRP A 2275 -28.84 12.67 11.43
N GLU A 2276 -29.82 12.86 10.55
CA GLU A 2276 -31.09 13.42 10.96
C GLU A 2276 -31.92 12.34 11.64
N GLU A 2277 -32.29 12.59 12.88
CA GLU A 2277 -33.16 11.66 13.58
C GLU A 2277 -34.60 11.91 13.16
N ILE A 2278 -35.45 10.94 13.46
CA ILE A 2278 -36.85 11.05 13.07
C ILE A 2278 -37.66 11.33 14.34
N PRO A 2279 -38.82 12.00 14.23
CA PRO A 2279 -39.63 12.23 15.42
C PRO A 2279 -40.08 10.93 16.06
N GLN A 2280 -40.11 10.92 17.39
CA GLN A 2280 -40.44 9.74 18.18
C GLN A 2280 -41.79 9.96 18.82
N GLU A 2281 -42.76 9.11 18.49
CA GLU A 2281 -44.09 9.20 19.07
C GLU A 2281 -44.63 7.79 19.33
N GLU A 2282 -45.39 7.66 20.41
CA GLU A 2282 -45.89 6.34 20.79
C GLU A 2282 -46.98 5.87 19.83
N TYR A 2283 -46.77 4.70 19.26
CA TYR A 2283 -47.75 4.13 18.34
C TYR A 2283 -48.98 3.75 19.13
N LYS A 2284 -50.09 4.43 18.85
CA LYS A 2284 -51.37 4.09 19.44
C LYS A 2284 -52.27 3.33 18.49
N GLY A 2285 -52.05 3.47 17.18
CA GLY A 2285 -52.99 3.11 16.14
C GLY A 2285 -53.77 1.82 16.33
N ARG A 2286 -55.10 1.96 16.33
CA ARG A 2286 -56.02 0.85 16.56
C ARG A 2286 -55.69 0.16 17.88
ZN ZN B . 1.99 8.67 12.98
ZN ZN C . 3.96 17.00 -35.15
ZN ZN D . 8.70 11.68 27.29
ZN ZN E . -25.20 -9.05 57.03
ZN ZN F . -20.77 -17.23 44.48
#